data_1CEB
# 
_entry.id   1CEB 
# 
_audit_conform.dict_name       mmcif_pdbx.dic 
_audit_conform.dict_version    5.398 
_audit_conform.dict_location   http://mmcif.pdb.org/dictionaries/ascii/mmcif_pdbx.dic 
# 
loop_
_database_2.database_id 
_database_2.database_code 
_database_2.pdbx_database_accession 
_database_2.pdbx_DOI 
PDB   1CEB         pdb_00001ceb 10.2210/pdb1ceb/pdb 
WWPDB D_1000172271 ?            ?                   
# 
loop_
_pdbx_audit_revision_history.ordinal 
_pdbx_audit_revision_history.data_content_type 
_pdbx_audit_revision_history.major_revision 
_pdbx_audit_revision_history.minor_revision 
_pdbx_audit_revision_history.revision_date 
1 'Structure model' 1 0 1996-04-03 
2 'Structure model' 1 1 2008-03-24 
3 'Structure model' 1 2 2011-07-13 
4 'Structure model' 1 3 2017-11-29 
5 'Structure model' 1 4 2024-10-30 
# 
_pdbx_audit_revision_details.ordinal             1 
_pdbx_audit_revision_details.revision_ordinal    1 
_pdbx_audit_revision_details.data_content_type   'Structure model' 
_pdbx_audit_revision_details.provider            repository 
_pdbx_audit_revision_details.type                'Initial release' 
_pdbx_audit_revision_details.description         ? 
_pdbx_audit_revision_details.details             ? 
# 
loop_
_pdbx_audit_revision_group.ordinal 
_pdbx_audit_revision_group.revision_ordinal 
_pdbx_audit_revision_group.data_content_type 
_pdbx_audit_revision_group.group 
1 2 'Structure model' 'Version format compliance' 
2 3 'Structure model' 'Version format compliance' 
3 4 'Structure model' 'Derived calculations'      
4 4 'Structure model' Other                       
5 5 'Structure model' 'Data collection'           
6 5 'Structure model' 'Database references'       
7 5 'Structure model' 'Derived calculations'      
8 5 'Structure model' 'Structure summary'         
# 
loop_
_pdbx_audit_revision_category.ordinal 
_pdbx_audit_revision_category.revision_ordinal 
_pdbx_audit_revision_category.data_content_type 
_pdbx_audit_revision_category.category 
1 4 'Structure model' pdbx_database_status      
2 4 'Structure model' struct_conf               
3 4 'Structure model' struct_conf_type          
4 5 'Structure model' chem_comp_atom            
5 5 'Structure model' chem_comp_bond            
6 5 'Structure model' database_2                
7 5 'Structure model' pdbx_entry_details        
8 5 'Structure model' pdbx_modification_feature 
9 5 'Structure model' struct_site               
# 
loop_
_pdbx_audit_revision_item.ordinal 
_pdbx_audit_revision_item.revision_ordinal 
_pdbx_audit_revision_item.data_content_type 
_pdbx_audit_revision_item.item 
1 4 'Structure model' '_pdbx_database_status.process_site'  
2 5 'Structure model' '_database_2.pdbx_DOI'                
3 5 'Structure model' '_database_2.pdbx_database_accession' 
4 5 'Structure model' '_struct_site.pdbx_auth_asym_id'      
5 5 'Structure model' '_struct_site.pdbx_auth_comp_id'      
6 5 'Structure model' '_struct_site.pdbx_auth_seq_id'       
# 
_pdbx_database_status.status_code                     REL 
_pdbx_database_status.entry_id                        1CEB 
_pdbx_database_status.recvd_initial_deposition_date   1995-12-03 
_pdbx_database_status.deposit_site                    ? 
_pdbx_database_status.process_site                    BNL 
_pdbx_database_status.SG_entry                        . 
_pdbx_database_status.pdb_format_compatible           Y 
_pdbx_database_status.status_code_mr                  ? 
_pdbx_database_status.status_code_sf                  ? 
_pdbx_database_status.status_code_cs                  ? 
_pdbx_database_status.methods_development_category    ? 
_pdbx_database_status.status_code_nmr_data            ? 
# 
loop_
_audit_author.name 
_audit_author.pdbx_ordinal 
'Tulinsky, A.'  1 
'Mathews, I.I.' 2 
# 
loop_
_citation.id 
_citation.title 
_citation.journal_abbrev 
_citation.journal_volume 
_citation.page_first 
_citation.page_last 
_citation.year 
_citation.journal_id_ASTM 
_citation.country 
_citation.journal_id_ISSN 
_citation.journal_id_CSD 
_citation.book_publisher 
_citation.pdbx_database_id_PubMed 
_citation.pdbx_database_id_DOI 
primary 
;Crystal structures of the recombinant kringle 1 domain of human plasminogen in complexes with the ligands epsilon-aminocaproic acid and trans-4-(aminomethyl)cyclohexane-1-carboxylic Acid.
;
Biochemistry                     35  2567 2576 1996 BICHAW US 0006-2960 0033 ? 8611560 10.1021/bi9521351 
1       '1H-NMR Assignments and Secondary Structure of Human Plasminogen Kringle 1' Eur.J.Biochem.                   221 939  ?    
1994 EJBCAI IX 0014-2956 0262 ? ?       ?                 
2       'The Structure of Recombinant Plasminogen Kringle 1 and the Fibrin Binding Site' 'Blood Coagulation Fibrinolysis' 5   157  
?    1994 BLFIE7 UK 0957-5235 0796 ? ?       ?                 
3       'Lysine(Slash)Fibrin Binding Sites of Kringles Modeled After the Structure of Kringle 1 of Prothrombin' Proteins 3   85   
?    1988 PSFGEY US 0887-3585 0867 ? ?       ?                 
# 
loop_
_citation_author.citation_id 
_citation_author.name 
_citation_author.ordinal 
_citation_author.identifier_ORCID 
primary 'Mathews, I.I.'          1  ? 
primary 'Vanderhoff-Hanaver, P.' 2  ? 
primary 'Castellino, F.J.'       3  ? 
primary 'Tulinsky, A.'           4  ? 
1       'Rejante, M.R.'          5  ? 
1       'Llinas, M.'             6  ? 
2       'Wu, T.-P.'              7  ? 
2       'Padmanabhan, K.P.'      8  ? 
2       'Tulinsky, A.'           9  ? 
3       'Tulinsky, A.'           10 ? 
3       'Park, C.H.'             11 ? 
3       'Mao, B.'                12 ? 
3       'Llinas, M.'             13 ? 
# 
loop_
_entity.id 
_entity.type 
_entity.src_method 
_entity.pdbx_description 
_entity.formula_weight 
_entity.pdbx_number_of_molecules 
_entity.pdbx_ec 
_entity.pdbx_mutation 
_entity.pdbx_fragment 
_entity.details 
1 polymer     man PLASMINOGEN                                        10166.165 2   3.4.21.7 ? 'KRINGLE 1' ? 
2 non-polymer syn 'TRANS-4-AMINOMETHYLCYCLOHEXANE-1-CARBOXYLIC ACID' 157.210   2   ?        ? ?           ? 
3 water       nat water                                              18.015    150 ?        ? ?           ? 
# 
_entity_name_com.entity_id   1 
_entity_name_com.name        K1PG 
# 
_entity_poly.entity_id                      1 
_entity_poly.type                           'polypeptide(L)' 
_entity_poly.nstd_linkage                   no 
_entity_poly.nstd_monomer                   no 
_entity_poly.pdbx_seq_one_letter_code       
;LSECKTGNGKNYRGTMSKTKNGITCQKWSSTSPHRPRFSPATHPSEGLEENYCRNPDNDPQGPWCYTTDPEKRYDYCDIL
ECEEECMH
;
_entity_poly.pdbx_seq_one_letter_code_can   
;LSECKTGNGKNYRGTMSKTKNGITCQKWSSTSPHRPRFSPATHPSEGLEENYCRNPDNDPQGPWCYTTDPEKRYDYCDIL
ECEEECMH
;
_entity_poly.pdbx_strand_id                 A,B 
_entity_poly.pdbx_target_identifier         ? 
# 
loop_
_pdbx_entity_nonpoly.entity_id 
_pdbx_entity_nonpoly.name 
_pdbx_entity_nonpoly.comp_id 
2 'TRANS-4-AMINOMETHYLCYCLOHEXANE-1-CARBOXYLIC ACID' AMH 
3 water                                              HOH 
# 
loop_
_entity_poly_seq.entity_id 
_entity_poly_seq.num 
_entity_poly_seq.mon_id 
_entity_poly_seq.hetero 
1 1  LEU n 
1 2  SER n 
1 3  GLU n 
1 4  CYS n 
1 5  LYS n 
1 6  THR n 
1 7  GLY n 
1 8  ASN n 
1 9  GLY n 
1 10 LYS n 
1 11 ASN n 
1 12 TYR n 
1 13 ARG n 
1 14 GLY n 
1 15 THR n 
1 16 MET n 
1 17 SER n 
1 18 LYS n 
1 19 THR n 
1 20 LYS n 
1 21 ASN n 
1 22 GLY n 
1 23 ILE n 
1 24 THR n 
1 25 CYS n 
1 26 GLN n 
1 27 LYS n 
1 28 TRP n 
1 29 SER n 
1 30 SER n 
1 31 THR n 
1 32 SER n 
1 33 PRO n 
1 34 HIS n 
1 35 ARG n 
1 36 PRO n 
1 37 ARG n 
1 38 PHE n 
1 39 SER n 
1 40 PRO n 
1 41 ALA n 
1 42 THR n 
1 43 HIS n 
1 44 PRO n 
1 45 SER n 
1 46 GLU n 
1 47 GLY n 
1 48 LEU n 
1 49 GLU n 
1 50 GLU n 
1 51 ASN n 
1 52 TYR n 
1 53 CYS n 
1 54 ARG n 
1 55 ASN n 
1 56 PRO n 
1 57 ASP n 
1 58 ASN n 
1 59 ASP n 
1 60 PRO n 
1 61 GLN n 
1 62 GLY n 
1 63 PRO n 
1 64 TRP n 
1 65 CYS n 
1 66 TYR n 
1 67 THR n 
1 68 THR n 
1 69 ASP n 
1 70 PRO n 
1 71 GLU n 
1 72 LYS n 
1 73 ARG n 
1 74 TYR n 
1 75 ASP n 
1 76 TYR n 
1 77 CYS n 
1 78 ASP n 
1 79 ILE n 
1 80 LEU n 
1 81 GLU n 
1 82 CYS n 
1 83 GLU n 
1 84 GLU n 
1 85 GLU n 
1 86 CYS n 
1 87 MET n 
1 88 HIS n 
# 
_entity_src_gen.entity_id                          1 
_entity_src_gen.pdbx_src_id                        1 
_entity_src_gen.pdbx_alt_source_flag               sample 
_entity_src_gen.pdbx_seq_type                      ? 
_entity_src_gen.pdbx_beg_seq_num                   ? 
_entity_src_gen.pdbx_end_seq_num                   ? 
_entity_src_gen.gene_src_common_name               human 
_entity_src_gen.gene_src_genus                     Homo 
_entity_src_gen.pdbx_gene_src_gene                 ? 
_entity_src_gen.gene_src_species                   ? 
_entity_src_gen.gene_src_strain                    ? 
_entity_src_gen.gene_src_tissue                    ? 
_entity_src_gen.gene_src_tissue_fraction           ? 
_entity_src_gen.gene_src_details                   ? 
_entity_src_gen.pdbx_gene_src_fragment             ? 
_entity_src_gen.pdbx_gene_src_scientific_name      'Homo sapiens' 
_entity_src_gen.pdbx_gene_src_ncbi_taxonomy_id     9606 
_entity_src_gen.pdbx_gene_src_variant              ? 
_entity_src_gen.pdbx_gene_src_cell_line            ? 
_entity_src_gen.pdbx_gene_src_atcc                 ? 
_entity_src_gen.pdbx_gene_src_organ                BLOOD 
_entity_src_gen.pdbx_gene_src_organelle            ? 
_entity_src_gen.pdbx_gene_src_cell                 ? 
_entity_src_gen.pdbx_gene_src_cellular_location    ? 
_entity_src_gen.host_org_common_name               ? 
_entity_src_gen.pdbx_host_org_scientific_name      'Escherichia coli' 
_entity_src_gen.pdbx_host_org_ncbi_taxonomy_id     562 
_entity_src_gen.host_org_genus                     Escherichia 
_entity_src_gen.pdbx_host_org_gene                 ? 
_entity_src_gen.pdbx_host_org_organ                ? 
_entity_src_gen.host_org_species                   ? 
_entity_src_gen.pdbx_host_org_tissue               ? 
_entity_src_gen.pdbx_host_org_tissue_fraction      ? 
_entity_src_gen.pdbx_host_org_strain               ? 
_entity_src_gen.pdbx_host_org_variant              ? 
_entity_src_gen.pdbx_host_org_cell_line            ? 
_entity_src_gen.pdbx_host_org_atcc                 ? 
_entity_src_gen.pdbx_host_org_culture_collection   ? 
_entity_src_gen.pdbx_host_org_cell                 ? 
_entity_src_gen.pdbx_host_org_organelle            ? 
_entity_src_gen.pdbx_host_org_cellular_location    ? 
_entity_src_gen.pdbx_host_org_vector_type          ? 
_entity_src_gen.pdbx_host_org_vector               ? 
_entity_src_gen.host_org_details                   ? 
_entity_src_gen.expression_system_id               ? 
_entity_src_gen.plasmid_name                       ? 
_entity_src_gen.plasmid_details                    ? 
_entity_src_gen.pdbx_description                   ? 
# 
loop_
_chem_comp.id 
_chem_comp.type 
_chem_comp.mon_nstd_flag 
_chem_comp.name 
_chem_comp.pdbx_synonyms 
_chem_comp.formula 
_chem_comp.formula_weight 
ALA 'L-peptide linking' y ALANINE                                            ? 'C3 H7 N O2'     89.093  
AMH non-polymer         . 'TRANS-4-AMINOMETHYLCYCLOHEXANE-1-CARBOXYLIC ACID' ? 'C8 H15 N O2'    157.210 
ARG 'L-peptide linking' y ARGININE                                           ? 'C6 H15 N4 O2 1' 175.209 
ASN 'L-peptide linking' y ASPARAGINE                                         ? 'C4 H8 N2 O3'    132.118 
ASP 'L-peptide linking' y 'ASPARTIC ACID'                                    ? 'C4 H7 N O4'     133.103 
CYS 'L-peptide linking' y CYSTEINE                                           ? 'C3 H7 N O2 S'   121.158 
GLN 'L-peptide linking' y GLUTAMINE                                          ? 'C5 H10 N2 O3'   146.144 
GLU 'L-peptide linking' y 'GLUTAMIC ACID'                                    ? 'C5 H9 N O4'     147.129 
GLY 'peptide linking'   y GLYCINE                                            ? 'C2 H5 N O2'     75.067  
HIS 'L-peptide linking' y HISTIDINE                                          ? 'C6 H10 N3 O2 1' 156.162 
HOH non-polymer         . WATER                                              ? 'H2 O'           18.015  
ILE 'L-peptide linking' y ISOLEUCINE                                         ? 'C6 H13 N O2'    131.173 
LEU 'L-peptide linking' y LEUCINE                                            ? 'C6 H13 N O2'    131.173 
LYS 'L-peptide linking' y LYSINE                                             ? 'C6 H15 N2 O2 1' 147.195 
MET 'L-peptide linking' y METHIONINE                                         ? 'C5 H11 N O2 S'  149.211 
PHE 'L-peptide linking' y PHENYLALANINE                                      ? 'C9 H11 N O2'    165.189 
PRO 'L-peptide linking' y PROLINE                                            ? 'C5 H9 N O2'     115.130 
SER 'L-peptide linking' y SERINE                                             ? 'C3 H7 N O3'     105.093 
THR 'L-peptide linking' y THREONINE                                          ? 'C4 H9 N O3'     119.119 
TRP 'L-peptide linking' y TRYPTOPHAN                                         ? 'C11 H12 N2 O2'  204.225 
TYR 'L-peptide linking' y TYROSINE                                           ? 'C9 H11 N O3'    181.189 
# 
loop_
_pdbx_poly_seq_scheme.asym_id 
_pdbx_poly_seq_scheme.entity_id 
_pdbx_poly_seq_scheme.seq_id 
_pdbx_poly_seq_scheme.mon_id 
_pdbx_poly_seq_scheme.ndb_seq_num 
_pdbx_poly_seq_scheme.pdb_seq_num 
_pdbx_poly_seq_scheme.auth_seq_num 
_pdbx_poly_seq_scheme.pdb_mon_id 
_pdbx_poly_seq_scheme.auth_mon_id 
_pdbx_poly_seq_scheme.pdb_strand_id 
_pdbx_poly_seq_scheme.pdb_ins_code 
_pdbx_poly_seq_scheme.hetero 
A 1 1  LEU 1  -1 ?  ?   ?   A . n 
A 1 2  SER 2  0  ?  ?   ?   A . n 
A 1 3  GLU 3  1  1  GLU GLU A A n 
A 1 4  CYS 4  1  1  CYS CYS A . n 
A 1 5  LYS 5  2  2  LYS LYS A . n 
A 1 6  THR 6  3  3  THR THR A . n 
A 1 7  GLY 7  4  4  GLY GLY A . n 
A 1 8  ASN 8  5  5  ASN ASN A . n 
A 1 9  GLY 9  6  6  GLY GLY A . n 
A 1 10 LYS 10 7  7  LYS LYS A . n 
A 1 11 ASN 11 8  8  ASN ASN A . n 
A 1 12 TYR 12 9  9  TYR TYR A . n 
A 1 13 ARG 13 10 10 ARG ARG A . n 
A 1 14 GLY 14 11 11 GLY GLY A . n 
A 1 15 THR 15 12 12 THR THR A . n 
A 1 16 MET 16 13 13 MET MET A . n 
A 1 17 SER 17 14 14 SER SER A . n 
A 1 18 LYS 18 15 15 LYS LYS A . n 
A 1 19 THR 19 16 16 THR THR A . n 
A 1 20 LYS 20 17 17 LYS LYS A . n 
A 1 21 ASN 21 18 18 ASN ASN A . n 
A 1 22 GLY 22 19 19 GLY GLY A . n 
A 1 23 ILE 23 20 20 ILE ILE A . n 
A 1 24 THR 24 21 21 THR THR A . n 
A 1 25 CYS 25 22 22 CYS CYS A . n 
A 1 26 GLN 26 23 23 GLN GLN A . n 
A 1 27 LYS 27 24 24 LYS LYS A . n 
A 1 28 TRP 28 25 25 TRP TRP A . n 
A 1 29 SER 29 26 26 SER SER A . n 
A 1 30 SER 30 27 27 SER SER A . n 
A 1 31 THR 31 28 28 THR THR A . n 
A 1 32 SER 32 29 29 SER SER A . n 
A 1 33 PRO 33 30 30 PRO PRO A . n 
A 1 34 HIS 34 31 31 HIS HIS A . n 
A 1 35 ARG 35 32 32 ARG ARG A . n 
A 1 36 PRO 36 33 33 PRO PRO A . n 
A 1 37 ARG 37 34 34 ARG ARG A . n 
A 1 38 PHE 38 35 35 PHE PHE A . n 
A 1 39 SER 39 36 36 SER SER A . n 
A 1 40 PRO 40 37 37 PRO PRO A . n 
A 1 41 ALA 41 38 38 ALA ALA A . n 
A 1 42 THR 42 39 39 THR THR A . n 
A 1 43 HIS 43 40 40 HIS HIS A . n 
A 1 44 PRO 44 41 41 PRO PRO A . n 
A 1 45 SER 45 42 42 SER SER A . n 
A 1 46 GLU 46 43 43 GLU GLU A . n 
A 1 47 GLY 47 44 44 GLY GLY A . n 
A 1 48 LEU 48 45 45 LEU LEU A . n 
A 1 49 GLU 49 46 46 GLU GLU A . n 
A 1 50 GLU 50 47 47 GLU GLU A . n 
A 1 51 ASN 51 48 48 ASN ASN A . n 
A 1 52 TYR 52 49 49 TYR TYR A . n 
A 1 53 CYS 53 50 50 CYS CYS A . n 
A 1 54 ARG 54 51 51 ARG ARG A . n 
A 1 55 ASN 55 52 52 ASN ASN A . n 
A 1 56 PRO 56 53 53 PRO PRO A . n 
A 1 57 ASP 57 54 54 ASP ASP A . n 
A 1 58 ASN 58 55 55 ASN ASN A . n 
A 1 59 ASP 59 56 56 ASP ASP A . n 
A 1 60 PRO 60 57 57 PRO PRO A . n 
A 1 61 GLN 61 58 58 GLN GLN A . n 
A 1 62 GLY 62 59 59 GLY GLY A . n 
A 1 63 PRO 63 60 60 PRO PRO A . n 
A 1 64 TRP 64 61 61 TRP TRP A . n 
A 1 65 CYS 65 62 62 CYS CYS A . n 
A 1 66 TYR 66 63 63 TYR TYR A . n 
A 1 67 THR 67 64 64 THR THR A . n 
A 1 68 THR 68 65 65 THR THR A . n 
A 1 69 ASP 69 66 66 ASP ASP A . n 
A 1 70 PRO 70 67 67 PRO PRO A . n 
A 1 71 GLU 71 68 68 GLU GLU A . n 
A 1 72 LYS 72 69 69 LYS LYS A . n 
A 1 73 ARG 73 70 70 ARG ARG A . n 
A 1 74 TYR 74 71 71 TYR TYR A . n 
A 1 75 ASP 75 72 72 ASP ASP A . n 
A 1 76 TYR 76 73 73 TYR TYR A . n 
A 1 77 CYS 77 74 74 CYS CYS A . n 
A 1 78 ASP 78 75 75 ASP ASP A . n 
A 1 79 ILE 79 76 76 ILE ILE A . n 
A 1 80 LEU 80 77 77 LEU LEU A . n 
A 1 81 GLU 81 78 78 GLU GLU A . n 
A 1 82 CYS 82 79 79 CYS CYS A . n 
A 1 83 GLU 83 80 ?  ?   ?   A . n 
A 1 84 GLU 84 81 ?  ?   ?   A . n 
A 1 85 GLU 85 82 ?  ?   ?   A . n 
A 1 86 CYS 86 83 ?  ?   ?   A . n 
A 1 87 MET 87 84 ?  ?   ?   A . n 
A 1 88 HIS 88 85 ?  ?   ?   A . n 
B 1 1  LEU 1  -1 ?  ?   ?   B . n 
B 1 2  SER 2  0  ?  ?   ?   B . n 
B 1 3  GLU 3  1  1  GLU GLU B A n 
B 1 4  CYS 4  1  1  CYS CYS B . n 
B 1 5  LYS 5  2  2  LYS LYS B . n 
B 1 6  THR 6  3  3  THR THR B . n 
B 1 7  GLY 7  4  4  GLY GLY B . n 
B 1 8  ASN 8  5  5  ASN ASN B . n 
B 1 9  GLY 9  6  6  GLY GLY B . n 
B 1 10 LYS 10 7  7  LYS LYS B . n 
B 1 11 ASN 11 8  8  ASN ASN B . n 
B 1 12 TYR 12 9  9  TYR TYR B . n 
B 1 13 ARG 13 10 10 ARG ARG B . n 
B 1 14 GLY 14 11 11 GLY GLY B . n 
B 1 15 THR 15 12 12 THR THR B . n 
B 1 16 MET 16 13 13 MET MET B . n 
B 1 17 SER 17 14 14 SER SER B . n 
B 1 18 LYS 18 15 15 LYS LYS B . n 
B 1 19 THR 19 16 16 THR THR B . n 
B 1 20 LYS 20 17 17 LYS LYS B . n 
B 1 21 ASN 21 18 18 ASN ASN B . n 
B 1 22 GLY 22 19 19 GLY GLY B . n 
B 1 23 ILE 23 20 20 ILE ILE B . n 
B 1 24 THR 24 21 21 THR THR B . n 
B 1 25 CYS 25 22 22 CYS CYS B . n 
B 1 26 GLN 26 23 23 GLN GLN B . n 
B 1 27 LYS 27 24 24 LYS LYS B . n 
B 1 28 TRP 28 25 25 TRP TRP B . n 
B 1 29 SER 29 26 26 SER SER B . n 
B 1 30 SER 30 27 27 SER SER B . n 
B 1 31 THR 31 28 28 THR THR B . n 
B 1 32 SER 32 29 29 SER SER B . n 
B 1 33 PRO 33 30 30 PRO PRO B . n 
B 1 34 HIS 34 31 31 HIS HIS B . n 
B 1 35 ARG 35 32 32 ARG ARG B . n 
B 1 36 PRO 36 33 33 PRO PRO B . n 
B 1 37 ARG 37 34 34 ARG ARG B . n 
B 1 38 PHE 38 35 35 PHE PHE B . n 
B 1 39 SER 39 36 36 SER SER B . n 
B 1 40 PRO 40 37 37 PRO PRO B . n 
B 1 41 ALA 41 38 38 ALA ALA B . n 
B 1 42 THR 42 39 39 THR THR B . n 
B 1 43 HIS 43 40 40 HIS HIS B . n 
B 1 44 PRO 44 41 41 PRO PRO B . n 
B 1 45 SER 45 42 42 SER SER B . n 
B 1 46 GLU 46 43 43 GLU GLU B . n 
B 1 47 GLY 47 44 44 GLY GLY B . n 
B 1 48 LEU 48 45 45 LEU LEU B . n 
B 1 49 GLU 49 46 46 GLU GLU B . n 
B 1 50 GLU 50 47 47 GLU GLU B . n 
B 1 51 ASN 51 48 48 ASN ASN B . n 
B 1 52 TYR 52 49 49 TYR TYR B . n 
B 1 53 CYS 53 50 50 CYS CYS B . n 
B 1 54 ARG 54 51 51 ARG ARG B . n 
B 1 55 ASN 55 52 52 ASN ASN B . n 
B 1 56 PRO 56 53 53 PRO PRO B . n 
B 1 57 ASP 57 54 54 ASP ASP B . n 
B 1 58 ASN 58 55 55 ASN ASN B . n 
B 1 59 ASP 59 56 56 ASP ASP B . n 
B 1 60 PRO 60 57 57 PRO PRO B . n 
B 1 61 GLN 61 58 58 GLN GLN B . n 
B 1 62 GLY 62 59 59 GLY GLY B . n 
B 1 63 PRO 63 60 60 PRO PRO B . n 
B 1 64 TRP 64 61 61 TRP TRP B . n 
B 1 65 CYS 65 62 62 CYS CYS B . n 
B 1 66 TYR 66 63 63 TYR TYR B . n 
B 1 67 THR 67 64 64 THR THR B . n 
B 1 68 THR 68 65 65 THR THR B . n 
B 1 69 ASP 69 66 66 ASP ASP B . n 
B 1 70 PRO 70 67 67 PRO PRO B . n 
B 1 71 GLU 71 68 68 GLU GLU B . n 
B 1 72 LYS 72 69 69 LYS LYS B . n 
B 1 73 ARG 73 70 70 ARG ARG B . n 
B 1 74 TYR 74 71 71 TYR TYR B . n 
B 1 75 ASP 75 72 72 ASP ASP B . n 
B 1 76 TYR 76 73 73 TYR TYR B . n 
B 1 77 CYS 77 74 74 CYS CYS B . n 
B 1 78 ASP 78 75 75 ASP ASP B . n 
B 1 79 ILE 79 76 76 ILE ILE B . n 
B 1 80 LEU 80 77 77 LEU LEU B . n 
B 1 81 GLU 81 78 78 GLU GLU B . n 
B 1 82 CYS 82 79 79 CYS CYS B . n 
B 1 83 GLU 83 80 ?  ?   ?   B . n 
B 1 84 GLU 84 81 ?  ?   ?   B . n 
B 1 85 GLU 85 82 ?  ?   ?   B . n 
B 1 86 CYS 86 83 ?  ?   ?   B . n 
B 1 87 MET 87 84 ?  ?   ?   B . n 
B 1 88 HIS 88 85 ?  ?   ?   B . n 
# 
loop_
_pdbx_nonpoly_scheme.asym_id 
_pdbx_nonpoly_scheme.entity_id 
_pdbx_nonpoly_scheme.mon_id 
_pdbx_nonpoly_scheme.ndb_seq_num 
_pdbx_nonpoly_scheme.pdb_seq_num 
_pdbx_nonpoly_scheme.auth_seq_num 
_pdbx_nonpoly_scheme.pdb_mon_id 
_pdbx_nonpoly_scheme.auth_mon_id 
_pdbx_nonpoly_scheme.pdb_strand_id 
_pdbx_nonpoly_scheme.pdb_ins_code 
C 2 AMH 1  90  90  AMH AMH A . 
D 2 AMH 1  90  90  AMH AMH B . 
E 3 HOH 1  201 201 HOH HOH A . 
E 3 HOH 2  202 202 HOH HOH A . 
E 3 HOH 3  203 203 HOH HOH A . 
E 3 HOH 4  204 204 HOH HOH A . 
E 3 HOH 5  206 206 HOH HOH A . 
E 3 HOH 6  207 207 HOH HOH A . 
E 3 HOH 7  208 208 HOH HOH A . 
E 3 HOH 8  212 212 HOH HOH A . 
E 3 HOH 9  213 213 HOH HOH A . 
E 3 HOH 10 214 214 HOH HOH A . 
E 3 HOH 11 215 215 HOH HOH A . 
E 3 HOH 12 216 216 HOH HOH A . 
E 3 HOH 13 217 217 HOH HOH A . 
E 3 HOH 14 218 218 HOH HOH A . 
E 3 HOH 15 219 219 HOH HOH A . 
E 3 HOH 16 232 232 HOH HOH A . 
E 3 HOH 17 234 234 HOH HOH A . 
E 3 HOH 18 237 237 HOH HOH A . 
E 3 HOH 19 241 241 HOH HOH A . 
E 3 HOH 20 242 242 HOH HOH A . 
E 3 HOH 21 243 243 HOH HOH A . 
E 3 HOH 22 245 245 HOH HOH A . 
E 3 HOH 23 246 246 HOH HOH A . 
E 3 HOH 24 249 249 HOH HOH A . 
E 3 HOH 25 252 252 HOH HOH A . 
E 3 HOH 26 254 254 HOH HOH A . 
E 3 HOH 27 257 257 HOH HOH A . 
E 3 HOH 28 258 258 HOH HOH A . 
E 3 HOH 29 259 259 HOH HOH A . 
E 3 HOH 30 260 260 HOH HOH A . 
E 3 HOH 31 263 263 HOH HOH A . 
E 3 HOH 32 264 264 HOH HOH A . 
E 3 HOH 33 265 265 HOH HOH A . 
E 3 HOH 34 266 266 HOH HOH A . 
E 3 HOH 35 271 271 HOH HOH A . 
E 3 HOH 36 273 273 HOH HOH A . 
E 3 HOH 37 277 277 HOH HOH A . 
E 3 HOH 38 280 280 HOH HOH A . 
E 3 HOH 39 301 301 HOH HOH A . 
E 3 HOH 40 309 309 HOH HOH A . 
E 3 HOH 41 317 317 HOH HOH A . 
E 3 HOH 42 318 318 HOH HOH A . 
E 3 HOH 43 326 326 HOH HOH A . 
E 3 HOH 44 329 329 HOH HOH A . 
E 3 HOH 45 331 331 HOH HOH A . 
E 3 HOH 46 334 334 HOH HOH A . 
E 3 HOH 47 335 335 HOH HOH A . 
E 3 HOH 48 341 341 HOH HOH A . 
E 3 HOH 49 347 347 HOH HOH A . 
E 3 HOH 50 349 349 HOH HOH A . 
E 3 HOH 51 351 351 HOH HOH A . 
E 3 HOH 52 357 357 HOH HOH A . 
E 3 HOH 53 366 366 HOH HOH A . 
E 3 HOH 54 367 367 HOH HOH A . 
E 3 HOH 55 368 368 HOH HOH A . 
E 3 HOH 56 369 369 HOH HOH A . 
E 3 HOH 57 372 372 HOH HOH A . 
E 3 HOH 58 376 376 HOH HOH A . 
E 3 HOH 59 386 386 HOH HOH A . 
E 3 HOH 60 388 388 HOH HOH A . 
E 3 HOH 61 389 389 HOH HOH A . 
E 3 HOH 62 393 393 HOH HOH A . 
E 3 HOH 63 396 396 HOH HOH A . 
E 3 HOH 64 397 397 HOH HOH A . 
E 3 HOH 65 402 402 HOH HOH A . 
E 3 HOH 66 403 403 HOH HOH A . 
E 3 HOH 67 405 405 HOH HOH A . 
E 3 HOH 68 406 406 HOH HOH A . 
E 3 HOH 69 408 408 HOH HOH A . 
E 3 HOH 70 413 413 HOH HOH A . 
E 3 HOH 71 417 417 HOH HOH A . 
E 3 HOH 72 428 428 HOH HOH A . 
E 3 HOH 73 430 430 HOH HOH A . 
E 3 HOH 74 431 431 HOH HOH A . 
E 3 HOH 75 432 432 HOH HOH A . 
E 3 HOH 76 433 433 HOH HOH A . 
E 3 HOH 77 435 435 HOH HOH A . 
E 3 HOH 78 436 436 HOH HOH A . 
E 3 HOH 79 437 437 HOH HOH A . 
E 3 HOH 80 438 438 HOH HOH A . 
E 3 HOH 81 440 440 HOH HOH A . 
F 3 HOH 1  209 209 HOH HOH B . 
F 3 HOH 2  221 221 HOH HOH B . 
F 3 HOH 3  223 223 HOH HOH B . 
F 3 HOH 4  224 224 HOH HOH B . 
F 3 HOH 5  225 225 HOH HOH B . 
F 3 HOH 6  230 230 HOH HOH B . 
F 3 HOH 7  231 231 HOH HOH B . 
F 3 HOH 8  233 233 HOH HOH B . 
F 3 HOH 9  235 235 HOH HOH B . 
F 3 HOH 10 236 236 HOH HOH B . 
F 3 HOH 11 238 238 HOH HOH B . 
F 3 HOH 12 239 239 HOH HOH B . 
F 3 HOH 13 247 247 HOH HOH B . 
F 3 HOH 14 248 248 HOH HOH B . 
F 3 HOH 15 250 250 HOH HOH B . 
F 3 HOH 16 251 251 HOH HOH B . 
F 3 HOH 17 253 253 HOH HOH B . 
F 3 HOH 18 267 267 HOH HOH B . 
F 3 HOH 19 268 268 HOH HOH B . 
F 3 HOH 20 269 269 HOH HOH B . 
F 3 HOH 21 270 270 HOH HOH B . 
F 3 HOH 22 272 272 HOH HOH B . 
F 3 HOH 23 278 278 HOH HOH B . 
F 3 HOH 24 304 304 HOH HOH B . 
F 3 HOH 25 305 305 HOH HOH B . 
F 3 HOH 26 306 306 HOH HOH B . 
F 3 HOH 27 307 307 HOH HOH B . 
F 3 HOH 28 310 310 HOH HOH B . 
F 3 HOH 29 311 311 HOH HOH B . 
F 3 HOH 30 313 313 HOH HOH B . 
F 3 HOH 31 315 315 HOH HOH B . 
F 3 HOH 32 319 319 HOH HOH B . 
F 3 HOH 33 320 320 HOH HOH B . 
F 3 HOH 34 322 322 HOH HOH B . 
F 3 HOH 35 324 324 HOH HOH B . 
F 3 HOH 36 328 328 HOH HOH B . 
F 3 HOH 37 333 333 HOH HOH B . 
F 3 HOH 38 336 336 HOH HOH B . 
F 3 HOH 39 338 338 HOH HOH B . 
F 3 HOH 40 340 340 HOH HOH B . 
F 3 HOH 41 343 343 HOH HOH B . 
F 3 HOH 42 345 345 HOH HOH B . 
F 3 HOH 43 346 346 HOH HOH B . 
F 3 HOH 44 353 353 HOH HOH B . 
F 3 HOH 45 355 355 HOH HOH B . 
F 3 HOH 46 360 360 HOH HOH B . 
F 3 HOH 47 362 362 HOH HOH B . 
F 3 HOH 48 363 363 HOH HOH B . 
F 3 HOH 49 364 364 HOH HOH B . 
F 3 HOH 50 365 365 HOH HOH B . 
F 3 HOH 51 374 374 HOH HOH B . 
F 3 HOH 52 375 375 HOH HOH B . 
F 3 HOH 53 377 377 HOH HOH B . 
F 3 HOH 54 379 379 HOH HOH B . 
F 3 HOH 55 380 380 HOH HOH B . 
F 3 HOH 56 381 381 HOH HOH B . 
F 3 HOH 57 384 384 HOH HOH B . 
F 3 HOH 58 387 387 HOH HOH B . 
F 3 HOH 59 390 390 HOH HOH B . 
F 3 HOH 60 392 392 HOH HOH B . 
F 3 HOH 61 410 410 HOH HOH B . 
F 3 HOH 62 412 412 HOH HOH B . 
F 3 HOH 63 415 415 HOH HOH B . 
F 3 HOH 64 416 416 HOH HOH B . 
F 3 HOH 65 418 418 HOH HOH B . 
F 3 HOH 66 421 421 HOH HOH B . 
F 3 HOH 67 423 423 HOH HOH B . 
F 3 HOH 68 439 439 HOH HOH B . 
F 3 HOH 69 441 441 HOH HOH B . 
# 
loop_
_pdbx_unobs_or_zero_occ_atoms.id 
_pdbx_unobs_or_zero_occ_atoms.PDB_model_num 
_pdbx_unobs_or_zero_occ_atoms.polymer_flag 
_pdbx_unobs_or_zero_occ_atoms.occupancy_flag 
_pdbx_unobs_or_zero_occ_atoms.auth_asym_id 
_pdbx_unobs_or_zero_occ_atoms.auth_comp_id 
_pdbx_unobs_or_zero_occ_atoms.auth_seq_id 
_pdbx_unobs_or_zero_occ_atoms.PDB_ins_code 
_pdbx_unobs_or_zero_occ_atoms.auth_atom_id 
_pdbx_unobs_or_zero_occ_atoms.label_alt_id 
_pdbx_unobs_or_zero_occ_atoms.label_asym_id 
_pdbx_unobs_or_zero_occ_atoms.label_comp_id 
_pdbx_unobs_or_zero_occ_atoms.label_seq_id 
_pdbx_unobs_or_zero_occ_atoms.label_atom_id 
1 1 Y 1 B ARG 34 ? CG  ? B ARG 37 CG  
2 1 Y 1 B ARG 34 ? CD  ? B ARG 37 CD  
3 1 Y 1 B ARG 34 ? NE  ? B ARG 37 NE  
4 1 Y 1 B ARG 34 ? CZ  ? B ARG 37 CZ  
5 1 Y 1 B ARG 34 ? NH1 ? B ARG 37 NH1 
6 1 Y 1 B ARG 34 ? NH2 ? B ARG 37 NH2 
# 
loop_
_software.name 
_software.classification 
_software.version 
_software.citation_id 
_software.pdbx_ordinal 
RAXIS  'data collection' . ? 1 
PROLSQ refinement        . ? 2 
R-AXIS 'data reduction'  . ? 3 
# 
_cell.entry_id           1CEB 
_cell.length_a           64.300 
_cell.length_b           51.700 
_cell.length_c           46.800 
_cell.angle_alpha        90.00 
_cell.angle_beta         90.00 
_cell.angle_gamma        90.00 
_cell.Z_PDB              8 
_cell.pdbx_unique_axis   ? 
# 
_symmetry.entry_id                         1CEB 
_symmetry.space_group_name_H-M             'P 21 21 21' 
_symmetry.pdbx_full_space_group_name_H-M   ? 
_symmetry.cell_setting                     ? 
_symmetry.Int_Tables_number                19 
# 
_exptl.entry_id          1CEB 
_exptl.method            'X-RAY DIFFRACTION' 
_exptl.crystals_number   ? 
# 
_exptl_crystal.id                    1 
_exptl_crystal.density_meas          ? 
_exptl_crystal.density_Matthews      1.91 
_exptl_crystal.density_percent_sol   35.65 
_exptl_crystal.description           ? 
# 
_diffrn.id                     1 
_diffrn.ambient_temp           295 
_diffrn.ambient_temp_details   ? 
_diffrn.crystal_id             1 
# 
_diffrn_detector.diffrn_id              1 
_diffrn_detector.detector               'IMAGE PLATE' 
_diffrn_detector.type                   'RIGAKU RAXIS IIC' 
_diffrn_detector.pdbx_collection_date   ? 
_diffrn_detector.details                ? 
# 
_diffrn_radiation.diffrn_id                        1 
_diffrn_radiation.wavelength_id                    1 
_diffrn_radiation.pdbx_monochromatic_or_laue_m_l   M 
_diffrn_radiation.monochromator                    ? 
_diffrn_radiation.pdbx_diffrn_protocol             ? 
_diffrn_radiation.pdbx_scattering_type             x-ray 
# 
_diffrn_radiation_wavelength.id           1 
_diffrn_radiation_wavelength.wavelength   1.5418 
_diffrn_radiation_wavelength.wt           1.0 
# 
_diffrn_source.diffrn_id                   1 
_diffrn_source.source                      'ROTATING ANODE' 
_diffrn_source.type                        'RIGAKU RU200' 
_diffrn_source.pdbx_synchrotron_site       ? 
_diffrn_source.pdbx_synchrotron_beamline   ? 
_diffrn_source.pdbx_wavelength             1.5418 
_diffrn_source.pdbx_wavelength_list        ? 
# 
_reflns.entry_id                     1CEB 
_reflns.observed_criterion_sigma_I   1.0 
_reflns.observed_criterion_sigma_F   ? 
_reflns.d_resolution_low             ? 
_reflns.d_resolution_high            2.06 
_reflns.number_obs                   7028 
_reflns.number_all                   ? 
_reflns.percent_possible_obs         70.0 
_reflns.pdbx_Rmerge_I_obs            0.0795 
_reflns.pdbx_Rsym_value              ? 
_reflns.pdbx_netI_over_sigmaI        1.0 
_reflns.B_iso_Wilson_estimate        ? 
_reflns.pdbx_redundancy              2.6 
_reflns.pdbx_diffrn_id               1 
_reflns.pdbx_ordinal                 1 
# 
_reflns_shell.d_res_high             2.07 
_reflns_shell.d_res_low              2.25 
_reflns_shell.percent_possible_all   56 
_reflns_shell.Rmerge_I_obs           0.14 
_reflns_shell.pdbx_Rsym_value        ? 
_reflns_shell.meanI_over_sigI_obs    1 
_reflns_shell.pdbx_redundancy        ? 
_reflns_shell.pdbx_diffrn_id         ? 
_reflns_shell.pdbx_ordinal           1 
# 
_refine.entry_id                                 1CEB 
_refine.ls_number_reflns_obs                     5900 
_refine.ls_number_reflns_all                     ? 
_refine.pdbx_ls_sigma_I                          ? 
_refine.pdbx_ls_sigma_F                          3.0 
_refine.pdbx_data_cutoff_high_absF               ? 
_refine.pdbx_data_cutoff_low_absF                ? 
_refine.pdbx_data_cutoff_high_rms_absF           ? 
_refine.ls_d_res_low                             7.0 
_refine.ls_d_res_high                            2.07 
_refine.ls_percent_reflns_obs                    57.0 
_refine.ls_R_factor_obs                          0.178 
_refine.ls_R_factor_all                          ? 
_refine.ls_R_factor_R_work                       ? 
_refine.ls_R_factor_R_free                       ? 
_refine.ls_R_factor_R_free_error                 ? 
_refine.ls_R_factor_R_free_error_details         ? 
_refine.ls_percent_reflns_R_free                 ? 
_refine.ls_number_reflns_R_free                  ? 
_refine.ls_number_parameters                     ? 
_refine.ls_number_restraints                     ? 
_refine.occupancy_min                            ? 
_refine.occupancy_max                            ? 
_refine.B_iso_mean                               ? 
_refine.aniso_B[1][1]                            ? 
_refine.aniso_B[2][2]                            ? 
_refine.aniso_B[3][3]                            ? 
_refine.aniso_B[1][2]                            ? 
_refine.aniso_B[1][3]                            ? 
_refine.aniso_B[2][3]                            ? 
_refine.solvent_model_details                    ? 
_refine.solvent_model_param_ksol                 ? 
_refine.solvent_model_param_bsol                 ? 
_refine.pdbx_ls_cross_valid_method               ? 
_refine.details                                  
;NO ELECTRON DENSITY WAS OBSERVED FOR THE INTERKRINGLE
RESIDUES 3A - 2A AND 80 - 86 IN BOTH MOLECULES.
;
_refine.pdbx_starting_model                      ? 
_refine.pdbx_method_to_determine_struct          ? 
_refine.pdbx_isotropic_thermal_model             ? 
_refine.pdbx_stereochemistry_target_values       ? 
_refine.pdbx_stereochem_target_val_spec_case     ? 
_refine.pdbx_R_Free_selection_details            ? 
_refine.pdbx_overall_ESU_R                       ? 
_refine.pdbx_overall_ESU_R_Free                  ? 
_refine.overall_SU_ML                            ? 
_refine.overall_SU_B                             ? 
_refine.pdbx_refine_id                           'X-RAY DIFFRACTION' 
_refine.pdbx_diffrn_id                           1 
_refine.pdbx_TLS_residual_ADP_flag               ? 
_refine.correlation_coeff_Fo_to_Fc               ? 
_refine.correlation_coeff_Fo_to_Fc_free          ? 
_refine.pdbx_solvent_vdw_probe_radii             ? 
_refine.pdbx_solvent_ion_probe_radii             ? 
_refine.pdbx_solvent_shrinkage_radii             ? 
_refine.pdbx_overall_phase_error                 ? 
_refine.overall_SU_R_Cruickshank_DPI             ? 
_refine.pdbx_overall_SU_R_free_Cruickshank_DPI   ? 
_refine.pdbx_overall_SU_R_Blow_DPI               ? 
_refine.pdbx_overall_SU_R_free_Blow_DPI          ? 
# 
_refine_hist.pdbx_refine_id                   'X-RAY DIFFRACTION' 
_refine_hist.cycle_id                         LAST 
_refine_hist.pdbx_number_atoms_protein        1278 
_refine_hist.pdbx_number_atoms_nucleic_acid   0 
_refine_hist.pdbx_number_atoms_ligand         22 
_refine_hist.number_atoms_solvent             150 
_refine_hist.number_atoms_total               1450 
_refine_hist.d_res_high                       2.07 
_refine_hist.d_res_low                        7.0 
# 
loop_
_refine_ls_restr.type 
_refine_ls_restr.dev_ideal 
_refine_ls_restr.dev_ideal_target 
_refine_ls_restr.weight 
_refine_ls_restr.number 
_refine_ls_restr.pdbx_refine_id 
_refine_ls_restr.pdbx_restraint_function 
p_bond_d            0.02 0.02 ? ? 'X-RAY DIFFRACTION' ? 
p_angle_d           0.05 0.04 ? ? 'X-RAY DIFFRACTION' ? 
p_angle_deg         ?    ?    ? ? 'X-RAY DIFFRACTION' ? 
p_planar_d          0.06 0.06 ? ? 'X-RAY DIFFRACTION' ? 
p_hb_or_metal_coord ?    ?    ? ? 'X-RAY DIFFRACTION' ? 
p_mcbond_it         1.0  1.5  ? ? 'X-RAY DIFFRACTION' ? 
p_mcangle_it        1.4  2.0  ? ? 'X-RAY DIFFRACTION' ? 
p_scbond_it         2.0  2.5  ? ? 'X-RAY DIFFRACTION' ? 
p_scangle_it        2.6  3.0  ? ? 'X-RAY DIFFRACTION' ? 
p_plane_restr       0.03 0.04 ? ? 'X-RAY DIFFRACTION' ? 
p_chiral_restr      0.18 0.15 ? ? 'X-RAY DIFFRACTION' ? 
p_singtor_nbd       0.23 0.60 ? ? 'X-RAY DIFFRACTION' ? 
p_multtor_nbd       0.32 0.60 ? ? 'X-RAY DIFFRACTION' ? 
p_xhyhbond_nbd      0.28 0.60 ? ? 'X-RAY DIFFRACTION' ? 
p_xyhbond_nbd       ?    ?    ? ? 'X-RAY DIFFRACTION' ? 
p_planar_tor        3.7  3.0  ? ? 'X-RAY DIFFRACTION' ? 
p_staggered_tor     21.7 15.0 ? ? 'X-RAY DIFFRACTION' ? 
p_orthonormal_tor   25.0 20.0 ? ? 'X-RAY DIFFRACTION' ? 
p_transverse_tor    ?    ?    ? ? 'X-RAY DIFFRACTION' ? 
p_special_tor       ?    ?    ? ? 'X-RAY DIFFRACTION' ? 
# 
_struct_ncs_oper.id             1 
_struct_ncs_oper.code           given 
_struct_ncs_oper.details        ? 
_struct_ncs_oper.matrix[1][1]   -0.80408415 
_struct_ncs_oper.matrix[1][2]   0.24246671 
_struct_ncs_oper.matrix[1][3]   0.54282491 
_struct_ncs_oper.matrix[2][1]   0.22869262 
_struct_ncs_oper.matrix[2][2]   -0.71665053 
_struct_ncs_oper.matrix[2][3]   0.65887187 
_struct_ncs_oper.matrix[3][1]   0.54877012 
_struct_ncs_oper.matrix[3][2]   0.65392877 
_struct_ncs_oper.matrix[3][3]   0.52079668 
_struct_ncs_oper.vector[1]      0.00791 
_struct_ncs_oper.vector[2]      -0.15607 
_struct_ncs_oper.vector[3]      -0.04757 
# 
_struct.entry_id                  1CEB 
_struct.title                     
;THE STRUCTURE OF THE NON-COVALENT COMPLEX OF RECOMBINANT KRINGLE 1 DOMAIN OF HUMAN PLASMINOGEN WITH AMCHA (TRANS-4-AMINOMETHYLCYCLOHEXANE-1-CARBOXYLIC ACID)
;
_struct.pdbx_model_details        ? 
_struct.pdbx_CASP_flag            ? 
_struct.pdbx_model_type_details   ? 
# 
_struct_keywords.entry_id        1CEB 
_struct_keywords.pdbx_keywords   'SERINE PROTEASE' 
_struct_keywords.text            'SERINE PROTEASE' 
# 
loop_
_struct_asym.id 
_struct_asym.pdbx_blank_PDB_chainid_flag 
_struct_asym.pdbx_modified 
_struct_asym.entity_id 
_struct_asym.details 
A N N 1 ? 
B N N 1 ? 
C N N 2 ? 
D N N 2 ? 
E N N 3 ? 
F N N 3 ? 
# 
_struct_ref.id                         1 
_struct_ref.db_name                    UNP 
_struct_ref.db_code                    PLMN_HUMAN 
_struct_ref.entity_id                  1 
_struct_ref.pdbx_db_accession          P00747 
_struct_ref.pdbx_align_begin           1 
_struct_ref.pdbx_seq_one_letter_code   
;MEHKEVVLLLLLFLKSGQGEPLDDYVNTQGASLFSVTKKQLGAGSIEECAAKCEEDEEFTCRAFQYHSKEQQCVIMAENR
KSSIIIRMRDVVLFEKKVYLSECKTGNGKNYRGTMSKTKNGITCQKWSSTSPHRPRFSPATHPSEGLEENYCRNPDNDPQ
GPWCYTTDPEKRYDYCDILECEEECMHCSGENYDGKISKTMSGLECQAWDSQSPHAHGYIPSKFPNKNLKKNYCRNPDRE
LRPWCFTTDPNKRWELCDIPRCTTPPPSSGPTYQCLKGTGENYRGNVAVTVSGHTCQHWSAQTPHTHNRTPENFPCKNLD
ENYCRNPDGKRAPWCHTTNSQVRWEYCKIPSCDSSPVSTEQLAPTAPPELTPVVQDCYHGDGQSYRGTSSTTTTGKKCQS
WSSMTPHRHQKTPENYPNAGLTMNYCRNPDADKGPWCFTTDPSVRWEYCNLKKCSGTEASVVAPPPVVLLPDVETPSEED
CMFGNGKGYRGKRATTVTGTPCQDWAAQEPHRHSIFTPETNPRAGLEKNYCRNPDGDVGGPWCYTTNPRKLYDYCDVPQC
AAPSFDCGKPQVEPKKCPGRVVGGCVAHPHSWPWQVSLRTRFGMHFCGGTLISPEWVLTAAHCLEKSPRPSSYKVILGAH
QEVNLEPHVQEIEVSRLFLEPTRKDIALLKLSSPAVITDKVIPACLPSPNYVVADRTECFITGWGETQGTFGAGLLKEAQ
LPVIENKVCNRYEFLNGRVQSTELCAGHLAGGTDSCQGDSGGPLVCFEKDKYILQGVTSWGLGCARPNKPGVYVRVSRFV
TWIEGVMRNN
;
_struct_ref.pdbx_db_isoform            ? 
# 
loop_
_struct_ref_seq.align_id 
_struct_ref_seq.ref_id 
_struct_ref_seq.pdbx_PDB_id_code 
_struct_ref_seq.pdbx_strand_id 
_struct_ref_seq.seq_align_beg 
_struct_ref_seq.pdbx_seq_align_beg_ins_code 
_struct_ref_seq.seq_align_end 
_struct_ref_seq.pdbx_seq_align_end_ins_code 
_struct_ref_seq.pdbx_db_accession 
_struct_ref_seq.db_align_beg 
_struct_ref_seq.pdbx_db_align_beg_ins_code 
_struct_ref_seq.db_align_end 
_struct_ref_seq.pdbx_db_align_end_ins_code 
_struct_ref_seq.pdbx_auth_seq_align_beg 
_struct_ref_seq.pdbx_auth_seq_align_end 
1 1 1CEB A 1 ? 88 ? P00747 100 ? 187 ? -1 85 
2 1 1CEB B 1 ? 88 ? P00747 100 ? 187 ? -1 85 
# 
loop_
_pdbx_struct_assembly.id 
_pdbx_struct_assembly.details 
_pdbx_struct_assembly.method_details 
_pdbx_struct_assembly.oligomeric_details 
_pdbx_struct_assembly.oligomeric_count 
1 author_defined_assembly ? monomeric 1 
2 author_defined_assembly ? monomeric 1 
# 
loop_
_pdbx_struct_assembly_gen.assembly_id 
_pdbx_struct_assembly_gen.oper_expression 
_pdbx_struct_assembly_gen.asym_id_list 
1 1 A,C,E 
2 1 B,D,F 
# 
_pdbx_struct_oper_list.id                   1 
_pdbx_struct_oper_list.type                 'identity operation' 
_pdbx_struct_oper_list.name                 1_555 
_pdbx_struct_oper_list.symmetry_operation   x,y,z 
_pdbx_struct_oper_list.matrix[1][1]         1.0000000000 
_pdbx_struct_oper_list.matrix[1][2]         0.0000000000 
_pdbx_struct_oper_list.matrix[1][3]         0.0000000000 
_pdbx_struct_oper_list.vector[1]            0.0000000000 
_pdbx_struct_oper_list.matrix[2][1]         0.0000000000 
_pdbx_struct_oper_list.matrix[2][2]         1.0000000000 
_pdbx_struct_oper_list.matrix[2][3]         0.0000000000 
_pdbx_struct_oper_list.vector[2]            0.0000000000 
_pdbx_struct_oper_list.matrix[3][1]         0.0000000000 
_pdbx_struct_oper_list.matrix[3][2]         0.0000000000 
_pdbx_struct_oper_list.matrix[3][3]         1.0000000000 
_pdbx_struct_oper_list.vector[3]            0.0000000000 
# 
loop_
_struct_biol.id 
1 
2 
# 
_struct_conf.conf_type_id            HELX_P 
_struct_conf.id                      HELX_P1 
_struct_conf.pdbx_PDB_helix_id       1 
_struct_conf.beg_label_comp_id       PRO 
_struct_conf.beg_label_asym_id       A 
_struct_conf.beg_label_seq_id        44 
_struct_conf.pdbx_beg_PDB_ins_code   ? 
_struct_conf.end_label_comp_id       GLU 
_struct_conf.end_label_asym_id       A 
_struct_conf.end_label_seq_id        46 
_struct_conf.pdbx_end_PDB_ins_code   ? 
_struct_conf.beg_auth_comp_id        PRO 
_struct_conf.beg_auth_asym_id        A 
_struct_conf.beg_auth_seq_id         41 
_struct_conf.end_auth_comp_id        GLU 
_struct_conf.end_auth_asym_id        A 
_struct_conf.end_auth_seq_id         43 
_struct_conf.pdbx_PDB_helix_class    5 
_struct_conf.details                 ? 
_struct_conf.pdbx_PDB_helix_length   3 
# 
_struct_conf_type.id          HELX_P 
_struct_conf_type.criteria    ? 
_struct_conf_type.reference   ? 
# 
loop_
_struct_conn.id 
_struct_conn.conn_type_id 
_struct_conn.pdbx_leaving_atom_flag 
_struct_conn.pdbx_PDB_id 
_struct_conn.ptnr1_label_asym_id 
_struct_conn.ptnr1_label_comp_id 
_struct_conn.ptnr1_label_seq_id 
_struct_conn.ptnr1_label_atom_id 
_struct_conn.pdbx_ptnr1_label_alt_id 
_struct_conn.pdbx_ptnr1_PDB_ins_code 
_struct_conn.pdbx_ptnr1_standard_comp_id 
_struct_conn.ptnr1_symmetry 
_struct_conn.ptnr2_label_asym_id 
_struct_conn.ptnr2_label_comp_id 
_struct_conn.ptnr2_label_seq_id 
_struct_conn.ptnr2_label_atom_id 
_struct_conn.pdbx_ptnr2_label_alt_id 
_struct_conn.pdbx_ptnr2_PDB_ins_code 
_struct_conn.ptnr1_auth_asym_id 
_struct_conn.ptnr1_auth_comp_id 
_struct_conn.ptnr1_auth_seq_id 
_struct_conn.ptnr2_auth_asym_id 
_struct_conn.ptnr2_auth_comp_id 
_struct_conn.ptnr2_auth_seq_id 
_struct_conn.ptnr2_symmetry 
_struct_conn.pdbx_ptnr3_label_atom_id 
_struct_conn.pdbx_ptnr3_label_seq_id 
_struct_conn.pdbx_ptnr3_label_comp_id 
_struct_conn.pdbx_ptnr3_label_asym_id 
_struct_conn.pdbx_ptnr3_label_alt_id 
_struct_conn.pdbx_ptnr3_PDB_ins_code 
_struct_conn.details 
_struct_conn.pdbx_dist_value 
_struct_conn.pdbx_value_order 
_struct_conn.pdbx_role 
disulf1 disulf ? ? A CYS 4  SG ? ? ? 1_555 A CYS 82 SG ? ? A CYS 1  A CYS 79 1_555 ? ? ? ? ? ? ? 2.031 ? ? 
disulf2 disulf ? ? A CYS 25 SG ? ? ? 1_555 A CYS 65 SG ? ? A CYS 22 A CYS 62 1_555 ? ? ? ? ? ? ? 2.075 ? ? 
disulf3 disulf ? ? A CYS 53 SG ? ? ? 1_555 A CYS 77 SG ? ? A CYS 50 A CYS 74 1_555 ? ? ? ? ? ? ? 2.053 ? ? 
disulf4 disulf ? ? B CYS 4  SG ? ? ? 1_555 B CYS 82 SG ? ? B CYS 1  B CYS 79 1_555 ? ? ? ? ? ? ? 2.017 ? ? 
disulf5 disulf ? ? B CYS 25 SG ? ? ? 1_555 B CYS 65 SG ? ? B CYS 22 B CYS 62 1_555 ? ? ? ? ? ? ? 2.094 ? ? 
disulf6 disulf ? ? B CYS 53 SG ? ? ? 1_555 B CYS 77 SG ? ? B CYS 50 B CYS 74 1_555 ? ? ? ? ? ? ? 2.047 ? ? 
# 
_struct_conn_type.id          disulf 
_struct_conn_type.criteria    ? 
_struct_conn_type.reference   ? 
# 
loop_
_pdbx_modification_feature.ordinal 
_pdbx_modification_feature.label_comp_id 
_pdbx_modification_feature.label_asym_id 
_pdbx_modification_feature.label_seq_id 
_pdbx_modification_feature.label_alt_id 
_pdbx_modification_feature.modified_residue_label_comp_id 
_pdbx_modification_feature.modified_residue_label_asym_id 
_pdbx_modification_feature.modified_residue_label_seq_id 
_pdbx_modification_feature.modified_residue_label_alt_id 
_pdbx_modification_feature.auth_comp_id 
_pdbx_modification_feature.auth_asym_id 
_pdbx_modification_feature.auth_seq_id 
_pdbx_modification_feature.PDB_ins_code 
_pdbx_modification_feature.symmetry 
_pdbx_modification_feature.modified_residue_auth_comp_id 
_pdbx_modification_feature.modified_residue_auth_asym_id 
_pdbx_modification_feature.modified_residue_auth_seq_id 
_pdbx_modification_feature.modified_residue_PDB_ins_code 
_pdbx_modification_feature.modified_residue_symmetry 
_pdbx_modification_feature.comp_id_linking_atom 
_pdbx_modification_feature.modified_residue_id_linking_atom 
_pdbx_modification_feature.modified_residue_id 
_pdbx_modification_feature.ref_pcm_id 
_pdbx_modification_feature.ref_comp_id 
_pdbx_modification_feature.type 
_pdbx_modification_feature.category 
1 CYS A 4  ? CYS A 82 ? CYS A 1  ? 1_555 CYS A 79 ? 1_555 SG SG . . . None 'Disulfide bridge' 
2 CYS A 25 ? CYS A 65 ? CYS A 22 ? 1_555 CYS A 62 ? 1_555 SG SG . . . None 'Disulfide bridge' 
3 CYS A 53 ? CYS A 77 ? CYS A 50 ? 1_555 CYS A 74 ? 1_555 SG SG . . . None 'Disulfide bridge' 
4 CYS B 4  ? CYS B 82 ? CYS B 1  ? 1_555 CYS B 79 ? 1_555 SG SG . . . None 'Disulfide bridge' 
5 CYS B 25 ? CYS B 65 ? CYS B 22 ? 1_555 CYS B 62 ? 1_555 SG SG . . . None 'Disulfide bridge' 
6 CYS B 53 ? CYS B 77 ? CYS B 50 ? 1_555 CYS B 74 ? 1_555 SG SG . . . None 'Disulfide bridge' 
# 
loop_
_struct_mon_prot_cis.pdbx_id 
_struct_mon_prot_cis.label_comp_id 
_struct_mon_prot_cis.label_seq_id 
_struct_mon_prot_cis.label_asym_id 
_struct_mon_prot_cis.label_alt_id 
_struct_mon_prot_cis.pdbx_PDB_ins_code 
_struct_mon_prot_cis.auth_comp_id 
_struct_mon_prot_cis.auth_seq_id 
_struct_mon_prot_cis.auth_asym_id 
_struct_mon_prot_cis.pdbx_label_comp_id_2 
_struct_mon_prot_cis.pdbx_label_seq_id_2 
_struct_mon_prot_cis.pdbx_label_asym_id_2 
_struct_mon_prot_cis.pdbx_PDB_ins_code_2 
_struct_mon_prot_cis.pdbx_auth_comp_id_2 
_struct_mon_prot_cis.pdbx_auth_seq_id_2 
_struct_mon_prot_cis.pdbx_auth_asym_id_2 
_struct_mon_prot_cis.pdbx_PDB_model_num 
_struct_mon_prot_cis.pdbx_omega_angle 
1 SER 32 A . ? SER 29 A PRO 33 A ? PRO 30 A 1 1.28  
2 SER 32 B . ? SER 29 B PRO 33 B ? PRO 30 B 1 -0.08 
# 
loop_
_struct_sheet.id 
_struct_sheet.type 
_struct_sheet.number_strands 
_struct_sheet.details 
SA1 ? 2 ? 
SA2 ? 2 ? 
SB1 ? 2 ? 
SB2 ? 2 ? 
# 
loop_
_struct_sheet_order.sheet_id 
_struct_sheet_order.range_id_1 
_struct_sheet_order.range_id_2 
_struct_sheet_order.offset 
_struct_sheet_order.sense 
SA1 1 2 ? anti-parallel 
SA2 1 2 ? anti-parallel 
SB1 1 2 ? anti-parallel 
SB2 1 2 ? anti-parallel 
# 
loop_
_struct_sheet_range.sheet_id 
_struct_sheet_range.id 
_struct_sheet_range.beg_label_comp_id 
_struct_sheet_range.beg_label_asym_id 
_struct_sheet_range.beg_label_seq_id 
_struct_sheet_range.pdbx_beg_PDB_ins_code 
_struct_sheet_range.end_label_comp_id 
_struct_sheet_range.end_label_asym_id 
_struct_sheet_range.end_label_seq_id 
_struct_sheet_range.pdbx_end_PDB_ins_code 
_struct_sheet_range.beg_auth_comp_id 
_struct_sheet_range.beg_auth_asym_id 
_struct_sheet_range.beg_auth_seq_id 
_struct_sheet_range.end_auth_comp_id 
_struct_sheet_range.end_auth_asym_id 
_struct_sheet_range.end_auth_seq_id 
SA1 1 SER A 17 ? THR A 19 ? SER A 14 THR A 16 
SA1 2 ILE A 23 ? CYS A 25 ? ILE A 20 CYS A 22 
SA2 1 GLN A 26 ? TRP A 28 ? GLN A 23 TRP A 25 
SA2 2 GLU A 50 ? TYR A 52 ? GLU A 47 TYR A 49 
SB1 1 SER B 17 ? THR B 19 ? SER B 14 THR B 16 
SB1 2 ILE B 23 ? CYS B 25 ? ILE B 20 CYS B 22 
SB2 1 GLN B 26 ? TRP B 28 ? GLN B 23 TRP B 25 
SB2 2 GLU B 50 ? TYR B 52 ? GLU B 47 TYR B 49 
# 
loop_
_struct_site.id 
_struct_site.pdbx_evidence_code 
_struct_site.pdbx_auth_asym_id 
_struct_site.pdbx_auth_comp_id 
_struct_site.pdbx_auth_seq_id 
_struct_site.pdbx_auth_ins_code 
_struct_site.pdbx_num_residues 
_struct_site.details 
AC1 Software A AMH 90 ? 9  'BINDING SITE FOR RESIDUE AMH A 90' 
AC2 Software B AMH 90 ? 10 'BINDING SITE FOR RESIDUE AMH B 90' 
# 
loop_
_struct_site_gen.id 
_struct_site_gen.site_id 
_struct_site_gen.pdbx_num_res 
_struct_site_gen.label_comp_id 
_struct_site_gen.label_asym_id 
_struct_site_gen.label_seq_id 
_struct_site_gen.pdbx_auth_ins_code 
_struct_site_gen.auth_comp_id 
_struct_site_gen.auth_asym_id 
_struct_site_gen.auth_seq_id 
_struct_site_gen.label_atom_id 
_struct_site_gen.label_alt_id 
_struct_site_gen.symmetry 
_struct_site_gen.details 
1  AC1 9  THR A 15 ? THR A 12  . ? 2_555 ? 
2  AC1 9  ARG A 37 ? ARG A 34  . ? 1_555 ? 
3  AC1 9  ASP A 57 ? ASP A 54  . ? 1_555 ? 
4  AC1 9  ASP A 59 ? ASP A 56  . ? 1_555 ? 
5  AC1 9  TRP A 64 ? TRP A 61  . ? 1_555 ? 
6  AC1 9  TYR A 66 ? TYR A 63  . ? 1_555 ? 
7  AC1 9  ARG A 73 ? ARG A 70  . ? 1_555 ? 
8  AC1 9  TYR A 74 ? TYR A 71  . ? 1_555 ? 
9  AC1 9  HOH E .  ? HOH A 357 . ? 1_555 ? 
10 AC2 10 THR B 15 ? THR B 12  . ? 2_544 ? 
11 AC2 10 ARG B 37 ? ARG B 34  . ? 1_555 ? 
12 AC2 10 PHE B 38 ? PHE B 35  . ? 1_555 ? 
13 AC2 10 ASP B 57 ? ASP B 54  . ? 1_555 ? 
14 AC2 10 ASP B 59 ? ASP B 56  . ? 1_555 ? 
15 AC2 10 TRP B 64 ? TRP B 61  . ? 1_555 ? 
16 AC2 10 TYR B 66 ? TYR B 63  . ? 1_555 ? 
17 AC2 10 ARG B 73 ? ARG B 70  . ? 1_555 ? 
18 AC2 10 TYR B 74 ? TYR B 71  . ? 1_555 ? 
19 AC2 10 HOH F .  ? HOH B 223 . ? 1_555 ? 
# 
_pdbx_entry_details.entry_id                   1CEB 
_pdbx_entry_details.compound_details           ? 
_pdbx_entry_details.source_details             ? 
_pdbx_entry_details.nonpolymer_details         ? 
_pdbx_entry_details.sequence_details           ? 
_pdbx_entry_details.has_ligand_of_interest     ? 
_pdbx_entry_details.has_protein_modification   Y 
# 
loop_
_pdbx_validate_close_contact.id 
_pdbx_validate_close_contact.PDB_model_num 
_pdbx_validate_close_contact.auth_atom_id_1 
_pdbx_validate_close_contact.auth_asym_id_1 
_pdbx_validate_close_contact.auth_comp_id_1 
_pdbx_validate_close_contact.auth_seq_id_1 
_pdbx_validate_close_contact.PDB_ins_code_1 
_pdbx_validate_close_contact.label_alt_id_1 
_pdbx_validate_close_contact.auth_atom_id_2 
_pdbx_validate_close_contact.auth_asym_id_2 
_pdbx_validate_close_contact.auth_comp_id_2 
_pdbx_validate_close_contact.auth_seq_id_2 
_pdbx_validate_close_contact.PDB_ins_code_2 
_pdbx_validate_close_contact.label_alt_id_2 
_pdbx_validate_close_contact.dist 
1 1 CE  A MET 13 ? ? O   A LYS 15 ? ? 2.15 
2 1 NH1 B ARG 10 ? ? O   B GLU 43 ? ? 2.18 
3 1 OD1 B ASN 5  ? ? ND2 B ASN 52 ? ? 2.19 
# 
loop_
_pdbx_validate_rmsd_angle.id 
_pdbx_validate_rmsd_angle.PDB_model_num 
_pdbx_validate_rmsd_angle.auth_atom_id_1 
_pdbx_validate_rmsd_angle.auth_asym_id_1 
_pdbx_validate_rmsd_angle.auth_comp_id_1 
_pdbx_validate_rmsd_angle.auth_seq_id_1 
_pdbx_validate_rmsd_angle.PDB_ins_code_1 
_pdbx_validate_rmsd_angle.label_alt_id_1 
_pdbx_validate_rmsd_angle.auth_atom_id_2 
_pdbx_validate_rmsd_angle.auth_asym_id_2 
_pdbx_validate_rmsd_angle.auth_comp_id_2 
_pdbx_validate_rmsd_angle.auth_seq_id_2 
_pdbx_validate_rmsd_angle.PDB_ins_code_2 
_pdbx_validate_rmsd_angle.label_alt_id_2 
_pdbx_validate_rmsd_angle.auth_atom_id_3 
_pdbx_validate_rmsd_angle.auth_asym_id_3 
_pdbx_validate_rmsd_angle.auth_comp_id_3 
_pdbx_validate_rmsd_angle.auth_seq_id_3 
_pdbx_validate_rmsd_angle.PDB_ins_code_3 
_pdbx_validate_rmsd_angle.label_alt_id_3 
_pdbx_validate_rmsd_angle.angle_value 
_pdbx_validate_rmsd_angle.angle_target_value 
_pdbx_validate_rmsd_angle.angle_deviation 
_pdbx_validate_rmsd_angle.angle_standard_deviation 
_pdbx_validate_rmsd_angle.linker_flag 
1  1 NE  A ARG 10 ? ? CZ A ARG 10 ? ? NH1 A ARG 10 ? ? 123.95 120.30 3.65  0.50 N 
2  1 O   A ILE 20 ? ? C  A ILE 20 ? ? N   A THR 21 ? ? 132.74 122.70 10.04 1.60 Y 
3  1 NE  A ARG 32 ? ? CZ A ARG 32 ? ? NH1 A ARG 32 ? ? 123.32 120.30 3.02  0.50 N 
4  1 C   A ALA 38 ? ? N  A THR 39 ? ? CA  A THR 39 ? ? 136.71 121.70 15.01 2.50 Y 
5  1 OE1 A GLU 46 ? ? CD A GLU 46 ? ? OE2 A GLU 46 ? ? 134.94 123.30 11.64 1.20 N 
6  1 CB  A TYR 49 ? ? CG A TYR 49 ? ? CD2 A TYR 49 ? ? 116.94 121.00 -4.06 0.60 N 
7  1 NH1 A ARG 51 ? ? CZ A ARG 51 ? ? NH2 A ARG 51 ? ? 109.61 119.40 -9.79 1.10 N 
8  1 NE  A ARG 51 ? ? CZ A ARG 51 ? ? NH1 A ARG 51 ? ? 115.72 120.30 -4.58 0.50 N 
9  1 NE  A ARG 51 ? ? CZ A ARG 51 ? ? NH2 A ARG 51 ? ? 134.23 120.30 13.93 0.50 N 
10 1 CB  B TYR 9  ? ? CG B TYR 9  ? ? CD1 B TYR 9  ? ? 124.91 121.00 3.91  0.60 N 
11 1 NE  B ARG 10 ? ? CZ B ARG 10 ? ? NH1 B ARG 10 ? ? 123.42 120.30 3.12  0.50 N 
12 1 CA  B LYS 17 ? ? CB B LYS 17 ? ? CG  B LYS 17 ? ? 134.12 113.40 20.72 2.20 N 
13 1 CA  B GLU 46 ? ? CB B GLU 46 ? ? CG  B GLU 46 ? ? 131.28 113.40 17.88 2.20 N 
14 1 CB  B GLU 46 ? ? CG B GLU 46 ? ? CD  B GLU 46 ? ? 135.34 114.20 21.14 2.70 N 
15 1 OE1 B GLU 46 ? ? CD B GLU 46 ? ? OE2 B GLU 46 ? ? 113.54 123.30 -9.76 1.20 N 
16 1 CG  B GLU 47 ? ? CD B GLU 47 ? ? OE1 B GLU 47 ? ? 130.99 118.30 12.69 2.00 N 
17 1 CB  B TYR 49 ? ? CG B TYR 49 ? ? CD2 B TYR 49 ? ? 116.57 121.00 -4.43 0.60 N 
18 1 NH1 B ARG 51 ? ? CZ B ARG 51 ? ? NH2 B ARG 51 ? ? 111.66 119.40 -7.74 1.10 N 
19 1 NE  B ARG 51 ? ? CZ B ARG 51 ? ? NH1 B ARG 51 ? ? 124.35 120.30 4.05  0.50 N 
20 1 NE  B ARG 51 ? ? CZ B ARG 51 ? ? NH2 B ARG 51 ? ? 123.95 120.30 3.65  0.50 N 
21 1 O   B PRO 53 ? ? C  B PRO 53 ? ? N   B ASP 54 ? ? 132.99 122.70 10.29 1.60 Y 
22 1 CB  B LYS 69 ? ? CG B LYS 69 ? ? CD  B LYS 69 ? ? 130.73 111.60 19.13 2.60 N 
23 1 CG  B LYS 69 ? ? CD B LYS 69 ? ? CE  B LYS 69 ? ? 131.03 111.90 19.13 3.00 N 
24 1 NE  B ARG 70 ? ? CZ B ARG 70 ? ? NH2 B ARG 70 ? ? 116.49 120.30 -3.81 0.50 N 
25 1 CB  B TYR 71 ? ? CG B TYR 71 ? ? CD2 B TYR 71 ? ? 116.61 121.00 -4.39 0.60 N 
26 1 CA  B ASP 72 ? ? CB B ASP 72 ? ? CG  B ASP 72 ? ? 129.31 113.40 15.91 2.20 N 
27 1 CB  B ASP 72 ? ? CG B ASP 72 ? ? OD1 B ASP 72 ? ? 124.07 118.30 5.77  0.90 N 
28 1 N   B GLU 78 ? ? CA B GLU 78 ? ? CB  B GLU 78 ? ? 121.80 110.60 11.20 1.80 N 
# 
loop_
_pdbx_validate_torsion.id 
_pdbx_validate_torsion.PDB_model_num 
_pdbx_validate_torsion.auth_comp_id 
_pdbx_validate_torsion.auth_asym_id 
_pdbx_validate_torsion.auth_seq_id 
_pdbx_validate_torsion.PDB_ins_code 
_pdbx_validate_torsion.label_alt_id 
_pdbx_validate_torsion.phi 
_pdbx_validate_torsion.psi 
1  1 THR A 16 ? ? -72.41  -169.72 
2  1 CYS A 22 ? ? -59.82  177.24  
3  1 LEU A 45 ? ? -67.29  59.53   
4  1 GLU A 47 ? ? 56.63   -143.05 
5  1 ASN A 52 ? ? -119.98 67.86   
6  1 PRO A 60 ? ? -29.22  143.68  
7  1 ASP A 72 ? ? 176.89  156.69  
8  1 THR B 16 ? ? -66.98  -169.98 
9  1 ASN B 18 ? ? -99.36  33.82   
10 1 LEU B 45 ? ? -65.67  55.38   
11 1 GLU B 47 ? ? 37.43   -130.73 
12 1 TYR B 49 ? ? -46.27  158.08  
13 1 ASN B 52 ? ? -114.26 73.35   
14 1 ASN B 55 ? ? 73.88   50.25   
15 1 GLN B 58 ? ? -64.68  5.35    
16 1 PRO B 60 ? ? -43.86  151.39  
# 
_pdbx_validate_planes.id              1 
_pdbx_validate_planes.PDB_model_num   1 
_pdbx_validate_planes.auth_comp_id    ARG 
_pdbx_validate_planes.auth_asym_id    A 
_pdbx_validate_planes.auth_seq_id     70 
_pdbx_validate_planes.PDB_ins_code    ? 
_pdbx_validate_planes.label_alt_id    ? 
_pdbx_validate_planes.rmsd            0.095 
_pdbx_validate_planes.type            'SIDE CHAIN' 
# 
loop_
_pdbx_validate_main_chain_plane.id 
_pdbx_validate_main_chain_plane.PDB_model_num 
_pdbx_validate_main_chain_plane.auth_comp_id 
_pdbx_validate_main_chain_plane.auth_asym_id 
_pdbx_validate_main_chain_plane.auth_seq_id 
_pdbx_validate_main_chain_plane.PDB_ins_code 
_pdbx_validate_main_chain_plane.label_alt_id 
_pdbx_validate_main_chain_plane.improper_torsion_angle 
1 1 CYS A 22 ? ? 10.35  
2 1 GLU A 68 ? ? -10.90 
3 1 GLN B 58 ? ? -10.27 
# 
loop_
_pdbx_unobs_or_zero_occ_residues.id 
_pdbx_unobs_or_zero_occ_residues.PDB_model_num 
_pdbx_unobs_or_zero_occ_residues.polymer_flag 
_pdbx_unobs_or_zero_occ_residues.occupancy_flag 
_pdbx_unobs_or_zero_occ_residues.auth_asym_id 
_pdbx_unobs_or_zero_occ_residues.auth_comp_id 
_pdbx_unobs_or_zero_occ_residues.auth_seq_id 
_pdbx_unobs_or_zero_occ_residues.PDB_ins_code 
_pdbx_unobs_or_zero_occ_residues.label_asym_id 
_pdbx_unobs_or_zero_occ_residues.label_comp_id 
_pdbx_unobs_or_zero_occ_residues.label_seq_id 
1  1 Y 1 A LEU -1 ? A LEU 1  
2  1 Y 1 A SER 0  ? A SER 2  
3  1 Y 1 A GLU 80 ? A GLU 83 
4  1 Y 1 A GLU 81 ? A GLU 84 
5  1 Y 1 A GLU 82 ? A GLU 85 
6  1 Y 1 A CYS 83 ? A CYS 86 
7  1 Y 1 A MET 84 ? A MET 87 
8  1 Y 1 A HIS 85 ? A HIS 88 
9  1 Y 1 B LEU -1 ? B LEU 1  
10 1 Y 1 B SER 0  ? B SER 2  
11 1 Y 1 B GLU 80 ? B GLU 83 
12 1 Y 1 B GLU 81 ? B GLU 84 
13 1 Y 1 B GLU 82 ? B GLU 85 
14 1 Y 1 B CYS 83 ? B CYS 86 
15 1 Y 1 B MET 84 ? B MET 87 
16 1 Y 1 B HIS 85 ? B HIS 88 
# 
loop_
_chem_comp_atom.comp_id 
_chem_comp_atom.atom_id 
_chem_comp_atom.type_symbol 
_chem_comp_atom.pdbx_aromatic_flag 
_chem_comp_atom.pdbx_stereo_config 
_chem_comp_atom.pdbx_ordinal 
ALA N    N N N 1   
ALA CA   C N S 2   
ALA C    C N N 3   
ALA O    O N N 4   
ALA CB   C N N 5   
ALA OXT  O N N 6   
ALA H    H N N 7   
ALA H2   H N N 8   
ALA HA   H N N 9   
ALA HB1  H N N 10  
ALA HB2  H N N 11  
ALA HB3  H N N 12  
ALA HXT  H N N 13  
AMH C1   C N N 14  
AMH C2   C N N 15  
AMH C3   C N N 16  
AMH C4   C N N 17  
AMH C5   C N N 18  
AMH C6   C N N 19  
AMH C7   C N N 20  
AMH C8   C N N 21  
AMH N    N N N 22  
AMH O1   O N N 23  
AMH O2   O N N 24  
AMH H1   H N N 25  
AMH H21  H N N 26  
AMH H22  H N N 27  
AMH H31  H N N 28  
AMH H32  H N N 29  
AMH H4   H N N 30  
AMH H51  H N N 31  
AMH H52  H N N 32  
AMH H61  H N N 33  
AMH H62  H N N 34  
AMH H71  H N N 35  
AMH H72  H N N 36  
AMH HN1  H N N 37  
AMH HN2  H N N 38  
AMH HO2  H N N 39  
ARG N    N N N 40  
ARG CA   C N S 41  
ARG C    C N N 42  
ARG O    O N N 43  
ARG CB   C N N 44  
ARG CG   C N N 45  
ARG CD   C N N 46  
ARG NE   N N N 47  
ARG CZ   C N N 48  
ARG NH1  N N N 49  
ARG NH2  N N N 50  
ARG OXT  O N N 51  
ARG H    H N N 52  
ARG H2   H N N 53  
ARG HA   H N N 54  
ARG HB2  H N N 55  
ARG HB3  H N N 56  
ARG HG2  H N N 57  
ARG HG3  H N N 58  
ARG HD2  H N N 59  
ARG HD3  H N N 60  
ARG HE   H N N 61  
ARG HH11 H N N 62  
ARG HH12 H N N 63  
ARG HH21 H N N 64  
ARG HH22 H N N 65  
ARG HXT  H N N 66  
ASN N    N N N 67  
ASN CA   C N S 68  
ASN C    C N N 69  
ASN O    O N N 70  
ASN CB   C N N 71  
ASN CG   C N N 72  
ASN OD1  O N N 73  
ASN ND2  N N N 74  
ASN OXT  O N N 75  
ASN H    H N N 76  
ASN H2   H N N 77  
ASN HA   H N N 78  
ASN HB2  H N N 79  
ASN HB3  H N N 80  
ASN HD21 H N N 81  
ASN HD22 H N N 82  
ASN HXT  H N N 83  
ASP N    N N N 84  
ASP CA   C N S 85  
ASP C    C N N 86  
ASP O    O N N 87  
ASP CB   C N N 88  
ASP CG   C N N 89  
ASP OD1  O N N 90  
ASP OD2  O N N 91  
ASP OXT  O N N 92  
ASP H    H N N 93  
ASP H2   H N N 94  
ASP HA   H N N 95  
ASP HB2  H N N 96  
ASP HB3  H N N 97  
ASP HD2  H N N 98  
ASP HXT  H N N 99  
CYS N    N N N 100 
CYS CA   C N R 101 
CYS C    C N N 102 
CYS O    O N N 103 
CYS CB   C N N 104 
CYS SG   S N N 105 
CYS OXT  O N N 106 
CYS H    H N N 107 
CYS H2   H N N 108 
CYS HA   H N N 109 
CYS HB2  H N N 110 
CYS HB3  H N N 111 
CYS HG   H N N 112 
CYS HXT  H N N 113 
GLN N    N N N 114 
GLN CA   C N S 115 
GLN C    C N N 116 
GLN O    O N N 117 
GLN CB   C N N 118 
GLN CG   C N N 119 
GLN CD   C N N 120 
GLN OE1  O N N 121 
GLN NE2  N N N 122 
GLN OXT  O N N 123 
GLN H    H N N 124 
GLN H2   H N N 125 
GLN HA   H N N 126 
GLN HB2  H N N 127 
GLN HB3  H N N 128 
GLN HG2  H N N 129 
GLN HG3  H N N 130 
GLN HE21 H N N 131 
GLN HE22 H N N 132 
GLN HXT  H N N 133 
GLU N    N N N 134 
GLU CA   C N S 135 
GLU C    C N N 136 
GLU O    O N N 137 
GLU CB   C N N 138 
GLU CG   C N N 139 
GLU CD   C N N 140 
GLU OE1  O N N 141 
GLU OE2  O N N 142 
GLU OXT  O N N 143 
GLU H    H N N 144 
GLU H2   H N N 145 
GLU HA   H N N 146 
GLU HB2  H N N 147 
GLU HB3  H N N 148 
GLU HG2  H N N 149 
GLU HG3  H N N 150 
GLU HE2  H N N 151 
GLU HXT  H N N 152 
GLY N    N N N 153 
GLY CA   C N N 154 
GLY C    C N N 155 
GLY O    O N N 156 
GLY OXT  O N N 157 
GLY H    H N N 158 
GLY H2   H N N 159 
GLY HA2  H N N 160 
GLY HA3  H N N 161 
GLY HXT  H N N 162 
HIS N    N N N 163 
HIS CA   C N S 164 
HIS C    C N N 165 
HIS O    O N N 166 
HIS CB   C N N 167 
HIS CG   C Y N 168 
HIS ND1  N Y N 169 
HIS CD2  C Y N 170 
HIS CE1  C Y N 171 
HIS NE2  N Y N 172 
HIS OXT  O N N 173 
HIS H    H N N 174 
HIS H2   H N N 175 
HIS HA   H N N 176 
HIS HB2  H N N 177 
HIS HB3  H N N 178 
HIS HD1  H N N 179 
HIS HD2  H N N 180 
HIS HE1  H N N 181 
HIS HE2  H N N 182 
HIS HXT  H N N 183 
HOH O    O N N 184 
HOH H1   H N N 185 
HOH H2   H N N 186 
ILE N    N N N 187 
ILE CA   C N S 188 
ILE C    C N N 189 
ILE O    O N N 190 
ILE CB   C N S 191 
ILE CG1  C N N 192 
ILE CG2  C N N 193 
ILE CD1  C N N 194 
ILE OXT  O N N 195 
ILE H    H N N 196 
ILE H2   H N N 197 
ILE HA   H N N 198 
ILE HB   H N N 199 
ILE HG12 H N N 200 
ILE HG13 H N N 201 
ILE HG21 H N N 202 
ILE HG22 H N N 203 
ILE HG23 H N N 204 
ILE HD11 H N N 205 
ILE HD12 H N N 206 
ILE HD13 H N N 207 
ILE HXT  H N N 208 
LEU N    N N N 209 
LEU CA   C N S 210 
LEU C    C N N 211 
LEU O    O N N 212 
LEU CB   C N N 213 
LEU CG   C N N 214 
LEU CD1  C N N 215 
LEU CD2  C N N 216 
LEU OXT  O N N 217 
LEU H    H N N 218 
LEU H2   H N N 219 
LEU HA   H N N 220 
LEU HB2  H N N 221 
LEU HB3  H N N 222 
LEU HG   H N N 223 
LEU HD11 H N N 224 
LEU HD12 H N N 225 
LEU HD13 H N N 226 
LEU HD21 H N N 227 
LEU HD22 H N N 228 
LEU HD23 H N N 229 
LEU HXT  H N N 230 
LYS N    N N N 231 
LYS CA   C N S 232 
LYS C    C N N 233 
LYS O    O N N 234 
LYS CB   C N N 235 
LYS CG   C N N 236 
LYS CD   C N N 237 
LYS CE   C N N 238 
LYS NZ   N N N 239 
LYS OXT  O N N 240 
LYS H    H N N 241 
LYS H2   H N N 242 
LYS HA   H N N 243 
LYS HB2  H N N 244 
LYS HB3  H N N 245 
LYS HG2  H N N 246 
LYS HG3  H N N 247 
LYS HD2  H N N 248 
LYS HD3  H N N 249 
LYS HE2  H N N 250 
LYS HE3  H N N 251 
LYS HZ1  H N N 252 
LYS HZ2  H N N 253 
LYS HZ3  H N N 254 
LYS HXT  H N N 255 
MET N    N N N 256 
MET CA   C N S 257 
MET C    C N N 258 
MET O    O N N 259 
MET CB   C N N 260 
MET CG   C N N 261 
MET SD   S N N 262 
MET CE   C N N 263 
MET OXT  O N N 264 
MET H    H N N 265 
MET H2   H N N 266 
MET HA   H N N 267 
MET HB2  H N N 268 
MET HB3  H N N 269 
MET HG2  H N N 270 
MET HG3  H N N 271 
MET HE1  H N N 272 
MET HE2  H N N 273 
MET HE3  H N N 274 
MET HXT  H N N 275 
PHE N    N N N 276 
PHE CA   C N S 277 
PHE C    C N N 278 
PHE O    O N N 279 
PHE CB   C N N 280 
PHE CG   C Y N 281 
PHE CD1  C Y N 282 
PHE CD2  C Y N 283 
PHE CE1  C Y N 284 
PHE CE2  C Y N 285 
PHE CZ   C Y N 286 
PHE OXT  O N N 287 
PHE H    H N N 288 
PHE H2   H N N 289 
PHE HA   H N N 290 
PHE HB2  H N N 291 
PHE HB3  H N N 292 
PHE HD1  H N N 293 
PHE HD2  H N N 294 
PHE HE1  H N N 295 
PHE HE2  H N N 296 
PHE HZ   H N N 297 
PHE HXT  H N N 298 
PRO N    N N N 299 
PRO CA   C N S 300 
PRO C    C N N 301 
PRO O    O N N 302 
PRO CB   C N N 303 
PRO CG   C N N 304 
PRO CD   C N N 305 
PRO OXT  O N N 306 
PRO H    H N N 307 
PRO HA   H N N 308 
PRO HB2  H N N 309 
PRO HB3  H N N 310 
PRO HG2  H N N 311 
PRO HG3  H N N 312 
PRO HD2  H N N 313 
PRO HD3  H N N 314 
PRO HXT  H N N 315 
SER N    N N N 316 
SER CA   C N S 317 
SER C    C N N 318 
SER O    O N N 319 
SER CB   C N N 320 
SER OG   O N N 321 
SER OXT  O N N 322 
SER H    H N N 323 
SER H2   H N N 324 
SER HA   H N N 325 
SER HB2  H N N 326 
SER HB3  H N N 327 
SER HG   H N N 328 
SER HXT  H N N 329 
THR N    N N N 330 
THR CA   C N S 331 
THR C    C N N 332 
THR O    O N N 333 
THR CB   C N R 334 
THR OG1  O N N 335 
THR CG2  C N N 336 
THR OXT  O N N 337 
THR H    H N N 338 
THR H2   H N N 339 
THR HA   H N N 340 
THR HB   H N N 341 
THR HG1  H N N 342 
THR HG21 H N N 343 
THR HG22 H N N 344 
THR HG23 H N N 345 
THR HXT  H N N 346 
TRP N    N N N 347 
TRP CA   C N S 348 
TRP C    C N N 349 
TRP O    O N N 350 
TRP CB   C N N 351 
TRP CG   C Y N 352 
TRP CD1  C Y N 353 
TRP CD2  C Y N 354 
TRP NE1  N Y N 355 
TRP CE2  C Y N 356 
TRP CE3  C Y N 357 
TRP CZ2  C Y N 358 
TRP CZ3  C Y N 359 
TRP CH2  C Y N 360 
TRP OXT  O N N 361 
TRP H    H N N 362 
TRP H2   H N N 363 
TRP HA   H N N 364 
TRP HB2  H N N 365 
TRP HB3  H N N 366 
TRP HD1  H N N 367 
TRP HE1  H N N 368 
TRP HE3  H N N 369 
TRP HZ2  H N N 370 
TRP HZ3  H N N 371 
TRP HH2  H N N 372 
TRP HXT  H N N 373 
TYR N    N N N 374 
TYR CA   C N S 375 
TYR C    C N N 376 
TYR O    O N N 377 
TYR CB   C N N 378 
TYR CG   C Y N 379 
TYR CD1  C Y N 380 
TYR CD2  C Y N 381 
TYR CE1  C Y N 382 
TYR CE2  C Y N 383 
TYR CZ   C Y N 384 
TYR OH   O N N 385 
TYR OXT  O N N 386 
TYR H    H N N 387 
TYR H2   H N N 388 
TYR HA   H N N 389 
TYR HB2  H N N 390 
TYR HB3  H N N 391 
TYR HD1  H N N 392 
TYR HD2  H N N 393 
TYR HE1  H N N 394 
TYR HE2  H N N 395 
TYR HH   H N N 396 
TYR HXT  H N N 397 
# 
loop_
_chem_comp_bond.comp_id 
_chem_comp_bond.atom_id_1 
_chem_comp_bond.atom_id_2 
_chem_comp_bond.value_order 
_chem_comp_bond.pdbx_aromatic_flag 
_chem_comp_bond.pdbx_stereo_config 
_chem_comp_bond.pdbx_ordinal 
ALA N   CA   sing N N 1   
ALA N   H    sing N N 2   
ALA N   H2   sing N N 3   
ALA CA  C    sing N N 4   
ALA CA  CB   sing N N 5   
ALA CA  HA   sing N N 6   
ALA C   O    doub N N 7   
ALA C   OXT  sing N N 8   
ALA CB  HB1  sing N N 9   
ALA CB  HB2  sing N N 10  
ALA CB  HB3  sing N N 11  
ALA OXT HXT  sing N N 12  
AMH C1  C2   sing N N 13  
AMH C1  C6   sing N N 14  
AMH C1  C8   sing N N 15  
AMH C1  H1   sing N N 16  
AMH C2  C3   sing N N 17  
AMH C2  H21  sing N N 18  
AMH C2  H22  sing N N 19  
AMH C3  C4   sing N N 20  
AMH C3  H31  sing N N 21  
AMH C3  H32  sing N N 22  
AMH C4  C5   sing N N 23  
AMH C4  C7   sing N N 24  
AMH C4  H4   sing N N 25  
AMH C5  C6   sing N N 26  
AMH C5  H51  sing N N 27  
AMH C5  H52  sing N N 28  
AMH C6  H61  sing N N 29  
AMH C6  H62  sing N N 30  
AMH C7  N    sing N N 31  
AMH C7  H71  sing N N 32  
AMH C7  H72  sing N N 33  
AMH C8  O1   doub N N 34  
AMH C8  O2   sing N N 35  
AMH N   HN1  sing N N 36  
AMH N   HN2  sing N N 37  
AMH O2  HO2  sing N N 38  
ARG N   CA   sing N N 39  
ARG N   H    sing N N 40  
ARG N   H2   sing N N 41  
ARG CA  C    sing N N 42  
ARG CA  CB   sing N N 43  
ARG CA  HA   sing N N 44  
ARG C   O    doub N N 45  
ARG C   OXT  sing N N 46  
ARG CB  CG   sing N N 47  
ARG CB  HB2  sing N N 48  
ARG CB  HB3  sing N N 49  
ARG CG  CD   sing N N 50  
ARG CG  HG2  sing N N 51  
ARG CG  HG3  sing N N 52  
ARG CD  NE   sing N N 53  
ARG CD  HD2  sing N N 54  
ARG CD  HD3  sing N N 55  
ARG NE  CZ   sing N N 56  
ARG NE  HE   sing N N 57  
ARG CZ  NH1  sing N N 58  
ARG CZ  NH2  doub N N 59  
ARG NH1 HH11 sing N N 60  
ARG NH1 HH12 sing N N 61  
ARG NH2 HH21 sing N N 62  
ARG NH2 HH22 sing N N 63  
ARG OXT HXT  sing N N 64  
ASN N   CA   sing N N 65  
ASN N   H    sing N N 66  
ASN N   H2   sing N N 67  
ASN CA  C    sing N N 68  
ASN CA  CB   sing N N 69  
ASN CA  HA   sing N N 70  
ASN C   O    doub N N 71  
ASN C   OXT  sing N N 72  
ASN CB  CG   sing N N 73  
ASN CB  HB2  sing N N 74  
ASN CB  HB3  sing N N 75  
ASN CG  OD1  doub N N 76  
ASN CG  ND2  sing N N 77  
ASN ND2 HD21 sing N N 78  
ASN ND2 HD22 sing N N 79  
ASN OXT HXT  sing N N 80  
ASP N   CA   sing N N 81  
ASP N   H    sing N N 82  
ASP N   H2   sing N N 83  
ASP CA  C    sing N N 84  
ASP CA  CB   sing N N 85  
ASP CA  HA   sing N N 86  
ASP C   O    doub N N 87  
ASP C   OXT  sing N N 88  
ASP CB  CG   sing N N 89  
ASP CB  HB2  sing N N 90  
ASP CB  HB3  sing N N 91  
ASP CG  OD1  doub N N 92  
ASP CG  OD2  sing N N 93  
ASP OD2 HD2  sing N N 94  
ASP OXT HXT  sing N N 95  
CYS N   CA   sing N N 96  
CYS N   H    sing N N 97  
CYS N   H2   sing N N 98  
CYS CA  C    sing N N 99  
CYS CA  CB   sing N N 100 
CYS CA  HA   sing N N 101 
CYS C   O    doub N N 102 
CYS C   OXT  sing N N 103 
CYS CB  SG   sing N N 104 
CYS CB  HB2  sing N N 105 
CYS CB  HB3  sing N N 106 
CYS SG  HG   sing N N 107 
CYS OXT HXT  sing N N 108 
GLN N   CA   sing N N 109 
GLN N   H    sing N N 110 
GLN N   H2   sing N N 111 
GLN CA  C    sing N N 112 
GLN CA  CB   sing N N 113 
GLN CA  HA   sing N N 114 
GLN C   O    doub N N 115 
GLN C   OXT  sing N N 116 
GLN CB  CG   sing N N 117 
GLN CB  HB2  sing N N 118 
GLN CB  HB3  sing N N 119 
GLN CG  CD   sing N N 120 
GLN CG  HG2  sing N N 121 
GLN CG  HG3  sing N N 122 
GLN CD  OE1  doub N N 123 
GLN CD  NE2  sing N N 124 
GLN NE2 HE21 sing N N 125 
GLN NE2 HE22 sing N N 126 
GLN OXT HXT  sing N N 127 
GLU N   CA   sing N N 128 
GLU N   H    sing N N 129 
GLU N   H2   sing N N 130 
GLU CA  C    sing N N 131 
GLU CA  CB   sing N N 132 
GLU CA  HA   sing N N 133 
GLU C   O    doub N N 134 
GLU C   OXT  sing N N 135 
GLU CB  CG   sing N N 136 
GLU CB  HB2  sing N N 137 
GLU CB  HB3  sing N N 138 
GLU CG  CD   sing N N 139 
GLU CG  HG2  sing N N 140 
GLU CG  HG3  sing N N 141 
GLU CD  OE1  doub N N 142 
GLU CD  OE2  sing N N 143 
GLU OE2 HE2  sing N N 144 
GLU OXT HXT  sing N N 145 
GLY N   CA   sing N N 146 
GLY N   H    sing N N 147 
GLY N   H2   sing N N 148 
GLY CA  C    sing N N 149 
GLY CA  HA2  sing N N 150 
GLY CA  HA3  sing N N 151 
GLY C   O    doub N N 152 
GLY C   OXT  sing N N 153 
GLY OXT HXT  sing N N 154 
HIS N   CA   sing N N 155 
HIS N   H    sing N N 156 
HIS N   H2   sing N N 157 
HIS CA  C    sing N N 158 
HIS CA  CB   sing N N 159 
HIS CA  HA   sing N N 160 
HIS C   O    doub N N 161 
HIS C   OXT  sing N N 162 
HIS CB  CG   sing N N 163 
HIS CB  HB2  sing N N 164 
HIS CB  HB3  sing N N 165 
HIS CG  ND1  sing Y N 166 
HIS CG  CD2  doub Y N 167 
HIS ND1 CE1  doub Y N 168 
HIS ND1 HD1  sing N N 169 
HIS CD2 NE2  sing Y N 170 
HIS CD2 HD2  sing N N 171 
HIS CE1 NE2  sing Y N 172 
HIS CE1 HE1  sing N N 173 
HIS NE2 HE2  sing N N 174 
HIS OXT HXT  sing N N 175 
HOH O   H1   sing N N 176 
HOH O   H2   sing N N 177 
ILE N   CA   sing N N 178 
ILE N   H    sing N N 179 
ILE N   H2   sing N N 180 
ILE CA  C    sing N N 181 
ILE CA  CB   sing N N 182 
ILE CA  HA   sing N N 183 
ILE C   O    doub N N 184 
ILE C   OXT  sing N N 185 
ILE CB  CG1  sing N N 186 
ILE CB  CG2  sing N N 187 
ILE CB  HB   sing N N 188 
ILE CG1 CD1  sing N N 189 
ILE CG1 HG12 sing N N 190 
ILE CG1 HG13 sing N N 191 
ILE CG2 HG21 sing N N 192 
ILE CG2 HG22 sing N N 193 
ILE CG2 HG23 sing N N 194 
ILE CD1 HD11 sing N N 195 
ILE CD1 HD12 sing N N 196 
ILE CD1 HD13 sing N N 197 
ILE OXT HXT  sing N N 198 
LEU N   CA   sing N N 199 
LEU N   H    sing N N 200 
LEU N   H2   sing N N 201 
LEU CA  C    sing N N 202 
LEU CA  CB   sing N N 203 
LEU CA  HA   sing N N 204 
LEU C   O    doub N N 205 
LEU C   OXT  sing N N 206 
LEU CB  CG   sing N N 207 
LEU CB  HB2  sing N N 208 
LEU CB  HB3  sing N N 209 
LEU CG  CD1  sing N N 210 
LEU CG  CD2  sing N N 211 
LEU CG  HG   sing N N 212 
LEU CD1 HD11 sing N N 213 
LEU CD1 HD12 sing N N 214 
LEU CD1 HD13 sing N N 215 
LEU CD2 HD21 sing N N 216 
LEU CD2 HD22 sing N N 217 
LEU CD2 HD23 sing N N 218 
LEU OXT HXT  sing N N 219 
LYS N   CA   sing N N 220 
LYS N   H    sing N N 221 
LYS N   H2   sing N N 222 
LYS CA  C    sing N N 223 
LYS CA  CB   sing N N 224 
LYS CA  HA   sing N N 225 
LYS C   O    doub N N 226 
LYS C   OXT  sing N N 227 
LYS CB  CG   sing N N 228 
LYS CB  HB2  sing N N 229 
LYS CB  HB3  sing N N 230 
LYS CG  CD   sing N N 231 
LYS CG  HG2  sing N N 232 
LYS CG  HG3  sing N N 233 
LYS CD  CE   sing N N 234 
LYS CD  HD2  sing N N 235 
LYS CD  HD3  sing N N 236 
LYS CE  NZ   sing N N 237 
LYS CE  HE2  sing N N 238 
LYS CE  HE3  sing N N 239 
LYS NZ  HZ1  sing N N 240 
LYS NZ  HZ2  sing N N 241 
LYS NZ  HZ3  sing N N 242 
LYS OXT HXT  sing N N 243 
MET N   CA   sing N N 244 
MET N   H    sing N N 245 
MET N   H2   sing N N 246 
MET CA  C    sing N N 247 
MET CA  CB   sing N N 248 
MET CA  HA   sing N N 249 
MET C   O    doub N N 250 
MET C   OXT  sing N N 251 
MET CB  CG   sing N N 252 
MET CB  HB2  sing N N 253 
MET CB  HB3  sing N N 254 
MET CG  SD   sing N N 255 
MET CG  HG2  sing N N 256 
MET CG  HG3  sing N N 257 
MET SD  CE   sing N N 258 
MET CE  HE1  sing N N 259 
MET CE  HE2  sing N N 260 
MET CE  HE3  sing N N 261 
MET OXT HXT  sing N N 262 
PHE N   CA   sing N N 263 
PHE N   H    sing N N 264 
PHE N   H2   sing N N 265 
PHE CA  C    sing N N 266 
PHE CA  CB   sing N N 267 
PHE CA  HA   sing N N 268 
PHE C   O    doub N N 269 
PHE C   OXT  sing N N 270 
PHE CB  CG   sing N N 271 
PHE CB  HB2  sing N N 272 
PHE CB  HB3  sing N N 273 
PHE CG  CD1  doub Y N 274 
PHE CG  CD2  sing Y N 275 
PHE CD1 CE1  sing Y N 276 
PHE CD1 HD1  sing N N 277 
PHE CD2 CE2  doub Y N 278 
PHE CD2 HD2  sing N N 279 
PHE CE1 CZ   doub Y N 280 
PHE CE1 HE1  sing N N 281 
PHE CE2 CZ   sing Y N 282 
PHE CE2 HE2  sing N N 283 
PHE CZ  HZ   sing N N 284 
PHE OXT HXT  sing N N 285 
PRO N   CA   sing N N 286 
PRO N   CD   sing N N 287 
PRO N   H    sing N N 288 
PRO CA  C    sing N N 289 
PRO CA  CB   sing N N 290 
PRO CA  HA   sing N N 291 
PRO C   O    doub N N 292 
PRO C   OXT  sing N N 293 
PRO CB  CG   sing N N 294 
PRO CB  HB2  sing N N 295 
PRO CB  HB3  sing N N 296 
PRO CG  CD   sing N N 297 
PRO CG  HG2  sing N N 298 
PRO CG  HG3  sing N N 299 
PRO CD  HD2  sing N N 300 
PRO CD  HD3  sing N N 301 
PRO OXT HXT  sing N N 302 
SER N   CA   sing N N 303 
SER N   H    sing N N 304 
SER N   H2   sing N N 305 
SER CA  C    sing N N 306 
SER CA  CB   sing N N 307 
SER CA  HA   sing N N 308 
SER C   O    doub N N 309 
SER C   OXT  sing N N 310 
SER CB  OG   sing N N 311 
SER CB  HB2  sing N N 312 
SER CB  HB3  sing N N 313 
SER OG  HG   sing N N 314 
SER OXT HXT  sing N N 315 
THR N   CA   sing N N 316 
THR N   H    sing N N 317 
THR N   H2   sing N N 318 
THR CA  C    sing N N 319 
THR CA  CB   sing N N 320 
THR CA  HA   sing N N 321 
THR C   O    doub N N 322 
THR C   OXT  sing N N 323 
THR CB  OG1  sing N N 324 
THR CB  CG2  sing N N 325 
THR CB  HB   sing N N 326 
THR OG1 HG1  sing N N 327 
THR CG2 HG21 sing N N 328 
THR CG2 HG22 sing N N 329 
THR CG2 HG23 sing N N 330 
THR OXT HXT  sing N N 331 
TRP N   CA   sing N N 332 
TRP N   H    sing N N 333 
TRP N   H2   sing N N 334 
TRP CA  C    sing N N 335 
TRP CA  CB   sing N N 336 
TRP CA  HA   sing N N 337 
TRP C   O    doub N N 338 
TRP C   OXT  sing N N 339 
TRP CB  CG   sing N N 340 
TRP CB  HB2  sing N N 341 
TRP CB  HB3  sing N N 342 
TRP CG  CD1  doub Y N 343 
TRP CG  CD2  sing Y N 344 
TRP CD1 NE1  sing Y N 345 
TRP CD1 HD1  sing N N 346 
TRP CD2 CE2  doub Y N 347 
TRP CD2 CE3  sing Y N 348 
TRP NE1 CE2  sing Y N 349 
TRP NE1 HE1  sing N N 350 
TRP CE2 CZ2  sing Y N 351 
TRP CE3 CZ3  doub Y N 352 
TRP CE3 HE3  sing N N 353 
TRP CZ2 CH2  doub Y N 354 
TRP CZ2 HZ2  sing N N 355 
TRP CZ3 CH2  sing Y N 356 
TRP CZ3 HZ3  sing N N 357 
TRP CH2 HH2  sing N N 358 
TRP OXT HXT  sing N N 359 
TYR N   CA   sing N N 360 
TYR N   H    sing N N 361 
TYR N   H2   sing N N 362 
TYR CA  C    sing N N 363 
TYR CA  CB   sing N N 364 
TYR CA  HA   sing N N 365 
TYR C   O    doub N N 366 
TYR C   OXT  sing N N 367 
TYR CB  CG   sing N N 368 
TYR CB  HB2  sing N N 369 
TYR CB  HB3  sing N N 370 
TYR CG  CD1  doub Y N 371 
TYR CG  CD2  sing Y N 372 
TYR CD1 CE1  sing Y N 373 
TYR CD1 HD1  sing N N 374 
TYR CD2 CE2  doub Y N 375 
TYR CD2 HD2  sing N N 376 
TYR CE1 CZ   doub Y N 377 
TYR CE1 HE1  sing N N 378 
TYR CE2 CZ   sing Y N 379 
TYR CE2 HE2  sing N N 380 
TYR CZ  OH   sing N N 381 
TYR OH  HH   sing N N 382 
TYR OXT HXT  sing N N 383 
# 
_atom_sites.entry_id                    1CEB 
_atom_sites.fract_transf_matrix[1][1]   -0.00508360 
_atom_sites.fract_transf_matrix[1][2]   -0.00579489 
_atom_sites.fract_transf_matrix[1][3]   -0.01350707 
_atom_sites.fract_transf_matrix[2][1]   -0.01766464 
_atom_sites.fract_transf_matrix[2][2]   0.00698028 
_atom_sites.fract_transf_matrix[2][3]   0.00365364 
_atom_sites.fract_transf_matrix[3][1]   0.00519347 
_atom_sites.fract_transf_matrix[3][2]   0.01826832 
_atom_sites.fract_transf_matrix[3][3]   -0.00979224 
_atom_sites.fract_transf_vector[1]      0.274161 
_atom_sites.fract_transf_vector[2]      -0.251190 
_atom_sites.fract_transf_vector[3]      0.863882 
# 
loop_
_atom_sites_footnote.id 
_atom_sites_footnote.text 
1 'CIS PROLINE - PRO A    30' 
2 'CIS PROLINE - PRO B    30' 
# 
loop_
_atom_type.symbol 
C 
N 
O 
S 
# 
loop_
_atom_site.group_PDB 
_atom_site.id 
_atom_site.type_symbol 
_atom_site.label_atom_id 
_atom_site.label_alt_id 
_atom_site.label_comp_id 
_atom_site.label_asym_id 
_atom_site.label_entity_id 
_atom_site.label_seq_id 
_atom_site.pdbx_PDB_ins_code 
_atom_site.Cartn_x 
_atom_site.Cartn_y 
_atom_site.Cartn_z 
_atom_site.occupancy 
_atom_site.B_iso_or_equiv 
_atom_site.pdbx_formal_charge 
_atom_site.auth_seq_id 
_atom_site.auth_comp_id 
_atom_site.auth_asym_id 
_atom_site.auth_atom_id 
_atom_site.pdbx_PDB_model_num 
ATOM   1    N N   . GLU A 1 3  A -15.953 -5.682  18.957  1.00 31.70 ? 1   GLU A N   1 
ATOM   2    C CA  . GLU A 1 3  A -14.898 -4.696  19.331  1.00 30.34 ? 1   GLU A CA  1 
ATOM   3    C C   . GLU A 1 3  A -15.454 -3.297  19.107  1.00 28.95 ? 1   GLU A C   1 
ATOM   4    O O   . GLU A 1 3  A -16.469 -3.241  18.364  1.00 30.14 ? 1   GLU A O   1 
ATOM   5    C CB  . GLU A 1 3  A -13.682 -4.949  18.419  1.00 31.18 ? 1   GLU A CB  1 
ATOM   6    C CG  . GLU A 1 3  A -12.350 -4.373  18.973  1.00 31.47 ? 1   GLU A CG  1 
ATOM   7    C CD  . GLU A 1 3  A -12.550 -4.419  20.476  1.00 32.40 ? 1   GLU A CD  1 
ATOM   8    O OE1 . GLU A 1 3  A -13.640 -4.958  20.764  1.00 32.08 ? 1   GLU A OE1 1 
ATOM   9    O OE2 . GLU A 1 3  A -11.689 -3.891  21.216  1.00 34.41 ? 1   GLU A OE2 1 
ATOM   10   N N   . CYS A 1 4  ? -14.806 -2.254  19.571  1.00 26.73 ? 1   CYS A N   1 
ATOM   11   C CA  . CYS A 1 4  ? -15.235 -0.871  19.285  1.00 25.42 ? 1   CYS A CA  1 
ATOM   12   C C   . CYS A 1 4  ? -14.080 -0.127  18.586  1.00 24.48 ? 1   CYS A C   1 
ATOM   13   O O   . CYS A 1 4  ? -12.905 -0.491  18.742  1.00 24.07 ? 1   CYS A O   1 
ATOM   14   C CB  . CYS A 1 4  ? -15.671 -0.067  20.492  1.00 23.06 ? 1   CYS A CB  1 
ATOM   15   S SG  . CYS A 1 4  ? -14.588 -0.262  21.906  1.00 24.91 ? 1   CYS A SG  1 
ATOM   16   N N   . LYS A 1 5  ? -14.425 1.007   18.015  1.00 24.12 ? 2   LYS A N   1 
ATOM   17   C CA  . LYS A 1 5  ? -13.508 1.943   17.345  1.00 22.78 ? 2   LYS A CA  1 
ATOM   18   C C   . LYS A 1 5  ? -13.410 3.240   18.169  1.00 23.49 ? 2   LYS A C   1 
ATOM   19   O O   . LYS A 1 5  ? -14.246 3.659   18.985  1.00 21.62 ? 2   LYS A O   1 
ATOM   20   C CB  . LYS A 1 5  ? -13.942 2.364   15.946  1.00 22.52 ? 2   LYS A CB  1 
ATOM   21   C CG  . LYS A 1 5  ? -13.869 3.850   15.634  1.00 23.25 ? 2   LYS A CG  1 
ATOM   22   C CD  . LYS A 1 5  ? -15.281 4.416   15.329  1.00 25.21 ? 2   LYS A CD  1 
ATOM   23   C CE  . LYS A 1 5  ? -15.498 4.679   13.840  1.00 24.60 ? 2   LYS A CE  1 
ATOM   24   N NZ  . LYS A 1 5  ? -15.484 6.131   13.554  1.00 24.53 ? 2   LYS A NZ  1 
ATOM   25   N N   . THR A 1 6  ? -12.213 3.819   18.017  1.00 22.75 ? 3   THR A N   1 
ATOM   26   C CA  . THR A 1 6  ? -12.005 5.134   18.679  1.00 21.87 ? 3   THR A CA  1 
ATOM   27   C C   . THR A 1 6  ? -11.403 5.977   17.562  1.00 21.44 ? 3   THR A C   1 
ATOM   28   O O   . THR A 1 6  ? -10.825 5.407   16.611  1.00 20.40 ? 3   THR A O   1 
ATOM   29   C CB  . THR A 1 6  ? -11.276 4.887   20.040  1.00 22.29 ? 3   THR A CB  1 
ATOM   30   O OG1 . THR A 1 6  ? -9.887  5.304   19.929  1.00 23.05 ? 3   THR A OG1 1 
ATOM   31   C CG2 . THR A 1 6  ? -11.405 3.407   20.457  1.00 21.92 ? 3   THR A CG2 1 
ATOM   32   N N   . GLY A 1 7  ? -11.847 7.219   17.488  1.00 21.58 ? 4   GLY A N   1 
ATOM   33   C CA  . GLY A 1 7  ? -11.464 8.125   16.388  1.00 20.99 ? 4   GLY A CA  1 
ATOM   34   C C   . GLY A 1 7  ? -12.017 7.504   15.081  1.00 20.92 ? 4   GLY A C   1 
ATOM   35   O O   . GLY A 1 7  ? -13.200 7.161   14.955  1.00 20.07 ? 4   GLY A O   1 
ATOM   36   N N   . ASN A 1 8  ? -11.122 7.369   14.126  1.00 21.05 ? 5   ASN A N   1 
ATOM   37   C CA  . ASN A 1 8  ? -11.387 6.869   12.787  1.00 21.20 ? 5   ASN A CA  1 
ATOM   38   C C   . ASN A 1 8  ? -11.276 5.334   12.749  1.00 19.30 ? 5   ASN A C   1 
ATOM   39   O O   . ASN A 1 8  ? -11.712 4.740   11.742  1.00 17.36 ? 5   ASN A O   1 
ATOM   40   C CB  . ASN A 1 8  ? -10.505 7.545   11.714  1.00 26.36 ? 5   ASN A CB  1 
ATOM   41   C CG  . ASN A 1 8  ? -9.144  6.877   11.527  1.00 29.93 ? 5   ASN A CG  1 
ATOM   42   O OD1 . ASN A 1 8  ? -8.796  6.339   10.448  1.00 31.20 ? 5   ASN A OD1 1 
ATOM   43   N ND2 . ASN A 1 8  ? -8.315  6.953   12.592  1.00 30.20 ? 5   ASN A ND2 1 
ATOM   44   N N   . GLY A 1 9  ? -10.726 4.831   13.854  1.00 18.52 ? 6   GLY A N   1 
ATOM   45   C CA  . GLY A 1 9  ? -10.563 3.376   13.980  1.00 17.93 ? 6   GLY A CA  1 
ATOM   46   C C   . GLY A 1 9  ? -9.401  2.851   13.082  1.00 18.15 ? 6   GLY A C   1 
ATOM   47   O O   . GLY A 1 9  ? -9.479  1.779   12.434  1.00 17.42 ? 6   GLY A O   1 
ATOM   48   N N   . LYS A 1 10 ? -8.360  3.679   13.154  1.00 17.28 ? 7   LYS A N   1 
ATOM   49   C CA  . LYS A 1 10 ? -7.070  3.463   12.532  1.00 17.23 ? 7   LYS A CA  1 
ATOM   50   C C   . LYS A 1 10 ? -6.436  2.208   13.171  1.00 17.61 ? 7   LYS A C   1 
ATOM   51   O O   . LYS A 1 10 ? -5.895  1.232   12.555  1.00 16.85 ? 7   LYS A O   1 
ATOM   52   C CB  . LYS A 1 10 ? -6.110  4.634   12.798  1.00 15.82 ? 7   LYS A CB  1 
ATOM   53   C CG  . LYS A 1 10 ? -5.748  5.317   11.465  1.00 20.73 ? 7   LYS A CG  1 
ATOM   54   C CD  . LYS A 1 10 ? -5.466  4.244   10.398  1.00 21.70 ? 7   LYS A CD  1 
ATOM   55   C CE  . LYS A 1 10 ? -4.030  4.061   9.939   1.00 20.34 ? 7   LYS A CE  1 
ATOM   56   N NZ  . LYS A 1 10 ? -3.866  2.880   9.052   1.00 22.34 ? 7   LYS A NZ  1 
ATOM   57   N N   . ASN A 1 11 ? -6.744  2.216   14.460  1.00 15.55 ? 8   ASN A N   1 
ATOM   58   C CA  . ASN A 1 11 ? -6.207  1.098   15.275  1.00 16.24 ? 8   ASN A CA  1 
ATOM   59   C C   . ASN A 1 11 ? -7.264  0.049   15.603  1.00 15.10 ? 8   ASN A C   1 
ATOM   60   O O   . ASN A 1 11 ? -6.981  -0.857  16.408  1.00 14.28 ? 8   ASN A O   1 
ATOM   61   C CB  . ASN A 1 11 ? -5.432  1.764   16.402  1.00 18.51 ? 8   ASN A CB  1 
ATOM   62   C CG  . ASN A 1 11 ? -4.103  2.303   15.883  1.00 23.31 ? 8   ASN A CG  1 
ATOM   63   O OD1 . ASN A 1 11 ? -3.639  3.390   16.282  1.00 26.40 ? 8   ASN A OD1 1 
ATOM   64   N ND2 . ASN A 1 11 ? -3.431  1.546   14.997  1.00 26.91 ? 8   ASN A ND2 1 
ATOM   65   N N   . TYR A 1 12 ? -8.377  0.086   14.887  1.00 15.93 ? 9   TYR A N   1 
ATOM   66   C CA  . TYR A 1 12 ? -9.434  -0.906  15.159  1.00 16.56 ? 9   TYR A CA  1 
ATOM   67   C C   . TYR A 1 12 ? -9.047  -2.336  14.724  1.00 17.28 ? 9   TYR A C   1 
ATOM   68   O O   . TYR A 1 12 ? -8.828  -2.553  13.517  1.00 15.22 ? 9   TYR A O   1 
ATOM   69   C CB  . TYR A 1 12 ? -10.752 -0.534  14.434  1.00 15.82 ? 9   TYR A CB  1 
ATOM   70   C CG  . TYR A 1 12 ? -11.864 -1.555  14.557  1.00 15.94 ? 9   TYR A CG  1 
ATOM   71   C CD1 . TYR A 1 12 ? -12.513 -1.807  15.788  1.00 15.87 ? 9   TYR A CD1 1 
ATOM   72   C CD2 . TYR A 1 12 ? -12.168 -2.332  13.465  1.00 13.97 ? 9   TYR A CD2 1 
ATOM   73   C CE1 . TYR A 1 12 ? -13.514 -2.780  15.874  1.00 15.43 ? 9   TYR A CE1 1 
ATOM   74   C CE2 . TYR A 1 12 ? -13.194 -3.265  13.522  1.00 15.88 ? 9   TYR A CE2 1 
ATOM   75   C CZ  . TYR A 1 12 ? -13.929 -3.405  14.702  1.00 15.89 ? 9   TYR A CZ  1 
ATOM   76   O OH  . TYR A 1 12 ? -14.933 -4.344  14.703  1.00 12.62 ? 9   TYR A OH  1 
ATOM   77   N N   . ARG A 1 13 ? -9.191  -3.242  15.688  1.00 17.43 ? 10  ARG A N   1 
ATOM   78   C CA  . ARG A 1 13 ? -8.908  -4.650  15.340  1.00 18.26 ? 10  ARG A CA  1 
ATOM   79   C C   . ARG A 1 13 ? -10.011 -5.631  15.763  1.00 17.98 ? 10  ARG A C   1 
ATOM   80   O O   . ARG A 1 13 ? -9.802  -6.798  16.119  1.00 17.91 ? 10  ARG A O   1 
ATOM   81   C CB  . ARG A 1 13 ? -7.516  -5.065  15.812  1.00 21.66 ? 10  ARG A CB  1 
ATOM   82   C CG  . ARG A 1 13 ? -6.312  -4.670  14.967  1.00 25.35 ? 10  ARG A CG  1 
ATOM   83   C CD  . ARG A 1 13 ? -6.438  -4.797  13.465  1.00 26.65 ? 10  ARG A CD  1 
ATOM   84   N NE  . ARG A 1 13 ? -6.563  -3.468  12.823  1.00 30.15 ? 10  ARG A NE  1 
ATOM   85   C CZ  . ARG A 1 13 ? -5.683  -2.452  12.912  1.00 29.54 ? 10  ARG A CZ  1 
ATOM   86   N NH1 . ARG A 1 13 ? -4.483  -2.546  13.521  1.00 30.33 ? 10  ARG A NH1 1 
ATOM   87   N NH2 . ARG A 1 13 ? -5.984  -1.289  12.339  1.00 29.70 ? 10  ARG A NH2 1 
ATOM   88   N N   . GLY A 1 14 ? -11.257 -5.248  15.471  1.00 18.73 ? 11  GLY A N   1 
ATOM   89   C CA  . GLY A 1 14 ? -12.456 -6.062  15.748  1.00 16.31 ? 11  GLY A CA  1 
ATOM   90   C C   . GLY A 1 14 ? -12.610 -7.058  14.602  1.00 16.22 ? 11  GLY A C   1 
ATOM   91   O O   . GLY A 1 14 ? -11.695 -7.351  13.813  1.00 16.61 ? 11  GLY A O   1 
ATOM   92   N N   . THR A 1 15 ? -13.807 -7.616  14.551  1.00 15.09 ? 12  THR A N   1 
ATOM   93   C CA  . THR A 1 15 ? -14.162 -8.647  13.585  1.00 13.14 ? 12  THR A CA  1 
ATOM   94   C C   . THR A 1 15 ? -15.463 -8.267  12.882  1.00 10.99 ? 12  THR A C   1 
ATOM   95   O O   . THR A 1 15 ? -16.082 -9.218  12.418  1.00 11.06 ? 12  THR A O   1 
ATOM   96   C CB  . THR A 1 15 ? -14.241 -10.091 14.237  1.00 14.97 ? 12  THR A CB  1 
ATOM   97   O OG1 . THR A 1 15 ? -15.344 -10.127 15.245  1.00 17.08 ? 12  THR A OG1 1 
ATOM   98   C CG2 . THR A 1 15 ? -12.944 -10.553 14.914  1.00 13.22 ? 12  THR A CG2 1 
ATOM   99   N N   . MET A 1 16 ? -15.830 -7.018  12.746  1.00 10.01 ? 13  MET A N   1 
ATOM   100  C CA  . MET A 1 16 ? -17.071 -6.719  11.958  1.00 10.88 ? 13  MET A CA  1 
ATOM   101  C C   . MET A 1 16 ? -16.772 -7.203  10.509  1.00 11.31 ? 13  MET A C   1 
ATOM   102  O O   . MET A 1 16 ? -15.645 -6.897  9.942   1.00 11.49 ? 13  MET A O   1 
ATOM   103  C CB  . MET A 1 16 ? -17.418 -5.239  12.070  1.00 11.85 ? 13  MET A CB  1 
ATOM   104  C CG  . MET A 1 16 ? -18.807 -4.869  12.481  1.00 16.41 ? 13  MET A CG  1 
ATOM   105  S SD  . MET A 1 16 ? -20.136 -5.715  11.535  1.00 17.52 ? 13  MET A SD  1 
ATOM   106  C CE  . MET A 1 16 ? -20.347 -4.518  10.164  1.00 20.72 ? 13  MET A CE  1 
ATOM   107  N N   . SER A 1 17 ? -17.657 -7.897  9.871   1.00 10.00 ? 14  SER A N   1 
ATOM   108  C CA  . SER A 1 17 ? -17.493 -8.447  8.538   1.00 10.00 ? 14  SER A CA  1 
ATOM   109  C C   . SER A 1 17 ? -18.578 -8.081  7.534   1.00 10.91 ? 14  SER A C   1 
ATOM   110  O O   . SER A 1 17 ? -18.621 -8.573  6.358   1.00 12.42 ? 14  SER A O   1 
ATOM   111  C CB  . SER A 1 17 ? -17.355 -9.945  8.550   1.00 10.49 ? 14  SER A CB  1 
ATOM   112  O OG  . SER A 1 17 ? -18.271 -10.756 9.207   1.00 10.00 ? 14  SER A OG  1 
ATOM   113  N N   . LYS A 1 18 ? -19.411 -7.108  7.944   1.00 10.83 ? 15  LYS A N   1 
ATOM   114  C CA  . LYS A 1 18 ? -20.417 -6.665  6.929   1.00 11.47 ? 15  LYS A CA  1 
ATOM   115  C C   . LYS A 1 18 ? -20.331 -5.154  6.992   1.00 11.04 ? 15  LYS A C   1 
ATOM   116  O O   . LYS A 1 18 ? -19.953 -4.677  8.056   1.00 10.63 ? 15  LYS A O   1 
ATOM   117  C CB  . LYS A 1 18 ? -21.794 -7.243  7.102   1.00 14.34 ? 15  LYS A CB  1 
ATOM   118  C CG  . LYS A 1 18 ? -22.118 -8.326  6.042   1.00 18.13 ? 15  LYS A CG  1 
ATOM   119  C CD  . LYS A 1 18 ? -23.345 -9.115  6.506   1.00 22.99 ? 15  LYS A CD  1 
ATOM   120  C CE  . LYS A 1 18 ? -23.329 -9.188  8.042   1.00 21.25 ? 15  LYS A CE  1 
ATOM   121  N NZ  . LYS A 1 18 ? -22.766 -10.508 8.431   1.00 26.82 ? 15  LYS A NZ  1 
ATOM   122  N N   . THR A 1 19 ? -20.615 -4.429  5.930   1.00 12.98 ? 16  THR A N   1 
ATOM   123  C CA  . THR A 1 19 ? -20.608 -2.938  5.950   1.00 12.91 ? 16  THR A CA  1 
ATOM   124  C C   . THR A 1 19 ? -21.804 -2.371  6.724   1.00 14.76 ? 16  THR A C   1 
ATOM   125  O O   . THR A 1 19 ? -22.696 -3.171  7.170   1.00 15.41 ? 16  THR A O   1 
ATOM   126  C CB  . THR A 1 19 ? -20.693 -2.411  4.482   1.00 10.61 ? 16  THR A CB  1 
ATOM   127  O OG1 . THR A 1 19 ? -21.757 -3.245  3.957   1.00 10.17 ? 16  THR A OG1 1 
ATOM   128  C CG2 . THR A 1 19 ? -19.464 -2.526  3.611   1.00 12.53 ? 16  THR A CG2 1 
ATOM   129  N N   . LYS A 1 20 ? -21.975 -1.055  6.598   1.00 14.45 ? 17  LYS A N   1 
ATOM   130  C CA  . LYS A 1 20 ? -23.104 -0.446  7.374   1.00 15.39 ? 17  LYS A CA  1 
ATOM   131  C C   . LYS A 1 20 ? -24.426 -0.822  6.690   1.00 16.52 ? 17  LYS A C   1 
ATOM   132  O O   . LYS A 1 20 ? -25.488 -0.858  7.343   1.00 16.56 ? 17  LYS A O   1 
ATOM   133  C CB  . LYS A 1 20 ? -22.776 1.053   7.563   1.00 13.26 ? 17  LYS A CB  1 
ATOM   134  C CG  . LYS A 1 20 ? -23.411 1.848   6.417   1.00 16.26 ? 17  LYS A CG  1 
ATOM   135  C CD  . LYS A 1 20 ? -22.478 2.246   5.309   1.00 17.11 ? 17  LYS A CD  1 
ATOM   136  C CE  . LYS A 1 20 ? -22.923 3.585   4.680   1.00 18.00 ? 17  LYS A CE  1 
ATOM   137  N NZ  . LYS A 1 20 ? -23.678 3.362   3.408   1.00 15.13 ? 17  LYS A NZ  1 
ATOM   138  N N   . ASN A 1 21 ? -24.396 -1.376  5.478   1.00 17.85 ? 18  ASN A N   1 
ATOM   139  C CA  . ASN A 1 21 ? -25.536 -1.862  4.700   1.00 19.63 ? 18  ASN A CA  1 
ATOM   140  C C   . ASN A 1 21 ? -25.796 -3.357  4.960   1.00 20.06 ? 18  ASN A C   1 
ATOM   141  O O   . ASN A 1 21 ? -26.608 -3.963  4.213   1.00 21.14 ? 18  ASN A O   1 
ATOM   142  C CB  . ASN A 1 21 ? -25.410 -1.596  3.191   1.00 22.56 ? 18  ASN A CB  1 
ATOM   143  C CG  . ASN A 1 21 ? -25.562 -0.105  2.924   1.00 26.75 ? 18  ASN A CG  1 
ATOM   144  O OD1 . ASN A 1 21 ? -24.560 0.638   3.005   1.00 28.36 ? 18  ASN A OD1 1 
ATOM   145  N ND2 . ASN A 1 21 ? -26.834 0.316   2.753   1.00 28.79 ? 18  ASN A ND2 1 
ATOM   146  N N   . GLY A 1 22 ? -24.960 -3.913  5.817   1.00 19.88 ? 19  GLY A N   1 
ATOM   147  C CA  . GLY A 1 22 ? -25.035 -5.350  6.130   1.00 19.48 ? 19  GLY A CA  1 
ATOM   148  C C   . GLY A 1 22 ? -24.490 -6.296  5.082   1.00 19.05 ? 19  GLY A C   1 
ATOM   149  O O   . GLY A 1 22 ? -24.720 -7.525  5.158   1.00 18.78 ? 19  GLY A O   1 
ATOM   150  N N   . ILE A 1 23 ? -23.886 -5.813  3.994   1.00 18.93 ? 20  ILE A N   1 
ATOM   151  C CA  . ILE A 1 23 ? -23.277 -6.642  2.959   1.00 16.97 ? 20  ILE A CA  1 
ATOM   152  C C   . ILE A 1 23 ? -21.913 -7.218  3.499   1.00 16.75 ? 20  ILE A C   1 
ATOM   153  O O   . ILE A 1 23 ? -21.125 -6.466  4.131   1.00 14.53 ? 20  ILE A O   1 
ATOM   154  C CB  . ILE A 1 23 ? -22.809 -5.979  1.616   1.00 17.38 ? 20  ILE A CB  1 
ATOM   155  C CG1 . ILE A 1 23 ? -22.063 -7.119  0.864   1.00 16.68 ? 20  ILE A CG1 1 
ATOM   156  C CG2 . ILE A 1 23 ? -21.975 -4.702  1.909   1.00 17.49 ? 20  ILE A CG2 1 
ATOM   157  C CD1 . ILE A 1 23 ? -21.848 -6.989  -0.687  1.00 16.65 ? 20  ILE A CD1 1 
ATOM   158  N N   . THR A 1 24 ? -21.787 -8.464  3.002   1.00 15.56 ? 21  THR A N   1 
ATOM   159  C CA  . THR A 1 24 ? -20.620 -9.261  3.386   1.00 16.88 ? 21  THR A CA  1 
ATOM   160  C C   . THR A 1 24 ? -19.296 -8.776  2.767   1.00 14.92 ? 21  THR A C   1 
ATOM   161  O O   . THR A 1 24 ? -19.260 -8.668  1.553   1.00 13.91 ? 21  THR A O   1 
ATOM   162  C CB  . THR A 1 24 ? -20.752 -10.789 3.060   1.00 18.83 ? 21  THR A CB  1 
ATOM   163  O OG1 . THR A 1 24 ? -21.503 -11.446 4.122   1.00 20.92 ? 21  THR A OG1 1 
ATOM   164  C CG2 . THR A 1 24 ? -19.346 -11.459 2.960   1.00 20.47 ? 21  THR A CG2 1 
ATOM   165  N N   . CYS A 1 25 ? -18.312 -8.613  3.665   1.00 15.09 ? 22  CYS A N   1 
ATOM   166  C CA  . CYS A 1 25 ? -16.995 -8.218  3.087   1.00 15.51 ? 22  CYS A CA  1 
ATOM   167  C C   . CYS A 1 25 ? -16.475 -9.259  2.096   1.00 14.35 ? 22  CYS A C   1 
ATOM   168  O O   . CYS A 1 25 ? -17.162 -10.138 1.552   1.00 14.97 ? 22  CYS A O   1 
ATOM   169  C CB  . CYS A 1 25 ? -16.080 -7.941  4.262   1.00 13.61 ? 22  CYS A CB  1 
ATOM   170  S SG  . CYS A 1 25 ? -16.627 -6.503  5.191   1.00 16.46 ? 22  CYS A SG  1 
ATOM   171  N N   . GLN A 1 26 ? -15.341 -8.930  1.514   1.00 15.47 ? 23  GLN A N   1 
ATOM   172  C CA  . GLN A 1 26 ? -14.426 -9.753  0.698   1.00 13.88 ? 23  GLN A CA  1 
ATOM   173  C C   . GLN A 1 26 ? -13.201 -9.816  1.639   1.00 15.48 ? 23  GLN A C   1 
ATOM   174  O O   . GLN A 1 26 ? -13.062 -8.941  2.563   1.00 13.95 ? 23  GLN A O   1 
ATOM   175  C CB  . GLN A 1 26 ? -13.889 -9.075  -0.539  1.00 14.97 ? 23  GLN A CB  1 
ATOM   176  C CG  . GLN A 1 26 ? -13.407 -9.973  -1.714  1.00 10.40 ? 23  GLN A CG  1 
ATOM   177  C CD  . GLN A 1 26 ? -12.816 -9.000  -2.736  1.00 12.34 ? 23  GLN A CD  1 
ATOM   178  O OE1 . GLN A 1 26 ? -13.539 -8.700  -3.667  1.00 11.36 ? 23  GLN A OE1 1 
ATOM   179  N NE2 . GLN A 1 26 ? -11.545 -8.570  -2.608  1.00 10.00 ? 23  GLN A NE2 1 
ATOM   180  N N   . LYS A 1 27 ? -12.360 -10.833 1.415   1.00 17.19 ? 24  LYS A N   1 
ATOM   181  C CA  . LYS A 1 27 ? -11.097 -10.894 2.254   1.00 16.07 ? 24  LYS A CA  1 
ATOM   182  C C   . LYS A 1 27 ? -10.066 -9.937  1.632   1.00 14.68 ? 24  LYS A C   1 
ATOM   183  O O   . LYS A 1 27 ? -10.013 -9.664  0.419   1.00 13.51 ? 24  LYS A O   1 
ATOM   184  C CB  . LYS A 1 27 ? -10.513 -12.305 2.393   1.00 17.05 ? 24  LYS A CB  1 
ATOM   185  C CG  . LYS A 1 27 ? -11.638 -13.329 2.723   1.00 19.71 ? 24  LYS A CG  1 
ATOM   186  C CD  . LYS A 1 27 ? -11.243 -14.160 3.937   1.00 24.46 ? 24  LYS A CD  1 
ATOM   187  C CE  . LYS A 1 27 ? -12.305 -15.149 4.382   1.00 23.95 ? 24  LYS A CE  1 
ATOM   188  N NZ  . LYS A 1 27 ? -12.661 -16.079 3.250   1.00 25.11 ? 24  LYS A NZ  1 
ATOM   189  N N   . TRP A 1 28 ? -9.191  -9.467  2.516   1.00 14.84 ? 25  TRP A N   1 
ATOM   190  C CA  . TRP A 1 28 ? -8.145  -8.555  2.067   1.00 16.21 ? 25  TRP A CA  1 
ATOM   191  C C   . TRP A 1 28 ? -7.133  -9.268  1.168   1.00 17.40 ? 25  TRP A C   1 
ATOM   192  O O   . TRP A 1 28 ? -6.589  -8.578  0.283   1.00 18.43 ? 25  TRP A O   1 
ATOM   193  C CB  . TRP A 1 28 ? -7.545  -7.855  3.253   1.00 16.55 ? 25  TRP A CB  1 
ATOM   194  C CG  . TRP A 1 28 ? -8.534  -7.108  4.084   1.00 17.45 ? 25  TRP A CG  1 
ATOM   195  C CD1 . TRP A 1 28 ? -9.154  -7.574  5.229   1.00 17.43 ? 25  TRP A CD1 1 
ATOM   196  C CD2 . TRP A 1 28 ? -9.074  -5.801  3.824   1.00 16.64 ? 25  TRP A CD2 1 
ATOM   197  N NE1 . TRP A 1 28 ? -9.923  -6.560  5.766   1.00 17.19 ? 25  TRP A NE1 1 
ATOM   198  C CE2 . TRP A 1 28 ? -9.920  -5.474  4.911   1.00 17.38 ? 25  TRP A CE2 1 
ATOM   199  C CE3 . TRP A 1 28 ? -8.896  -4.850  2.832   1.00 16.70 ? 25  TRP A CE3 1 
ATOM   200  C CZ2 . TRP A 1 28 ? -10.509 -4.223  5.021   1.00 15.44 ? 25  TRP A CZ2 1 
ATOM   201  C CZ3 . TRP A 1 28 ? -9.453  -3.585  2.938   1.00 16.71 ? 25  TRP A CZ3 1 
ATOM   202  C CH2 . TRP A 1 28 ? -10.189 -3.252  4.087   1.00 14.33 ? 25  TRP A CH2 1 
ATOM   203  N N   . SER A 1 29 ? -7.094  -10.593 1.284   1.00 18.06 ? 26  SER A N   1 
ATOM   204  C CA  . SER A 1 29 ? -6.184  -11.487 0.581   1.00 18.34 ? 26  SER A CA  1 
ATOM   205  C C   . SER A 1 29 ? -6.820  -12.150 -0.638  1.00 17.56 ? 26  SER A C   1 
ATOM   206  O O   . SER A 1 29 ? -6.238  -13.049 -1.278  1.00 17.80 ? 26  SER A O   1 
ATOM   207  C CB  . SER A 1 29 ? -5.517  -12.453 1.591   1.00 19.60 ? 26  SER A CB  1 
ATOM   208  O OG  . SER A 1 29 ? -6.350  -13.478 2.121   1.00 19.73 ? 26  SER A OG  1 
ATOM   209  N N   . SER A 1 30 ? -8.037  -11.746 -0.954  1.00 17.00 ? 27  SER A N   1 
ATOM   210  C CA  . SER A 1 30 ? -8.664  -12.277 -2.195  1.00 16.51 ? 27  SER A CA  1 
ATOM   211  C C   . SER A 1 30 ? -8.518  -11.151 -3.227  1.00 16.07 ? 27  SER A C   1 
ATOM   212  O O   . SER A 1 30 ? -8.176  -10.019 -2.911  1.00 15.54 ? 27  SER A O   1 
ATOM   213  C CB  . SER A 1 30 ? -10.080 -12.787 -2.003  1.00 16.58 ? 27  SER A CB  1 
ATOM   214  O OG  . SER A 1 30 ? -10.609 -13.187 -3.280  1.00 19.07 ? 27  SER A OG  1 
ATOM   215  N N   . THR A 1 31 ? -8.770  -11.451 -4.464  1.00 17.12 ? 28  THR A N   1 
ATOM   216  C CA  . THR A 1 31 ? -8.691  -10.631 -5.641  1.00 18.16 ? 28  THR A CA  1 
ATOM   217  C C   . THR A 1 31 ? -9.990  -10.798 -6.429  1.00 19.48 ? 28  THR A C   1 
ATOM   218  O O   . THR A 1 31 ? -10.000 -10.591 -7.650  1.00 20.16 ? 28  THR A O   1 
ATOM   219  C CB  . THR A 1 31 ? -7.438  -11.040 -6.524  1.00 18.94 ? 28  THR A CB  1 
ATOM   220  O OG1 . THR A 1 31 ? -7.818  -12.199 -7.340  1.00 15.74 ? 28  THR A OG1 1 
ATOM   221  C CG2 . THR A 1 31 ? -6.172  -11.326 -5.682  1.00 16.97 ? 28  THR A CG2 1 
ATOM   222  N N   . SER A 1 32 ? -10.996 -11.259 -5.687  1.00 20.61 ? 29  SER A N   1 
ATOM   223  C CA  . SER A 1 32 ? -12.363 -11.477 -6.183  1.00 20.63 ? 29  SER A CA  1 
ATOM   224  C C   . SER A 1 32 ? -13.369 -11.268 -5.029  1.00 21.69 ? 29  SER A C   1 
ATOM   225  O O   . SER A 1 32 ? -13.147 -11.618 -3.863  1.00 22.12 ? 29  SER A O   1 
ATOM   226  C CB  . SER A 1 32 ? -12.543 -12.801 -6.901  1.00 19.19 ? 29  SER A CB  1 
ATOM   227  O OG  . SER A 1 32 ? -13.881 -13.091 -7.216  1.00 19.67 ? 29  SER A OG  1 
ATOM   228  N N   . PRO A 1 33 ? -14.498 -10.656 -5.322  1.00 21.87 ? 30  PRO A N   1 
ATOM   229  C CA  . PRO A 1 33 ? -14.911 -10.174 -6.636  1.00 22.19 ? 30  PRO A CA  1 
ATOM   230  C C   . PRO A 1 33 ? -14.150 -8.943  -7.153  1.00 21.85 ? 30  PRO A C   1 
ATOM   231  O O   . PRO A 1 33 ? -14.448 -8.519  -8.294  1.00 21.40 ? 30  PRO A O   1 
ATOM   232  C CB  . PRO A 1 33 ? -16.351 -9.696  -6.448  1.00 23.21 ? 30  PRO A CB  1 
ATOM   233  C CG  . PRO A 1 33 ? -16.600 -9.627  -4.966  1.00 23.43 ? 30  PRO A CG  1 
ATOM   234  C CD  . PRO A 1 33 ? -15.453 -10.349 -4.267  1.00 22.80 ? 30  PRO A CD  1 
ATOM   235  N N   . HIS A 1 34 ? -13.310 -8.409  -6.298  1.00 20.04 ? 31  HIS A N   1 
ATOM   236  C CA  . HIS A 1 34 ? -12.519 -7.220  -6.478  1.00 19.85 ? 31  HIS A CA  1 
ATOM   237  C C   . HIS A 1 34 ? -11.008 -7.458  -6.304  1.00 19.27 ? 31  HIS A C   1 
ATOM   238  O O   . HIS A 1 34 ? -10.551 -8.262  -5.444  1.00 19.43 ? 31  HIS A O   1 
ATOM   239  C CB  . HIS A 1 34 ? -12.877 -6.076  -5.451  1.00 19.57 ? 31  HIS A CB  1 
ATOM   240  C CG  . HIS A 1 34 ? -14.242 -5.514  -5.757  1.00 19.94 ? 31  HIS A CG  1 
ATOM   241  N ND1 . HIS A 1 34 ? -15.341 -5.608  -4.927  1.00 19.81 ? 31  HIS A ND1 1 
ATOM   242  C CD2 . HIS A 1 34 ? -14.667 -4.916  -6.913  1.00 19.83 ? 31  HIS A CD2 1 
ATOM   243  C CE1 . HIS A 1 34 ? -16.398 -5.230  -5.637  1.00 20.02 ? 31  HIS A CE1 1 
ATOM   244  N NE2 . HIS A 1 34 ? -16.002 -4.689  -6.783  1.00 18.36 ? 31  HIS A NE2 1 
ATOM   245  N N   . ARG A 1 35 ? -10.240 -6.808  -7.169  1.00 18.40 ? 32  ARG A N   1 
ATOM   246  C CA  . ARG A 1 35 ? -8.773  -6.950  -6.939  1.00 18.52 ? 32  ARG A CA  1 
ATOM   247  C C   . ARG A 1 35 ? -8.407  -5.690  -6.169  1.00 16.84 ? 32  ARG A C   1 
ATOM   248  O O   . ARG A 1 35 ? -8.533  -4.580  -6.710  1.00 14.64 ? 32  ARG A O   1 
ATOM   249  C CB  . ARG A 1 35 ? -7.902  -7.353  -8.127  1.00 21.47 ? 32  ARG A CB  1 
ATOM   250  C CG  . ARG A 1 35 ? -7.005  -8.511  -7.595  1.00 24.52 ? 32  ARG A CG  1 
ATOM   251  C CD  . ARG A 1 35 ? -5.599  -8.536  -8.064  1.00 26.26 ? 32  ARG A CD  1 
ATOM   252  N NE  . ARG A 1 35 ? -5.397  -8.756  -9.487  1.00 28.88 ? 32  ARG A NE  1 
ATOM   253  C CZ  . ARG A 1 35 ? -5.379  -9.894  -10.202 1.00 28.79 ? 32  ARG A CZ  1 
ATOM   254  N NH1 . ARG A 1 35 ? -5.569  -11.097 -9.666  1.00 28.17 ? 32  ARG A NH1 1 
ATOM   255  N NH2 . ARG A 1 35 ? -5.180  -9.865  -11.542 1.00 30.12 ? 32  ARG A NH2 1 
ATOM   256  N N   . PRO A 1 36 ? -7.974  -5.906  -4.936  1.00 17.07 ? 33  PRO A N   1 
ATOM   257  C CA  . PRO A 1 36 ? -7.743  -4.834  -3.985  1.00 17.58 ? 33  PRO A CA  1 
ATOM   258  C C   . PRO A 1 36 ? -6.455  -4.047  -4.103  1.00 17.11 ? 33  PRO A C   1 
ATOM   259  O O   . PRO A 1 36 ? -5.448  -4.657  -4.430  1.00 15.92 ? 33  PRO A O   1 
ATOM   260  C CB  . PRO A 1 36 ? -7.737  -5.432  -2.575  1.00 17.15 ? 33  PRO A CB  1 
ATOM   261  C CG  . PRO A 1 36 ? -7.856  -6.905  -2.756  1.00 18.39 ? 33  PRO A CG  1 
ATOM   262  C CD  . PRO A 1 36 ? -7.949  -7.204  -4.248  1.00 18.93 ? 33  PRO A CD  1 
ATOM   263  N N   . ARG A 1 37 ? -6.621  -2.756  -3.840  1.00 17.38 ? 34  ARG A N   1 
ATOM   264  C CA  . ARG A 1 37 ? -5.414  -1.893  -3.779  1.00 17.47 ? 34  ARG A CA  1 
ATOM   265  C C   . ARG A 1 37 ? -4.791  -1.944  -2.388  1.00 16.07 ? 34  ARG A C   1 
ATOM   266  O O   . ARG A 1 37 ? -3.599  -1.611  -2.214  1.00 15.32 ? 34  ARG A O   1 
ATOM   267  C CB  . ARG A 1 37 ? -5.686  -0.501  -4.331  1.00 16.90 ? 34  ARG A CB  1 
ATOM   268  C CG  . ARG A 1 37 ? -5.283  -0.479  -5.817  1.00 19.50 ? 34  ARG A CG  1 
ATOM   269  C CD  . ARG A 1 37 ? -5.670  0.810   -6.481  1.00 19.16 ? 34  ARG A CD  1 
ATOM   270  N NE  . ARG A 1 37 ? -7.125  0.941   -6.447  1.00 19.80 ? 34  ARG A NE  1 
ATOM   271  C CZ  . ARG A 1 37 ? -7.771  2.041   -6.847  0.01 20.09 ? 34  ARG A CZ  1 
ATOM   272  N NH1 . ARG A 1 37 ? -7.128  3.104   -7.321  0.01 20.25 ? 34  ARG A NH1 1 
ATOM   273  N NH2 . ARG A 1 37 ? -9.094  2.100   -6.697  0.01 20.24 ? 34  ARG A NH2 1 
ATOM   274  N N   . PHE A 1 38 ? -5.637  -2.274  -1.398  1.00 14.48 ? 35  PHE A N   1 
ATOM   275  C CA  . PHE A 1 38 ? -5.108  -2.407  -0.032  1.00 13.04 ? 35  PHE A CA  1 
ATOM   276  C C   . PHE A 1 38 ? -5.255  -3.935  0.258   1.00 13.24 ? 35  PHE A C   1 
ATOM   277  O O   . PHE A 1 38 ? -6.338  -4.488  0.029   1.00 12.22 ? 35  PHE A O   1 
ATOM   278  C CB  . PHE A 1 38 ? -5.648  -1.498  1.055   1.00 11.84 ? 35  PHE A CB  1 
ATOM   279  C CG  . PHE A 1 38 ? -5.342  -0.036  1.015   1.00 10.33 ? 35  PHE A CG  1 
ATOM   280  C CD1 . PHE A 1 38 ? -5.942  0.776   0.059   1.00 11.85 ? 35  PHE A CD1 1 
ATOM   281  C CD2 . PHE A 1 38 ? -4.511  0.532   1.967   1.00 10.00 ? 35  PHE A CD2 1 
ATOM   282  C CE1 . PHE A 1 38 ? -5.668  2.157   -0.013  1.00 10.82 ? 35  PHE A CE1 1 
ATOM   283  C CE2 . PHE A 1 38 ? -4.208  1.886   1.950   1.00 10.84 ? 35  PHE A CE2 1 
ATOM   284  C CZ  . PHE A 1 38 ? -4.843  2.691   0.978   1.00 10.90 ? 35  PHE A CZ  1 
ATOM   285  N N   . SER A 1 39 ? -4.171  -4.439  0.849   1.00 13.03 ? 36  SER A N   1 
ATOM   286  C CA  . SER A 1 39 ? -3.967  -5.833  1.182   1.00 14.93 ? 36  SER A CA  1 
ATOM   287  C C   . SER A 1 39 ? -2.753  -6.071  2.107   1.00 14.87 ? 36  SER A C   1 
ATOM   288  O O   . SER A 1 39 ? -1.922  -5.230  2.436   1.00 13.76 ? 36  SER A O   1 
ATOM   289  C CB  . SER A 1 39 ? -3.752  -6.704  -0.098  1.00 16.49 ? 36  SER A CB  1 
ATOM   290  O OG  . SER A 1 39 ? -2.357  -6.945  -0.245  1.00 14.34 ? 36  SER A OG  1 
ATOM   291  N N   . PRO A 1 40 ? -2.749  -7.315  2.637   1.00 15.27 ? 37  PRO A N   1 
ATOM   292  C CA  . PRO A 1 40 ? -1.705  -7.706  3.620   1.00 13.78 ? 37  PRO A CA  1 
ATOM   293  C C   . PRO A 1 40 ? -0.328  -7.702  2.955   1.00 14.09 ? 37  PRO A C   1 
ATOM   294  O O   . PRO A 1 40 ? 0.741   -7.514  3.532   1.00 12.73 ? 37  PRO A O   1 
ATOM   295  C CB  . PRO A 1 40 ? -2.184  -9.050  4.122   1.00 13.29 ? 37  PRO A CB  1 
ATOM   296  C CG  . PRO A 1 40 ? -3.390  -9.462  3.355   1.00 12.60 ? 37  PRO A CG  1 
ATOM   297  C CD  . PRO A 1 40 ? -3.719  -8.391  2.336   1.00 12.76 ? 37  PRO A CD  1 
ATOM   298  N N   . ALA A 1 41 ? -0.280  -7.918  1.657   1.00 14.37 ? 38  ALA A N   1 
ATOM   299  C CA  . ALA A 1 41 ? 1.032   -7.825  0.943   1.00 17.65 ? 38  ALA A CA  1 
ATOM   300  C C   . ALA A 1 41 ? 1.765   -6.487  1.144   1.00 17.47 ? 38  ALA A C   1 
ATOM   301  O O   . ALA A 1 41 ? 2.935   -6.382  1.516   1.00 18.60 ? 38  ALA A O   1 
ATOM   302  C CB  . ALA A 1 41 ? 0.770   -8.055  -0.551  1.00 15.89 ? 38  ALA A CB  1 
ATOM   303  N N   . THR A 1 42 ? 1.044   -5.420  0.885   1.00 17.33 ? 39  THR A N   1 
ATOM   304  C CA  . THR A 1 42 ? 1.274   -4.012  0.758   1.00 15.87 ? 39  THR A CA  1 
ATOM   305  C C   . THR A 1 42 ? 1.189   -3.256  2.062   1.00 15.36 ? 39  THR A C   1 
ATOM   306  O O   . THR A 1 42 ? 1.902   -2.219  2.234   1.00 14.59 ? 39  THR A O   1 
ATOM   307  C CB  . THR A 1 42 ? 0.168   -3.390  -0.228  1.00 19.10 ? 39  THR A CB  1 
ATOM   308  O OG1 . THR A 1 42 ? 0.175   -4.066  -1.535  1.00 21.22 ? 39  THR A OG1 1 
ATOM   309  C CG2 . THR A 1 42 ? 0.271   -1.883  -0.447  1.00 22.01 ? 39  THR A CG2 1 
ATOM   310  N N   . HIS A 1 43 ? 0.235   -3.685  2.890   1.00 14.32 ? 40  HIS A N   1 
ATOM   311  C CA  . HIS A 1 43 ? 0.080   -2.905  4.158   1.00 14.75 ? 40  HIS A CA  1 
ATOM   312  C C   . HIS A 1 43 ? 0.127   -3.904  5.307   1.00 15.26 ? 40  HIS A C   1 
ATOM   313  O O   . HIS A 1 43 ? -0.749  -4.145  6.132   1.00 11.97 ? 40  HIS A O   1 
ATOM   314  C CB  . HIS A 1 43 ? -1.022  -1.838  4.233   1.00 12.97 ? 40  HIS A CB  1 
ATOM   315  C CG  . HIS A 1 43 ? -1.237  -1.059  2.962   1.00 12.45 ? 40  HIS A CG  1 
ATOM   316  N ND1 . HIS A 1 43 ? -1.510  -1.662  1.721   1.00 10.28 ? 40  HIS A ND1 1 
ATOM   317  C CD2 . HIS A 1 43 ? -1.121  0.275   2.750   1.00 11.03 ? 40  HIS A CD2 1 
ATOM   318  C CE1 . HIS A 1 43 ? -1.622  -0.674  0.854   1.00 11.43 ? 40  HIS A CE1 1 
ATOM   319  N NE2 . HIS A 1 43 ? -1.275  0.458   1.401   1.00 10.00 ? 40  HIS A NE2 1 
ATOM   320  N N   . PRO A 1 44 ? 1.374   -4.464  5.303   1.00 15.54 ? 41  PRO A N   1 
ATOM   321  C CA  . PRO A 1 44 ? 1.691   -5.478  6.298   1.00 15.12 ? 41  PRO A CA  1 
ATOM   322  C C   . PRO A 1 44 ? 1.282   -5.001  7.686   1.00 14.79 ? 41  PRO A C   1 
ATOM   323  O O   . PRO A 1 44 ? 0.799   -5.880  8.400   1.00 14.05 ? 41  PRO A O   1 
ATOM   324  C CB  . PRO A 1 44 ? 3.162   -5.779  6.149   1.00 15.18 ? 41  PRO A CB  1 
ATOM   325  C CG  . PRO A 1 44 ? 3.618   -5.049  4.914   1.00 15.45 ? 41  PRO A CG  1 
ATOM   326  C CD  . PRO A 1 44 ? 2.493   -4.175  4.430   1.00 14.94 ? 41  PRO A CD  1 
ATOM   327  N N   . SER A 1 45 ? 1.390   -3.734  8.024   1.00 14.64 ? 42  SER A N   1 
ATOM   328  C CA  . SER A 1 45 ? 1.060   -3.346  9.407   1.00 14.92 ? 42  SER A CA  1 
ATOM   329  C C   . SER A 1 45 ? -0.381  -2.979  9.722   1.00 14.58 ? 42  SER A C   1 
ATOM   330  O O   . SER A 1 45 ? -0.722  -2.685  10.871  1.00 12.99 ? 42  SER A O   1 
ATOM   331  C CB  . SER A 1 45 ? 2.005   -2.205  9.761   1.00 17.57 ? 42  SER A CB  1 
ATOM   332  O OG  . SER A 1 45 ? 3.287   -2.768  10.063  1.00 24.56 ? 42  SER A OG  1 
ATOM   333  N N   . GLU A 1 46 ? -1.221  -3.133  8.719   1.00 15.06 ? 43  GLU A N   1 
ATOM   334  C CA  . GLU A 1 46 ? -2.619  -2.714  8.716   1.00 15.45 ? 43  GLU A CA  1 
ATOM   335  C C   . GLU A 1 46 ? -3.605  -3.703  9.287   1.00 14.46 ? 43  GLU A C   1 
ATOM   336  O O   . GLU A 1 46 ? -4.726  -3.195  9.428   1.00 13.12 ? 43  GLU A O   1 
ATOM   337  C CB  . GLU A 1 46 ? -2.991  -2.213  7.315   1.00 17.19 ? 43  GLU A CB  1 
ATOM   338  C CG  . GLU A 1 46 ? -2.628  -0.754  6.956   1.00 20.43 ? 43  GLU A CG  1 
ATOM   339  C CD  . GLU A 1 46 ? -1.665  0.003   7.821   1.00 24.29 ? 43  GLU A CD  1 
ATOM   340  O OE1 . GLU A 1 46 ? -1.833  0.345   8.991   1.00 25.51 ? 43  GLU A OE1 1 
ATOM   341  O OE2 . GLU A 1 46 ? -0.539  0.248   7.275   1.00 25.83 ? 43  GLU A OE2 1 
ATOM   342  N N   . GLY A 1 47 ? -3.251  -4.914  9.746   1.00 13.80 ? 44  GLY A N   1 
ATOM   343  C CA  . GLY A 1 47 ? -4.238  -5.851  10.363  1.00 12.78 ? 44  GLY A CA  1 
ATOM   344  C C   . GLY A 1 47 ? -5.263  -6.338  9.361   1.00 13.01 ? 44  GLY A C   1 
ATOM   345  O O   . GLY A 1 47 ? -6.418  -6.734  9.627   1.00 12.93 ? 44  GLY A O   1 
ATOM   346  N N   . LEU A 1 48 ? -4.849  -6.311  8.093   1.00 13.41 ? 45  LEU A N   1 
ATOM   347  C CA  . LEU A 1 48 ? -5.805  -6.714  7.009   1.00 15.24 ? 45  LEU A CA  1 
ATOM   348  C C   . LEU A 1 48 ? -6.166  -8.198  7.059   1.00 15.94 ? 45  LEU A C   1 
ATOM   349  O O   . LEU A 1 48 ? -5.821  -8.927  6.090   1.00 16.01 ? 45  LEU A O   1 
ATOM   350  C CB  . LEU A 1 48 ? -5.330  -6.247  5.579   1.00 14.13 ? 45  LEU A CB  1 
ATOM   351  C CG  . LEU A 1 48 ? -5.766  -4.898  5.019   1.00 17.45 ? 45  LEU A CG  1 
ATOM   352  C CD1 . LEU A 1 48 ? -6.220  -3.873  6.181   1.00 16.53 ? 45  LEU A CD1 1 
ATOM   353  C CD2 . LEU A 1 48 ? -4.595  -4.226  4.243   1.00 17.03 ? 45  LEU A CD2 1 
ATOM   354  N N   . GLU A 1 49 ? -6.736  -8.640  8.167   1.00 16.38 ? 46  GLU A N   1 
ATOM   355  C CA  . GLU A 1 49 ? -7.148  -10.065 8.332   1.00 17.90 ? 46  GLU A CA  1 
ATOM   356  C C   . GLU A 1 49 ? -8.568  -10.491 7.983   1.00 17.16 ? 46  GLU A C   1 
ATOM   357  O O   . GLU A 1 49 ? -9.582  -9.909  8.470   1.00 16.58 ? 46  GLU A O   1 
ATOM   358  C CB  . GLU A 1 49 ? -7.061  -10.450 9.832   1.00 18.15 ? 46  GLU A CB  1 
ATOM   359  C CG  . GLU A 1 49 ? -7.346  -9.223  10.706  1.00 22.74 ? 46  GLU A CG  1 
ATOM   360  C CD  . GLU A 1 49 ? -6.726  -9.440  12.080  1.00 24.71 ? 46  GLU A CD  1 
ATOM   361  O OE1 . GLU A 1 49 ? -6.691  -10.648 12.419  1.00 26.97 ? 46  GLU A OE1 1 
ATOM   362  O OE2 . GLU A 1 49 ? -6.322  -8.364  12.586  1.00 22.13 ? 46  GLU A OE2 1 
ATOM   363  N N   . GLU A 1 50 ? -8.659  -11.673 7.367   1.00 16.82 ? 47  GLU A N   1 
ATOM   364  C CA  . GLU A 1 50 ? -10.020 -12.184 7.052   1.00 17.86 ? 47  GLU A CA  1 
ATOM   365  C C   . GLU A 1 50 ? -10.760 -11.150 6.201   1.00 17.76 ? 47  GLU A C   1 
ATOM   366  O O   . GLU A 1 50 ? -10.120 -10.644 5.248   1.00 17.82 ? 47  GLU A O   1 
ATOM   367  C CB  . GLU A 1 50 ? -10.873 -12.537 8.270   1.00 18.92 ? 47  GLU A CB  1 
ATOM   368  C CG  . GLU A 1 50 ? -11.287 -13.984 8.481   1.00 21.59 ? 47  GLU A CG  1 
ATOM   369  C CD  . GLU A 1 50 ? -10.193 -15.040 8.375   1.00 23.00 ? 47  GLU A CD  1 
ATOM   370  O OE1 . GLU A 1 50 ? -9.225  -14.737 9.128   1.00 23.82 ? 47  GLU A OE1 1 
ATOM   371  O OE2 . GLU A 1 50 ? -10.170 -15.989 7.574   1.00 21.29 ? 47  GLU A OE2 1 
ATOM   372  N N   . ASN A 1 51 ? -12.054 -10.960 6.381   1.00 16.90 ? 48  ASN A N   1 
ATOM   373  C CA  . ASN A 1 51 ? -12.759 -9.960  5.519   1.00 17.50 ? 48  ASN A CA  1 
ATOM   374  C C   . ASN A 1 51 ? -13.133 -8.758  6.380   1.00 17.49 ? 48  ASN A C   1 
ATOM   375  O O   . ASN A 1 51 ? -13.822 -7.810  5.956   1.00 19.18 ? 48  ASN A O   1 
ATOM   376  C CB  . ASN A 1 51 ? -13.897 -10.703 4.803   1.00 13.71 ? 48  ASN A CB  1 
ATOM   377  C CG  . ASN A 1 51 ? -14.923 -11.191 5.876   1.00 13.80 ? 48  ASN A CG  1 
ATOM   378  O OD1 . ASN A 1 51 ? -14.669 -11.348 7.088   1.00 10.00 ? 48  ASN A OD1 1 
ATOM   379  N ND2 . ASN A 1 51 ? -16.150 -11.415 5.391   1.00 10.00 ? 48  ASN A ND2 1 
ATOM   380  N N   . TYR A 1 52 ? -12.559 -8.727  7.575   1.00 17.53 ? 49  TYR A N   1 
ATOM   381  C CA  . TYR A 1 52 ? -12.836 -7.739  8.603   1.00 16.29 ? 49  TYR A CA  1 
ATOM   382  C C   . TYR A 1 52 ? -12.639 -6.286  8.166   1.00 17.00 ? 49  TYR A C   1 
ATOM   383  O O   . TYR A 1 52 ? -11.551 -5.971  7.627   1.00 16.28 ? 49  TYR A O   1 
ATOM   384  C CB  . TYR A 1 52 ? -11.995 -7.979  9.864   1.00 15.98 ? 49  TYR A CB  1 
ATOM   385  C CG  . TYR A 1 52 ? -12.005 -9.386  10.446  1.00 15.05 ? 49  TYR A CG  1 
ATOM   386  C CD1 . TYR A 1 52 ? -13.103 -10.260 10.244  1.00 13.67 ? 49  TYR A CD1 1 
ATOM   387  C CD2 . TYR A 1 52 ? -10.974 -9.709  11.359  1.00 11.71 ? 49  TYR A CD2 1 
ATOM   388  C CE1 . TYR A 1 52 ? -13.115 -11.527 10.863  1.00 14.71 ? 49  TYR A CE1 1 
ATOM   389  C CE2 . TYR A 1 52 ? -11.024 -10.940 12.022  1.00 12.42 ? 49  TYR A CE2 1 
ATOM   390  C CZ  . TYR A 1 52 ? -12.060 -11.842 11.773  1.00 15.91 ? 49  TYR A CZ  1 
ATOM   391  O OH  . TYR A 1 52 ? -12.074 -13.079 12.426  1.00 14.27 ? 49  TYR A OH  1 
ATOM   392  N N   . CYS A 1 53 ? -13.528 -5.419  8.696   1.00 16.13 ? 50  CYS A N   1 
ATOM   393  C CA  . CYS A 1 53 ? -13.466 -3.946  8.447   1.00 14.66 ? 50  CYS A CA  1 
ATOM   394  C C   . CYS A 1 53 ? -12.201 -3.289  9.025   1.00 12.95 ? 50  CYS A C   1 
ATOM   395  O O   . CYS A 1 53 ? -11.849 -3.479  10.200  1.00 12.69 ? 50  CYS A O   1 
ATOM   396  C CB  . CYS A 1 53 ? -14.762 -3.291  9.025   1.00 12.67 ? 50  CYS A CB  1 
ATOM   397  S SG  . CYS A 1 53 ? -16.209 -4.140  8.237   1.00 13.82 ? 50  CYS A SG  1 
ATOM   398  N N   . ARG A 1 54 ? -11.464 -2.591  8.164   1.00 12.57 ? 51  ARG A N   1 
ATOM   399  C CA  . ARG A 1 54 ? -10.256 -1.865  8.633   1.00 11.94 ? 51  ARG A CA  1 
ATOM   400  C C   . ARG A 1 54 ? -10.212 -0.526  7.899   1.00 10.47 ? 51  ARG A C   1 
ATOM   401  O O   . ARG A 1 54 ? -10.804 -0.325  6.861   1.00 11.03 ? 51  ARG A O   1 
ATOM   402  C CB  . ARG A 1 54 ? -8.995  -2.683  8.491   1.00 11.78 ? 51  ARG A CB  1 
ATOM   403  C CG  . ARG A 1 54 ? -9.039  -4.028  9.321   1.00 12.21 ? 51  ARG A CG  1 
ATOM   404  C CD  . ARG A 1 54 ? -8.738  -3.712  10.812  1.00 12.78 ? 51  ARG A CD  1 
ATOM   405  N NE  . ARG A 1 54 ? -8.379  -5.013  11.414  1.00 10.66 ? 51  ARG A NE  1 
ATOM   406  C CZ  . ARG A 1 54 ? -9.322  -5.858  11.833  1.00 13.82 ? 51  ARG A CZ  1 
ATOM   407  N NH1 . ARG A 1 54 ? -10.545 -5.357  11.923  1.00 16.52 ? 51  ARG A NH1 1 
ATOM   408  N NH2 . ARG A 1 54 ? -9.308  -7.097  12.332  1.00 12.67 ? 51  ARG A NH2 1 
ATOM   409  N N   . ASN A 1 55 ? -9.437  0.366   8.391   1.00 12.38 ? 52  ASN A N   1 
ATOM   410  C CA  . ASN A 1 55 ? -9.143  1.728   7.941   1.00 11.26 ? 52  ASN A CA  1 
ATOM   411  C C   . ASN A 1 55 ? -7.617  1.927   7.616   1.00 10.28 ? 52  ASN A C   1 
ATOM   412  O O   . ASN A 1 55 ? -6.826  2.627   8.279   1.00 10.00 ? 52  ASN A O   1 
ATOM   413  C CB  . ASN A 1 55 ? -9.611  2.662   9.083   1.00 11.87 ? 52  ASN A CB  1 
ATOM   414  C CG  . ASN A 1 55 ? -9.844  4.010   8.372   1.00 13.24 ? 52  ASN A CG  1 
ATOM   415  O OD1 . ASN A 1 55 ? -9.682  3.871   7.129   1.00 13.44 ? 52  ASN A OD1 1 
ATOM   416  N ND2 . ASN A 1 55 ? -10.307 5.035   9.096   1.00 11.74 ? 52  ASN A ND2 1 
ATOM   417  N N   . PRO A 1 56 ? -7.261  1.231   6.556   1.00 10.83 ? 53  PRO A N   1 
ATOM   418  C CA  . PRO A 1 56 ? -5.887  1.266   6.029   1.00 11.64 ? 53  PRO A CA  1 
ATOM   419  C C   . PRO A 1 56 ? -5.383  2.691   5.745   1.00 12.17 ? 53  PRO A C   1 
ATOM   420  O O   . PRO A 1 56 ? -4.217  2.950   6.141   1.00 13.26 ? 53  PRO A O   1 
ATOM   421  C CB  . PRO A 1 56 ? -5.871  0.485   4.740   1.00 11.04 ? 53  PRO A CB  1 
ATOM   422  C CG  . PRO A 1 56 ? -7.270  -0.058  4.576   1.00 11.40 ? 53  PRO A CG  1 
ATOM   423  C CD  . PRO A 1 56 ? -8.111  0.345   5.760   1.00 10.37 ? 53  PRO A CD  1 
ATOM   424  N N   . ASP A 1 57 ? -6.235  3.483   5.139   1.00 11.50 ? 54  ASP A N   1 
ATOM   425  C CA  . ASP A 1 57 ? -5.926  4.861   4.745   1.00 11.43 ? 54  ASP A CA  1 
ATOM   426  C C   . ASP A 1 57 ? -6.325  5.911   5.734   1.00 12.59 ? 54  ASP A C   1 
ATOM   427  O O   . ASP A 1 57 ? -6.150  7.105   5.337   1.00 14.09 ? 54  ASP A O   1 
ATOM   428  C CB  . ASP A 1 57 ? -6.531  5.103   3.383   1.00 12.71 ? 54  ASP A CB  1 
ATOM   429  C CG  . ASP A 1 57 ? -8.023  4.777   3.293   1.00 14.75 ? 54  ASP A CG  1 
ATOM   430  O OD1 . ASP A 1 57 ? -8.525  4.005   4.153   1.00 11.94 ? 54  ASP A OD1 1 
ATOM   431  O OD2 . ASP A 1 57 ? -8.623  5.243   2.270   1.00 15.70 ? 54  ASP A OD2 1 
ATOM   432  N N   . ASN A 1 58 ? -6.860  5.531   6.874   1.00 12.04 ? 55  ASN A N   1 
ATOM   433  C CA  . ASN A 1 58 ? -7.314  6.461   7.926   1.00 10.87 ? 55  ASN A CA  1 
ATOM   434  C C   . ASN A 1 58 ? -8.301  7.536   7.487   1.00 11.16 ? 55  ASN A C   1 
ATOM   435  O O   . ASN A 1 58 ? -8.244  8.717   7.893   1.00 12.24 ? 55  ASN A O   1 
ATOM   436  C CB  . ASN A 1 58 ? -6.023  7.007   8.511   1.00 13.37 ? 55  ASN A CB  1 
ATOM   437  C CG  . ASN A 1 58 ? -6.336  8.308   9.230   1.00 17.29 ? 55  ASN A CG  1 
ATOM   438  O OD1 . ASN A 1 58 ? -6.357  9.269   8.435   1.00 16.90 ? 55  ASN A OD1 1 
ATOM   439  N ND2 . ASN A 1 58 ? -6.520  8.286   10.558  1.00 15.00 ? 55  ASN A ND2 1 
ATOM   440  N N   . ASP A 1 59 ? -9.221  7.128   6.642   1.00 11.34 ? 56  ASP A N   1 
ATOM   441  C CA  . ASP A 1 59 ? -10.388 7.870   6.080   1.00 11.09 ? 56  ASP A CA  1 
ATOM   442  C C   . ASP A 1 59 ? -11.210 8.415   7.259   1.00 11.35 ? 56  ASP A C   1 
ATOM   443  O O   . ASP A 1 59 ? -11.539 7.686   8.248   1.00 12.84 ? 56  ASP A O   1 
ATOM   444  C CB  . ASP A 1 59 ? -11.169 6.906   5.227   1.00 10.00 ? 56  ASP A CB  1 
ATOM   445  C CG  . ASP A 1 59 ? -12.407 7.375   4.512   1.00 11.52 ? 56  ASP A CG  1 
ATOM   446  O OD1 . ASP A 1 59 ? -13.057 8.384   4.890   1.00 11.37 ? 56  ASP A OD1 1 
ATOM   447  O OD2 . ASP A 1 59 ? -12.823 6.801   3.474   1.00 11.67 ? 56  ASP A OD2 1 
ATOM   448  N N   . PRO A 1 60 ? -11.552 9.683   7.254   1.00 11.92 ? 57  PRO A N   1 
ATOM   449  C CA  . PRO A 1 60 ? -12.405 10.191  8.372   1.00 12.01 ? 57  PRO A CA  1 
ATOM   450  C C   . PRO A 1 60 ? -13.719 9.426   8.514   1.00 11.58 ? 57  PRO A C   1 
ATOM   451  O O   . PRO A 1 60 ? -14.415 9.572   9.536   1.00 11.76 ? 57  PRO A O   1 
ATOM   452  C CB  . PRO A 1 60 ? -12.631 11.673  8.044   1.00 12.36 ? 57  PRO A CB  1 
ATOM   453  C CG  . PRO A 1 60 ? -11.940 11.968  6.766   1.00 12.80 ? 57  PRO A CG  1 
ATOM   454  C CD  . PRO A 1 60 ? -11.336 10.672  6.187   1.00 10.73 ? 57  PRO A CD  1 
ATOM   455  N N   . GLN A 1 61 ? -14.154 8.700   7.477   1.00 11.72 ? 58  GLN A N   1 
ATOM   456  C CA  . GLN A 1 61 ? -15.370 7.891   7.541   1.00 13.86 ? 58  GLN A CA  1 
ATOM   457  C C   . GLN A 1 61 ? -15.281 6.549   8.298   1.00 14.70 ? 58  GLN A C   1 
ATOM   458  O O   . GLN A 1 61 ? -16.427 5.978   8.381   1.00 15.13 ? 58  GLN A O   1 
ATOM   459  C CB  . GLN A 1 61 ? -16.103 7.741   6.211   1.00 13.05 ? 58  GLN A CB  1 
ATOM   460  C CG  . GLN A 1 61 ? -16.537 9.121   5.744   1.00 13.58 ? 58  GLN A CG  1 
ATOM   461  C CD  . GLN A 1 61 ? -17.548 8.994   4.613   1.00 15.95 ? 58  GLN A CD  1 
ATOM   462  O OE1 . GLN A 1 61 ? -18.742 8.863   4.967   1.00 14.17 ? 58  GLN A OE1 1 
ATOM   463  N NE2 . GLN A 1 61 ? -17.157 8.926   3.324   1.00 11.63 ? 58  GLN A NE2 1 
ATOM   464  N N   . GLY A 1 62 ? -14.194 6.123   8.938   1.00 12.68 ? 59  GLY A N   1 
ATOM   465  C CA  . GLY A 1 62 ? -14.160 4.868   9.702   1.00 12.49 ? 59  GLY A CA  1 
ATOM   466  C C   . GLY A 1 62 ? -14.091 3.582   8.868   1.00 12.39 ? 59  GLY A C   1 
ATOM   467  O O   . GLY A 1 62 ? -14.424 3.652   7.674   1.00 13.13 ? 59  GLY A O   1 
ATOM   468  N N   . PRO A 1 63 ? -13.693 2.428   9.475   1.00 11.16 ? 60  PRO A N   1 
ATOM   469  C CA  . PRO A 1 63 ? -13.684 1.131   8.808   1.00 10.73 ? 60  PRO A CA  1 
ATOM   470  C C   . PRO A 1 63 ? -14.693 0.882   7.705   1.00 11.66 ? 60  PRO A C   1 
ATOM   471  O O   . PRO A 1 63 ? -15.894 1.159   7.759   1.00 11.39 ? 60  PRO A O   1 
ATOM   472  C CB  . PRO A 1 63 ? -13.897 0.080   9.915   1.00 10.15 ? 60  PRO A CB  1 
ATOM   473  C CG  . PRO A 1 63 ? -13.605 0.782   11.193  1.00 10.00 ? 60  PRO A CG  1 
ATOM   474  C CD  . PRO A 1 63 ? -13.517 2.280   10.933  1.00 10.00 ? 60  PRO A CD  1 
ATOM   475  N N   . TRP A 1 64 ? -14.211 0.138   6.704   1.00 11.13 ? 61  TRP A N   1 
ATOM   476  C CA  . TRP A 1 64 ? -14.842 -0.238  5.464   1.00 10.20 ? 61  TRP A CA  1 
ATOM   477  C C   . TRP A 1 64 ? -14.132 -1.574  5.111   1.00 10.31 ? 61  TRP A C   1 
ATOM   478  O O   . TRP A 1 64 ? -13.160 -1.917  5.785   1.00 10.00 ? 61  TRP A O   1 
ATOM   479  C CB  . TRP A 1 64 ? -14.601 0.895   4.442   1.00 10.00 ? 61  TRP A CB  1 
ATOM   480  C CG  . TRP A 1 64 ? -13.144 1.105   4.104   1.00 10.00 ? 61  TRP A CG  1 
ATOM   481  C CD1 . TRP A 1 64 ? -12.334 2.061   4.631   1.00 10.00 ? 61  TRP A CD1 1 
ATOM   482  C CD2 . TRP A 1 64 ? -12.279 0.303   3.233   1.00 10.00 ? 61  TRP A CD2 1 
ATOM   483  N NE1 . TRP A 1 64 ? -11.089 2.039   4.039   1.00 10.18 ? 61  TRP A NE1 1 
ATOM   484  C CE2 . TRP A 1 64 ? -11.030 0.946   3.199   1.00 10.32 ? 61  TRP A CE2 1 
ATOM   485  C CE3 . TRP A 1 64 ? -12.531 -0.704  2.305   1.00 10.00 ? 61  TRP A CE3 1 
ATOM   486  C CZ2 . TRP A 1 64 ? -9.940  0.447   2.469   1.00 11.04 ? 61  TRP A CZ2 1 
ATOM   487  C CZ3 . TRP A 1 64 ? -11.541 -1.080  1.397   1.00 10.00 ? 61  TRP A CZ3 1 
ATOM   488  C CH2 . TRP A 1 64 ? -10.224 -0.565  1.527   1.00 10.00 ? 61  TRP A CH2 1 
ATOM   489  N N   . CYS A 1 65 ? -14.545 -2.149  3.973   1.00 10.84 ? 62  CYS A N   1 
ATOM   490  C CA  . CYS A 1 65 ? -13.924 -3.386  3.445   1.00 11.23 ? 62  CYS A CA  1 
ATOM   491  C C   . CYS A 1 65 ? -14.290 -3.475  1.974   1.00 11.98 ? 62  CYS A C   1 
ATOM   492  O O   . CYS A 1 65 ? -15.226 -2.718  1.552   1.00 12.36 ? 62  CYS A O   1 
ATOM   493  C CB  . CYS A 1 65 ? -14.496 -4.548  4.285   1.00 14.74 ? 62  CYS A CB  1 
ATOM   494  S SG  . CYS A 1 65 ? -16.266 -4.934  3.882   1.00 15.83 ? 62  CYS A SG  1 
ATOM   495  N N   . TYR A 1 66 ? -13.655 -4.364  1.209   1.00 10.39 ? 63  TYR A N   1 
ATOM   496  C CA  . TYR A 1 66 ? -14.104 -4.638  -0.161  1.00 11.50 ? 63  TYR A CA  1 
ATOM   497  C C   . TYR A 1 66 ? -15.318 -5.579  0.104   1.00 11.50 ? 63  TYR A C   1 
ATOM   498  O O   . TYR A 1 66 ? -15.314 -6.387  1.040   1.00 10.89 ? 63  TYR A O   1 
ATOM   499  C CB  . TYR A 1 66 ? -13.066 -5.150  -1.180  1.00 11.39 ? 63  TYR A CB  1 
ATOM   500  C CG  . TYR A 1 66 ? -11.832 -4.256  -1.365  1.00 13.37 ? 63  TYR A CG  1 
ATOM   501  C CD1 . TYR A 1 66 ? -10.703 -4.286  -0.496  1.00 14.25 ? 63  TYR A CD1 1 
ATOM   502  C CD2 . TYR A 1 66 ? -11.879 -3.216  -2.305  1.00 12.95 ? 63  TYR A CD2 1 
ATOM   503  C CE1 . TYR A 1 66 ? -9.622  -3.381  -0.619  1.00 16.99 ? 63  TYR A CE1 1 
ATOM   504  C CE2 . TYR A 1 66 ? -10.819 -2.321  -2.475  1.00 15.02 ? 63  TYR A CE2 1 
ATOM   505  C CZ  . TYR A 1 66 ? -9.687  -2.391  -1.630  1.00 17.13 ? 63  TYR A CZ  1 
ATOM   506  O OH  . TYR A 1 66 ? -8.664  -1.475  -1.754  1.00 15.59 ? 63  TYR A OH  1 
ATOM   507  N N   . THR A 1 67 ? -16.346 -5.491  -0.691  1.00 11.58 ? 64  THR A N   1 
ATOM   508  C CA  . THR A 1 67 ? -17.646 -6.102  -0.766  1.00 11.32 ? 64  THR A CA  1 
ATOM   509  C C   . THR A 1 67 ? -17.727 -7.297  -1.745  1.00 12.14 ? 64  THR A C   1 
ATOM   510  O O   . THR A 1 67 ? -17.038 -7.391  -2.789  1.00 10.77 ? 64  THR A O   1 
ATOM   511  C CB  . THR A 1 67 ? -18.655 -4.978  -1.329  1.00 13.20 ? 64  THR A CB  1 
ATOM   512  O OG1 . THR A 1 67 ? -19.285 -4.275  -0.177  1.00 11.38 ? 64  THR A OG1 1 
ATOM   513  C CG2 . THR A 1 67 ? -19.606 -5.375  -2.465  1.00 10.00 ? 64  THR A CG2 1 
ATOM   514  N N   . THR A 1 68 ? -18.622 -8.185  -1.297  1.00 10.52 ? 65  THR A N   1 
ATOM   515  C CA  . THR A 1 68 ? -18.941 -9.362  -2.093  1.00 10.13 ? 65  THR A CA  1 
ATOM   516  C C   . THR A 1 68 ? -20.060 -9.021  -3.068  1.00 10.00 ? 65  THR A C   1 
ATOM   517  O O   . THR A 1 68 ? -20.544 -9.873  -3.836  1.00 10.00 ? 65  THR A O   1 
ATOM   518  C CB  . THR A 1 68 ? -19.179 -10.674 -1.275  1.00 10.00 ? 65  THR A CB  1 
ATOM   519  O OG1 . THR A 1 68 ? -20.358 -10.346 -0.451  1.00 10.00 ? 65  THR A OG1 1 
ATOM   520  C CG2 . THR A 1 68 ? -17.878 -11.133 -0.548  1.00 10.00 ? 65  THR A CG2 1 
ATOM   521  N N   . ASP A 1 69 ? -20.333 -7.702  -3.115  1.00 11.07 ? 66  ASP A N   1 
ATOM   522  C CA  . ASP A 1 69 ? -21.237 -7.227  -4.202  1.00 10.92 ? 66  ASP A CA  1 
ATOM   523  C C   . ASP A 1 69 ? -20.253 -6.864  -5.329  1.00 10.89 ? 66  ASP A C   1 
ATOM   524  O O   . ASP A 1 69 ? -19.333 -6.055  -5.136  1.00 10.46 ? 66  ASP A O   1 
ATOM   525  C CB  . ASP A 1 69 ? -22.201 -6.162  -3.691  1.00 12.83 ? 66  ASP A CB  1 
ATOM   526  C CG  . ASP A 1 69 ? -23.067 -5.551  -4.822  1.00 14.30 ? 66  ASP A CG  1 
ATOM   527  O OD1 . ASP A 1 69 ? -22.979 -6.166  -5.926  1.00 11.67 ? 66  ASP A OD1 1 
ATOM   528  O OD2 . ASP A 1 69 ? -23.590 -4.403  -4.709  1.00 13.55 ? 66  ASP A OD2 1 
ATOM   529  N N   . PRO A 1 70 ? -20.341 -7.558  -6.480  1.00 11.72 ? 67  PRO A N   1 
ATOM   530  C CA  . PRO A 1 70 ? -19.475 -7.286  -7.616  1.00 11.42 ? 67  PRO A CA  1 
ATOM   531  C C   . PRO A 1 70 ? -19.708 -5.866  -8.155  1.00 12.43 ? 67  PRO A C   1 
ATOM   532  O O   . PRO A 1 70 ? -18.690 -5.166  -8.275  1.00 12.35 ? 67  PRO A O   1 
ATOM   533  C CB  . PRO A 1 70 ? -19.766 -8.353  -8.628  1.00 12.33 ? 67  PRO A CB  1 
ATOM   534  C CG  . PRO A 1 70 ? -20.987 -9.098  -8.138  1.00 13.21 ? 67  PRO A CG  1 
ATOM   535  C CD  . PRO A 1 70 ? -21.346 -8.568  -6.789  1.00 11.55 ? 67  PRO A CD  1 
ATOM   536  N N   . GLU A 1 71 ? -20.940 -5.341  -8.304  1.00 11.85 ? 68  GLU A N   1 
ATOM   537  C CA  . GLU A 1 71 ? -21.105 -3.960  -8.798  1.00 10.64 ? 68  GLU A CA  1 
ATOM   538  C C   . GLU A 1 71 ? -20.987 -2.888  -7.719  1.00 10.29 ? 68  GLU A C   1 
ATOM   539  O O   . GLU A 1 71 ? -21.147 -1.708  -8.005  1.00 10.00 ? 68  GLU A O   1 
ATOM   540  C CB  . GLU A 1 71 ? -22.392 -3.681  -9.559  1.00 13.64 ? 68  GLU A CB  1 
ATOM   541  C CG  . GLU A 1 71 ? -22.713 -4.560  -10.754 1.00 15.16 ? 68  GLU A CG  1 
ATOM   542  C CD  . GLU A 1 71 ? -22.741 -6.018  -10.346 1.00 19.36 ? 68  GLU A CD  1 
ATOM   543  O OE1 . GLU A 1 71 ? -22.813 -6.102  -9.098  1.00 20.57 ? 68  GLU A OE1 1 
ATOM   544  O OE2 . GLU A 1 71 ? -22.667 -6.997  -11.098 1.00 21.10 ? 68  GLU A OE2 1 
ATOM   545  N N   . LYS A 1 72 ? -20.323 -3.217  -6.622  1.00 10.00 ? 69  LYS A N   1 
ATOM   546  C CA  . LYS A 1 72 ? -19.966 -2.360  -5.489  1.00 10.00 ? 69  LYS A CA  1 
ATOM   547  C C   . LYS A 1 72 ? -18.616 -2.641  -4.836  1.00 10.04 ? 69  LYS A C   1 
ATOM   548  O O   . LYS A 1 72 ? -18.451 -3.475  -3.927  1.00 10.00 ? 69  LYS A O   1 
ATOM   549  C CB  . LYS A 1 72 ? -21.118 -2.678  -4.534  1.00 10.43 ? 69  LYS A CB  1 
ATOM   550  C CG  . LYS A 1 72 ? -20.869 -2.402  -3.119  1.00 10.00 ? 69  LYS A CG  1 
ATOM   551  C CD  . LYS A 1 72 ? -20.424 -0.924  -3.021  1.00 10.00 ? 69  LYS A CD  1 
ATOM   552  C CE  . LYS A 1 72 ? -20.892 -0.589  -1.578  1.00 13.49 ? 69  LYS A CE  1 
ATOM   553  N NZ  . LYS A 1 72 ? -22.201 -1.323  -1.444  1.00 12.56 ? 69  LYS A NZ  1 
ATOM   554  N N   . ARG A 1 73 ? -17.586 -1.875  -5.200  1.00 10.84 ? 70  ARG A N   1 
ATOM   555  C CA  . ARG A 1 73 ? -16.195 -2.072  -4.812  1.00 12.23 ? 70  ARG A CA  1 
ATOM   556  C C   . ARG A 1 73 ? -15.949 -2.041  -3.301  1.00 12.56 ? 70  ARG A C   1 
ATOM   557  O O   . ARG A 1 73 ? -15.292 -3.044  -2.834  1.00 12.45 ? 70  ARG A O   1 
ATOM   558  C CB  . ARG A 1 73 ? -15.079 -1.416  -5.695  1.00 12.84 ? 70  ARG A CB  1 
ATOM   559  C CG  . ARG A 1 73 ? -13.713 -1.387  -5.035  1.00 13.66 ? 70  ARG A CG  1 
ATOM   560  C CD  . ARG A 1 73 ? -12.690 -0.379  -5.543  1.00 16.20 ? 70  ARG A CD  1 
ATOM   561  N NE  . ARG A 1 73 ? -11.877 -1.066  -6.566  1.00 19.10 ? 70  ARG A NE  1 
ATOM   562  C CZ  . ARG A 1 73 ? -10.839 -1.820  -6.142  1.00 20.29 ? 70  ARG A CZ  1 
ATOM   563  N NH1 . ARG A 1 73 ? -10.207 -1.496  -4.998  1.00 20.88 ? 70  ARG A NH1 1 
ATOM   564  N NH2 . ARG A 1 73 ? -10.215 -2.592  -7.010  1.00 21.76 ? 70  ARG A NH2 1 
ATOM   565  N N   . TYR A 1 74 ? -16.353 -1.055  -2.558  1.00 12.44 ? 71  TYR A N   1 
ATOM   566  C CA  . TYR A 1 74 ? -16.234 -1.104  -1.110  1.00 12.44 ? 71  TYR A CA  1 
ATOM   567  C C   . TYR A 1 74 ? -17.518 -0.462  -0.548  1.00 14.54 ? 71  TYR A C   1 
ATOM   568  O O   . TYR A 1 74 ? -18.489 -0.251  -1.320  1.00 13.22 ? 71  TYR A O   1 
ATOM   569  C CB  . TYR A 1 74 ? -14.976 -0.442  -0.504  1.00 14.87 ? 71  TYR A CB  1 
ATOM   570  C CG  . TYR A 1 74 ? -14.845 1.033   -0.779  1.00 14.69 ? 71  TYR A CG  1 
ATOM   571  C CD1 . TYR A 1 74 ? -14.736 1.492   -2.100  1.00 15.15 ? 71  TYR A CD1 1 
ATOM   572  C CD2 . TYR A 1 74 ? -15.157 1.953   0.225   1.00 15.11 ? 71  TYR A CD2 1 
ATOM   573  C CE1 . TYR A 1 74 ? -14.780 2.868   -2.372  1.00 16.01 ? 71  TYR A CE1 1 
ATOM   574  C CE2 . TYR A 1 74 ? -15.153 3.329   -0.007  1.00 15.73 ? 71  TYR A CE2 1 
ATOM   575  C CZ  . TYR A 1 74 ? -14.915 3.775   -1.314  1.00 16.68 ? 71  TYR A CZ  1 
ATOM   576  O OH  . TYR A 1 74 ? -14.869 5.131   -1.532  1.00 16.88 ? 71  TYR A OH  1 
ATOM   577  N N   . ASP A 1 75 ? -17.403 -0.211  0.768   1.00 13.77 ? 72  ASP A N   1 
ATOM   578  C CA  . ASP A 1 75 ? -18.473 0.478   1.512   1.00 14.23 ? 72  ASP A CA  1 
ATOM   579  C C   . ASP A 1 75 ? -17.961 0.476   2.954   1.00 13.40 ? 72  ASP A C   1 
ATOM   580  O O   . ASP A 1 75 ? -17.136 -0.408  3.314   1.00 13.21 ? 72  ASP A O   1 
ATOM   581  C CB  . ASP A 1 75 ? -19.857 -0.122  1.337   1.00 14.87 ? 72  ASP A CB  1 
ATOM   582  C CG  . ASP A 1 75 ? -20.979 0.741   1.892   1.00 17.73 ? 72  ASP A CG  1 
ATOM   583  O OD1 . ASP A 1 75 ? -20.718 1.742   2.586   1.00 13.22 ? 72  ASP A OD1 1 
ATOM   584  O OD2 . ASP A 1 75 ? -22.183 0.476   1.557   1.00 20.84 ? 72  ASP A OD2 1 
ATOM   585  N N   . TYR A 1 76 ? -18.458 1.409   3.729   1.00 13.00 ? 73  TYR A N   1 
ATOM   586  C CA  . TYR A 1 76 ? -18.093 1.455   5.173   1.00 12.97 ? 73  TYR A CA  1 
ATOM   587  C C   . TYR A 1 76 ? -19.054 0.553   5.995   1.00 14.13 ? 73  TYR A C   1 
ATOM   588  O O   . TYR A 1 76 ? -20.116 0.051   5.565   1.00 13.85 ? 73  TYR A O   1 
ATOM   589  C CB  . TYR A 1 76 ? -18.026 2.872   5.731   1.00 12.97 ? 73  TYR A CB  1 
ATOM   590  C CG  . TYR A 1 76 ? -17.252 3.840   4.870   1.00 15.80 ? 73  TYR A CG  1 
ATOM   591  C CD1 . TYR A 1 76 ? -17.679 4.129   3.577   1.00 17.79 ? 73  TYR A CD1 1 
ATOM   592  C CD2 . TYR A 1 76 ? -16.038 4.411   5.270   1.00 17.47 ? 73  TYR A CD2 1 
ATOM   593  C CE1 . TYR A 1 76 ? -16.999 5.044   2.766   1.00 16.21 ? 73  TYR A CE1 1 
ATOM   594  C CE2 . TYR A 1 76 ? -15.353 5.352   4.482   1.00 17.89 ? 73  TYR A CE2 1 
ATOM   595  C CZ  . TYR A 1 76 ? -15.871 5.693   3.232   1.00 15.92 ? 73  TYR A CZ  1 
ATOM   596  O OH  . TYR A 1 76 ? -15.234 6.497   2.331   1.00 13.65 ? 73  TYR A OH  1 
ATOM   597  N N   . CYS A 1 77 ? -18.474 0.158   7.081   1.00 13.63 ? 74  CYS A N   1 
ATOM   598  C CA  . CYS A 1 77 ? -18.944 -0.694  8.143   1.00 16.34 ? 74  CYS A CA  1 
ATOM   599  C C   . CYS A 1 77 ? -19.291 0.289   9.312   1.00 19.07 ? 74  CYS A C   1 
ATOM   600  O O   . CYS A 1 77 ? -18.793 1.445   9.398   1.00 19.29 ? 74  CYS A O   1 
ATOM   601  C CB  . CYS A 1 77 ? -17.887 -1.706  8.578   1.00 14.95 ? 74  CYS A CB  1 
ATOM   602  S SG  . CYS A 1 77 ? -17.063 -2.601  7.181   1.00 14.92 ? 74  CYS A SG  1 
ATOM   603  N N   . ASP A 1 78 ? -20.229 -0.202  10.125  1.00 19.92 ? 75  ASP A N   1 
ATOM   604  C CA  . ASP A 1 78 ? -20.836 0.505   11.235  1.00 20.65 ? 75  ASP A CA  1 
ATOM   605  C C   . ASP A 1 78 ? -20.311 0.005   12.577  1.00 21.72 ? 75  ASP A C   1 
ATOM   606  O O   . ASP A 1 78 ? -20.918 -0.923  13.177  1.00 21.00 ? 75  ASP A O   1 
ATOM   607  C CB  . ASP A 1 78 ? -22.353 0.256   11.172  1.00 24.74 ? 75  ASP A CB  1 
ATOM   608  C CG  . ASP A 1 78 ? -23.077 1.557   11.433  1.00 26.87 ? 75  ASP A CG  1 
ATOM   609  O OD1 . ASP A 1 78 ? -22.575 2.356   12.237  1.00 28.96 ? 75  ASP A OD1 1 
ATOM   610  O OD2 . ASP A 1 78 ? -24.108 1.744   10.744  1.00 29.91 ? 75  ASP A OD2 1 
ATOM   611  N N   . ILE A 1 79 ? -19.193 0.642   12.935  1.00 22.47 ? 76  ILE A N   1 
ATOM   612  C CA  . ILE A 1 79 ? -18.519 0.233   14.191  1.00 22.15 ? 76  ILE A CA  1 
ATOM   613  C C   . ILE A 1 79 ? -18.891 1.287   15.216  1.00 23.60 ? 76  ILE A C   1 
ATOM   614  O O   . ILE A 1 79 ? -18.963 2.472   14.831  1.00 23.78 ? 76  ILE A O   1 
ATOM   615  C CB  . ILE A 1 79 ? -17.006 -0.040  13.939  1.00 21.83 ? 76  ILE A CB  1 
ATOM   616  C CG1 . ILE A 1 79 ? -16.830 -1.213  12.939  1.00 19.49 ? 76  ILE A CG1 1 
ATOM   617  C CG2 . ILE A 1 79 ? -16.198 -0.291  15.250  1.00 18.97 ? 76  ILE A CG2 1 
ATOM   618  C CD1 . ILE A 1 79 ? -17.844 -1.372  11.766  1.00 21.52 ? 76  ILE A CD1 1 
ATOM   619  N N   . LEU A 1 80 ? -19.383 0.728   16.306  1.00 24.26 ? 77  LEU A N   1 
ATOM   620  C CA  . LEU A 1 80 ? -19.772 1.545   17.463  1.00 26.49 ? 77  LEU A CA  1 
ATOM   621  C C   . LEU A 1 80 ? -18.538 2.185   18.078  1.00 27.58 ? 77  LEU A C   1 
ATOM   622  O O   . LEU A 1 80 ? -17.442 1.587   18.087  1.00 27.13 ? 77  LEU A O   1 
ATOM   623  C CB  . LEU A 1 80 ? -20.687 0.614   18.318  1.00 27.82 ? 77  LEU A CB  1 
ATOM   624  C CG  . LEU A 1 80 ? -21.974 0.185   17.540  1.00 27.25 ? 77  LEU A CG  1 
ATOM   625  C CD1 . LEU A 1 80 ? -21.568 -0.677  16.329  1.00 27.60 ? 77  LEU A CD1 1 
ATOM   626  C CD2 . LEU A 1 80 ? -22.986 -0.623  18.363  1.00 24.54 ? 77  LEU A CD2 1 
ATOM   627  N N   . GLU A 1 81 ? -18.697 3.419   18.584  1.00 28.82 ? 78  GLU A N   1 
ATOM   628  C CA  . GLU A 1 81 ? -17.555 4.132   19.161  1.00 29.49 ? 78  GLU A CA  1 
ATOM   629  C C   . GLU A 1 81 ? -17.086 3.710   20.543  1.00 29.87 ? 78  GLU A C   1 
ATOM   630  O O   . GLU A 1 81 ? -17.665 3.184   21.500  1.00 30.78 ? 78  GLU A O   1 
ATOM   631  C CB  . GLU A 1 81 ? -17.608 5.661   19.116  1.00 30.08 ? 78  GLU A CB  1 
ATOM   632  C CG  . GLU A 1 81 ? -16.773 6.286   17.994  1.00 31.31 ? 78  GLU A CG  1 
ATOM   633  C CD  . GLU A 1 81 ? -15.313 6.505   18.228  1.00 32.18 ? 78  GLU A CD  1 
ATOM   634  O OE1 . GLU A 1 81 ? -14.867 7.320   19.032  1.00 32.90 ? 78  GLU A OE1 1 
ATOM   635  O OE2 . GLU A 1 81 ? -14.563 5.837   17.465  1.00 32.47 ? 78  GLU A OE2 1 
ATOM   636  N N   . CYS A 1 82 ? -15.806 3.991   20.619  1.00 29.78 ? 79  CYS A N   1 
ATOM   637  C CA  . CYS A 1 82 ? -14.787 3.700   21.620  1.00 29.91 ? 79  CYS A CA  1 
ATOM   638  C C   . CYS A 1 82 ? -13.920 4.923   21.903  1.00 30.70 ? 79  CYS A C   1 
ATOM   639  O O   . CYS A 1 82 ? -14.071 5.569   22.981  1.00 31.12 ? 79  CYS A O   1 
ATOM   640  C CB  . CYS A 1 82 ? -14.009 2.587   20.898  1.00 26.31 ? 79  CYS A CB  1 
ATOM   641  S SG  . CYS A 1 82 ? -13.307 1.314   21.891  1.00 24.39 ? 79  CYS A SG  1 
ATOM   642  N N   . GLU B 1 3  A 21.820  13.270  -2.118  1.00 28.68 ? 1   GLU B N   1 
ATOM   643  C CA  . GLU B 1 3  A 21.407  12.782  -0.789  1.00 27.13 ? 1   GLU B CA  1 
ATOM   644  C C   . GLU B 1 3  A 21.799  11.320  -0.564  1.00 25.93 ? 1   GLU B C   1 
ATOM   645  O O   . GLU B 1 3  A 21.799  10.492  -1.493  1.00 27.61 ? 1   GLU B O   1 
ATOM   646  C CB  . GLU B 1 3  A 19.890  12.941  -0.658  1.00 28.94 ? 1   GLU B CB  1 
ATOM   647  C CG  . GLU B 1 3  A 19.414  13.301  0.744   1.00 30.10 ? 1   GLU B CG  1 
ATOM   648  C CD  . GLU B 1 3  A 20.411  14.146  1.508   1.00 30.92 ? 1   GLU B CD  1 
ATOM   649  O OE1 . GLU B 1 3  A 20.912  15.122  0.971   1.00 33.32 ? 1   GLU B OE1 1 
ATOM   650  O OE2 . GLU B 1 3  A 20.704  13.791  2.667   1.00 29.93 ? 1   GLU B OE2 1 
ATOM   651  N N   . CYS B 1 4  ? 22.045  10.924  0.646   1.00 23.59 ? 1   CYS B N   1 
ATOM   652  C CA  . CYS B 1 4  ? 22.455  9.580   1.048   1.00 23.22 ? 1   CYS B CA  1 
ATOM   653  C C   . CYS B 1 4  ? 21.332  8.854   1.767   1.00 23.62 ? 1   CYS B C   1 
ATOM   654  O O   . CYS B 1 4  ? 20.382  9.520   2.275   1.00 23.37 ? 1   CYS B O   1 
ATOM   655  C CB  . CYS B 1 4  ? 23.677  9.776   1.947   1.00 22.29 ? 1   CYS B CB  1 
ATOM   656  S SG  . CYS B 1 4  ? 23.480  11.243  3.033   1.00 23.90 ? 1   CYS B SG  1 
ATOM   657  N N   . LYS B 1 5  ? 21.536  7.563   2.014   1.00 22.86 ? 2   LYS B N   1 
ATOM   658  C CA  . LYS B 1 5  ? 20.563  6.745   2.775   1.00 22.02 ? 2   LYS B CA  1 
ATOM   659  C C   . LYS B 1 5  ? 21.122  6.446   4.177   1.00 23.31 ? 2   LYS B C   1 
ATOM   660  O O   . LYS B 1 5  ? 22.372  6.419   4.439   1.00 21.71 ? 2   LYS B O   1 
ATOM   661  C CB  . LYS B 1 5  ? 20.159  5.396   2.176   1.00 21.29 ? 2   LYS B CB  1 
ATOM   662  C CG  . LYS B 1 5  ? 20.928  4.157   2.636   1.00 21.88 ? 2   LYS B CG  1 
ATOM   663  C CD  . LYS B 1 5  ? 20.889  3.045   1.528   1.00 21.55 ? 2   LYS B CD  1 
ATOM   664  C CE  . LYS B 1 5  ? 21.800  1.891   1.940   1.00 23.44 ? 2   LYS B CE  1 
ATOM   665  N NZ  . LYS B 1 5  ? 21.028  0.697   2.385   1.00 20.19 ? 2   LYS B NZ  1 
ATOM   666  N N   . THR B 1 6  ? 20.137  6.294   5.088   1.00 22.44 ? 3   THR B N   1 
ATOM   667  C CA  . THR B 1 6  ? 20.657  5.903   6.412   1.00 22.94 ? 3   THR B CA  1 
ATOM   668  C C   . THR B 1 6  ? 20.082  4.527   6.751   1.00 22.89 ? 3   THR B C   1 
ATOM   669  O O   . THR B 1 6  ? 19.014  4.185   6.186   1.00 23.25 ? 3   THR B O   1 
ATOM   670  C CB  . THR B 1 6  ? 20.597  6.990   7.512   1.00 24.55 ? 3   THR B CB  1 
ATOM   671  O OG1 . THR B 1 6  ? 21.613  6.500   8.482   1.00 27.63 ? 3   THR B OG1 1 
ATOM   672  C CG2 . THR B 1 6  ? 19.223  7.089   8.173   1.00 26.22 ? 3   THR B CG2 1 
ATOM   673  N N   . GLY B 1 7  ? 20.865  3.746   7.491   1.00 22.03 ? 4   GLY B N   1 
ATOM   674  C CA  . GLY B 1 7  ? 20.449  2.337   7.754   1.00 21.08 ? 4   GLY B CA  1 
ATOM   675  C C   . GLY B 1 7  ? 20.058  1.778   6.387   1.00 20.64 ? 4   GLY B C   1 
ATOM   676  O O   . GLY B 1 7  ? 20.758  1.986   5.404   1.00 20.02 ? 4   GLY B O   1 
ATOM   677  N N   . ASN B 1 8  ? 18.850  1.293   6.235   1.00 20.96 ? 5   ASN B N   1 
ATOM   678  C CA  . ASN B 1 8  ? 18.339  0.758   4.971   1.00 21.40 ? 5   ASN B CA  1 
ATOM   679  C C   . ASN B 1 8  ? 17.545  1.779   4.135   1.00 20.37 ? 5   ASN B C   1 
ATOM   680  O O   . ASN B 1 8  ? 16.968  1.391   3.089   1.00 18.62 ? 5   ASN B O   1 
ATOM   681  C CB  . ASN B 1 8  ? 17.607  -0.560  5.288   1.00 26.86 ? 5   ASN B CB  1 
ATOM   682  C CG  . ASN B 1 8  ? 16.149  -0.283  5.620   1.00 31.45 ? 5   ASN B CG  1 
ATOM   683  O OD1 . ASN B 1 8  ? 15.283  -0.436  4.714   1.00 33.90 ? 5   ASN B OD1 1 
ATOM   684  N ND2 . ASN B 1 8  ? 15.919  0.242   6.836   1.00 33.49 ? 5   ASN B ND2 1 
ATOM   685  N N   . GLY B 1 9  ? 17.621  3.052   4.523   1.00 19.63 ? 6   GLY B N   1 
ATOM   686  C CA  . GLY B 1 9  ? 17.038  4.219   3.890   1.00 19.65 ? 6   GLY B CA  1 
ATOM   687  C C   . GLY B 1 9  ? 15.526  4.237   3.623   1.00 20.99 ? 6   GLY B C   1 
ATOM   688  O O   . GLY B 1 9  ? 15.027  4.248   2.442   1.00 20.78 ? 6   GLY B O   1 
ATOM   689  N N   . LYS B 1 10 ? 14.788  4.213   4.755   1.00 19.71 ? 7   LYS B N   1 
ATOM   690  C CA  . LYS B 1 10 ? 13.320  4.244   4.714   1.00 19.26 ? 7   LYS B CA  1 
ATOM   691  C C   . LYS B 1 10 ? 12.831  5.714   4.535   1.00 19.03 ? 7   LYS B C   1 
ATOM   692  O O   . LYS B 1 10 ? 11.726  6.035   3.991   1.00 18.15 ? 7   LYS B O   1 
ATOM   693  C CB  . LYS B 1 10 ? 12.650  3.629   5.947   1.00 17.26 ? 7   LYS B CB  1 
ATOM   694  C CG  . LYS B 1 10 ? 11.629  2.553   5.510   1.00 18.86 ? 7   LYS B CG  1 
ATOM   695  C CD  . LYS B 1 10 ? 10.342  2.961   4.873   1.00 17.99 ? 7   LYS B CD  1 
ATOM   696  C CE  . LYS B 1 10 ? 9.185   3.238   5.859   1.00 21.31 ? 7   LYS B CE  1 
ATOM   697  N NZ  . LYS B 1 10 ? 7.917   2.633   5.287   1.00 21.61 ? 7   LYS B NZ  1 
ATOM   698  N N   . ASN B 1 11 ? 13.787  6.545   4.930   1.00 16.04 ? 8   ASN B N   1 
ATOM   699  C CA  . ASN B 1 11 ? 13.562  7.971   4.849   1.00 15.71 ? 8   ASN B CA  1 
ATOM   700  C C   . ASN B 1 11 ? 14.500  8.647   3.816   1.00 15.36 ? 8   ASN B C   1 
ATOM   701  O O   . ASN B 1 11 ? 14.661  9.895   3.929   1.00 12.98 ? 8   ASN B O   1 
ATOM   702  C CB  . ASN B 1 11 ? 13.572  8.633   6.235   1.00 16.87 ? 8   ASN B CB  1 
ATOM   703  C CG  . ASN B 1 11 ? 12.781  7.887   7.293   1.00 19.77 ? 8   ASN B CG  1 
ATOM   704  O OD1 . ASN B 1 11 ? 13.374  7.572   8.338   1.00 18.59 ? 8   ASN B OD1 1 
ATOM   705  N ND2 . ASN B 1 11 ? 11.526  7.450   7.034   1.00 21.67 ? 8   ASN B ND2 1 
ATOM   706  N N   . TYR B 1 12 ? 15.066  7.851   2.912   1.00 15.96 ? 9   TYR B N   1 
ATOM   707  C CA  . TYR B 1 12 ? 15.886  8.429   1.799   1.00 16.35 ? 9   TYR B CA  1 
ATOM   708  C C   . TYR B 1 12 ? 14.977  9.328   0.926   1.00 16.69 ? 9   TYR B C   1 
ATOM   709  O O   . TYR B 1 12 ? 13.887  8.803   0.547   1.00 14.90 ? 9   TYR B O   1 
ATOM   710  C CB  . TYR B 1 12 ? 16.551  7.382   0.859   1.00 15.23 ? 9   TYR B CB  1 
ATOM   711  C CG  . TYR B 1 12 ? 17.097  7.744   -0.517  1.00 13.01 ? 9   TYR B CG  1 
ATOM   712  C CD1 . TYR B 1 12 ? 18.226  8.554   -0.748  1.00 13.33 ? 9   TYR B CD1 1 
ATOM   713  C CD2 . TYR B 1 12 ? 16.478  7.266   -1.654  1.00 13.77 ? 9   TYR B CD2 1 
ATOM   714  C CE1 . TYR B 1 12 ? 18.676  8.941   -1.993  1.00 12.65 ? 9   TYR B CE1 1 
ATOM   715  C CE2 . TYR B 1 12 ? 16.928  7.551   -2.940  1.00 14.97 ? 9   TYR B CE2 1 
ATOM   716  C CZ  . TYR B 1 12 ? 18.106  8.318   -3.110  1.00 15.37 ? 9   TYR B CZ  1 
ATOM   717  O OH  . TYR B 1 12 ? 18.476  8.669   -4.402  1.00 14.16 ? 9   TYR B OH  1 
ATOM   718  N N   . ARG B 1 13 ? 15.310  10.616  0.862   1.00 17.86 ? 10  ARG B N   1 
ATOM   719  C CA  . ARG B 1 13 ? 14.518  11.483  -0.064  1.00 18.86 ? 10  ARG B CA  1 
ATOM   720  C C   . ARG B 1 13 ? 15.411  12.167  -1.131  1.00 17.90 ? 10  ARG B C   1 
ATOM   721  O O   . ARG B 1 13 ? 15.252  13.340  -1.507  1.00 18.53 ? 10  ARG B O   1 
ATOM   722  C CB  . ARG B 1 13 ? 13.588  12.509  0.558   1.00 21.28 ? 10  ARG B CB  1 
ATOM   723  C CG  . ARG B 1 13 ? 12.270  12.222  1.225   1.00 23.81 ? 10  ARG B CG  1 
ATOM   724  C CD  . ARG B 1 13 ? 11.524  10.987  0.759   1.00 24.94 ? 10  ARG B CD  1 
ATOM   725  N NE  . ARG B 1 13 ? 10.706  10.393  1.843   1.00 25.82 ? 10  ARG B NE  1 
ATOM   726  C CZ  . ARG B 1 13 ? 10.346  9.116   2.006   1.00 24.84 ? 10  ARG B CZ  1 
ATOM   727  N NH1 . ARG B 1 13 ? 10.713  8.132   1.170   1.00 23.35 ? 10  ARG B NH1 1 
ATOM   728  N NH2 . ARG B 1 13 ? 9.649   8.803   3.107   1.00 24.38 ? 10  ARG B NH2 1 
ATOM   729  N N   . GLY B 1 14 ? 16.336  11.454  -1.723  1.00 18.46 ? 11  GLY B N   1 
ATOM   730  C CA  . GLY B 1 14 ? 17.338  11.720  -2.759  1.00 14.63 ? 11  GLY B CA  1 
ATOM   731  C C   . GLY B 1 14 ? 16.626  11.524  -4.102  1.00 14.46 ? 11  GLY B C   1 
ATOM   732  O O   . GLY B 1 14 ? 15.430  11.153  -4.120  1.00 14.59 ? 11  GLY B O   1 
ATOM   733  N N   . THR B 1 15 ? 17.253  11.997  -5.169  1.00 12.19 ? 12  THR B N   1 
ATOM   734  C CA  . THR B 1 15 ? 16.779  11.939  -6.535  1.00 11.15 ? 12  THR B CA  1 
ATOM   735  C C   . THR B 1 15 ? 17.436  10.806  -7.347  1.00 10.11 ? 12  THR B C   1 
ATOM   736  O O   . THR B 1 15 ? 17.384  10.872  -8.578  1.00 10.00 ? 12  THR B O   1 
ATOM   737  C CB  . THR B 1 15 ? 17.006  13.321  -7.293  1.00 16.42 ? 12  THR B CB  1 
ATOM   738  O OG1 . THR B 1 15 ? 18.473  13.545  -7.436  1.00 17.32 ? 12  THR B OG1 1 
ATOM   739  C CG2 . THR B 1 15 ? 16.327  14.521  -6.606  1.00 17.75 ? 12  THR B CG2 1 
ATOM   740  N N   . MET B 1 16 ? 17.966  9.751   -6.715  1.00 10.00 ? 13  MET B N   1 
ATOM   741  C CA  . MET B 1 16 ? 18.595  8.693   -7.549  1.00 10.84 ? 13  MET B CA  1 
ATOM   742  C C   . MET B 1 16 ? 17.469  8.144   -8.436  1.00 11.94 ? 13  MET B C   1 
ATOM   743  O O   . MET B 1 16 ? 16.298  7.891   -7.971  1.00 10.74 ? 13  MET B O   1 
ATOM   744  C CB  . MET B 1 16 ? 19.407  7.714   -6.693  1.00 12.52 ? 13  MET B CB  1 
ATOM   745  C CG  . MET B 1 16 ? 20.848  8.178   -6.765  1.00 15.92 ? 13  MET B CG  1 
ATOM   746  S SD  . MET B 1 16 ? 21.846  7.121   -7.883  1.00 18.34 ? 13  MET B SD  1 
ATOM   747  C CE  . MET B 1 16 ? 20.714  6.345   -9.054  1.00 13.30 ? 13  MET B CE  1 
ATOM   748  N N   . SER B 1 17 ? 17.797  7.946   -9.700  1.00 10.00 ? 14  SER B N   1 
ATOM   749  C CA  . SER B 1 17 ? 16.759  7.522   -10.643 1.00 10.00 ? 14  SER B CA  1 
ATOM   750  C C   . SER B 1 17 ? 17.068  6.364   -11.547 1.00 10.00 ? 14  SER B C   1 
ATOM   751  O O   . SER B 1 17 ? 16.317  6.061   -12.525 1.00 10.50 ? 14  SER B O   1 
ATOM   752  C CB  . SER B 1 17 ? 16.363  8.777   -11.453 1.00 12.68 ? 14  SER B CB  1 
ATOM   753  O OG  . SER B 1 17 ? 17.330  9.505   -12.141 1.00 10.00 ? 14  SER B OG  1 
ATOM   754  N N   . LYS B 1 18 ? 18.204  5.695   -11.266 1.00 10.53 ? 15  LYS B N   1 
ATOM   755  C CA  . LYS B 1 18 ? 18.491  4.518   -12.166 1.00 12.12 ? 15  LYS B CA  1 
ATOM   756  C C   . LYS B 1 18 ? 18.831  3.423   -11.208 1.00 11.53 ? 15  LYS B C   1 
ATOM   757  O O   . LYS B 1 18 ? 19.254  3.901   -10.128 1.00 12.77 ? 15  LYS B O   1 
ATOM   758  C CB  . LYS B 1 18 ? 19.608  4.903   -13.097 1.00 16.31 ? 15  LYS B CB  1 
ATOM   759  C CG  . LYS B 1 18 ? 19.631  4.318   -14.495 1.00 17.26 ? 15  LYS B CG  1 
ATOM   760  C CD  . LYS B 1 18 ? 20.471  5.262   -15.372 1.00 22.11 ? 15  LYS B CD  1 
ATOM   761  C CE  . LYS B 1 18 ? 21.069  6.443   -14.618 1.00 18.79 ? 15  LYS B CE  1 
ATOM   762  N NZ  . LYS B 1 18 ? 20.302  7.702   -15.017 1.00 22.14 ? 15  LYS B NZ  1 
ATOM   763  N N   . THR B 1 19 ? 18.632  2.168   -11.520 1.00 13.60 ? 16  THR B N   1 
ATOM   764  C CA  . THR B 1 19 ? 19.028  1.052   -10.615 1.00 13.53 ? 16  THR B CA  1 
ATOM   765  C C   . THR B 1 19 ? 20.535  0.874   -10.410 1.00 13.97 ? 16  THR B C   1 
ATOM   766  O O   . THR B 1 19 ? 21.269  1.595   -11.121 1.00 15.22 ? 16  THR B O   1 
ATOM   767  C CB  . THR B 1 19 ? 18.608  -0.397  -11.106 1.00 11.10 ? 16  THR B CB  1 
ATOM   768  O OG1 . THR B 1 19 ? 18.783  -0.373  -12.547 1.00 11.26 ? 16  THR B OG1 1 
ATOM   769  C CG2 . THR B 1 19 ? 17.203  -0.749  -10.641 1.00 13.21 ? 16  THR B CG2 1 
ATOM   770  N N   . LYS B 1 20 ? 20.864  -0.256  -9.770  1.00 13.18 ? 17  LYS B N   1 
ATOM   771  C CA  . LYS B 1 20 ? 22.324  -0.472  -9.617  1.00 13.95 ? 17  LYS B CA  1 
ATOM   772  C C   . LYS B 1 20 ? 22.800  -1.020  -10.989 1.00 14.04 ? 17  LYS B C   1 
ATOM   773  O O   . LYS B 1 20 ? 24.031  -0.934  -11.169 1.00 15.28 ? 17  LYS B O   1 
ATOM   774  C CB  . LYS B 1 20 ? 22.769  -1.364  -8.521  1.00 12.18 ? 17  LYS B CB  1 
ATOM   775  C CG  . LYS B 1 20 ? 22.151  -1.831  -7.249  1.00 10.47 ? 17  LYS B CG  1 
ATOM   776  C CD  . LYS B 1 20 ? 22.627  -3.256  -6.934  1.00 12.80 ? 17  LYS B CD  1 
ATOM   777  C CE  . LYS B 1 20 ? 21.918  -4.258  -7.839  1.00 13.28 ? 17  LYS B CE  1 
ATOM   778  N NZ  . LYS B 1 20 ? 21.566  -3.622  -9.165  1.00 14.66 ? 17  LYS B NZ  1 
ATOM   779  N N   . ASN B 1 21 ? 22.017  -1.510  -11.913 1.00 14.02 ? 18  ASN B N   1 
ATOM   780  C CA  . ASN B 1 21 ? 22.503  -1.985  -13.219 1.00 15.03 ? 18  ASN B CA  1 
ATOM   781  C C   . ASN B 1 21 ? 22.323  -0.970  -14.360 1.00 15.26 ? 18  ASN B C   1 
ATOM   782  O O   . ASN B 1 21 ? 22.098  -1.394  -15.531 1.00 15.51 ? 18  ASN B O   1 
ATOM   783  C CB  . ASN B 1 21 ? 21.847  -3.307  -13.628 1.00 17.41 ? 18  ASN B CB  1 
ATOM   784  C CG  . ASN B 1 21 ? 22.538  -4.384  -12.788 1.00 22.35 ? 18  ASN B CG  1 
ATOM   785  O OD1 . ASN B 1 21 ? 21.799  -5.135  -12.128 1.00 25.55 ? 18  ASN B OD1 1 
ATOM   786  N ND2 . ASN B 1 21 ? 23.867  -4.299  -12.639 1.00 21.67 ? 18  ASN B ND2 1 
ATOM   787  N N   . GLY B 1 22 ? 22.451  0.275   -13.987 1.00 14.22 ? 19  GLY B N   1 
ATOM   788  C CA  . GLY B 1 22 ? 22.276  1.436   -14.856 1.00 14.86 ? 19  GLY B CA  1 
ATOM   789  C C   . GLY B 1 22 ? 20.964  1.543   -15.632 1.00 14.74 ? 19  GLY B C   1 
ATOM   790  O O   . GLY B 1 22 ? 20.852  2.180   -16.720 1.00 13.90 ? 19  GLY B O   1 
ATOM   791  N N   . ILE B 1 23 ? 19.878  0.968   -15.144 1.00 14.55 ? 20  ILE B N   1 
ATOM   792  C CA  . ILE B 1 23 ? 18.598  1.060   -15.898 1.00 14.60 ? 20  ILE B CA  1 
ATOM   793  C C   . ILE B 1 23 ? 17.654  2.070   -15.249 1.00 14.92 ? 20  ILE B C   1 
ATOM   794  O O   . ILE B 1 23 ? 17.500  2.254   -14.010 1.00 14.23 ? 20  ILE B O   1 
ATOM   795  C CB  . ILE B 1 23 ? 18.014  -0.372  -16.110 1.00 16.21 ? 20  ILE B CB  1 
ATOM   796  C CG1 . ILE B 1 23 ? 16.482  -0.417  -16.104 1.00 15.42 ? 20  ILE B CG1 1 
ATOM   797  C CG2 . ILE B 1 23 ? 18.640  -1.387  -15.083 1.00 16.50 ? 20  ILE B CG2 1 
ATOM   798  C CD1 . ILE B 1 23 ? 15.676  0.356   -17.180 1.00 12.76 ? 20  ILE B CD1 1 
ATOM   799  N N   . THR B 1 24 ? 17.005  2.733   -16.229 1.00 14.85 ? 21  THR B N   1 
ATOM   800  C CA  . THR B 1 24 ? 16.093  3.808   -15.822 1.00 15.27 ? 21  THR B CA  1 
ATOM   801  C C   . THR B 1 24 ? 14.820  3.290   -15.161 1.00 11.97 ? 21  THR B C   1 
ATOM   802  O O   . THR B 1 24 ? 14.216  2.410   -15.660 1.00 11.04 ? 21  THR B O   1 
ATOM   803  C CB  . THR B 1 24 ? 15.798  4.871   -16.934 1.00 19.00 ? 21  THR B CB  1 
ATOM   804  O OG1 . THR B 1 24 ? 15.959  6.145   -16.173 1.00 23.35 ? 21  THR B OG1 1 
ATOM   805  C CG2 . THR B 1 24 ? 14.416  4.779   -17.611 1.00 20.43 ? 21  THR B CG2 1 
ATOM   806  N N   . CYS B 1 25 ? 14.585  3.935   -14.033 1.00 12.74 ? 22  CYS B N   1 
ATOM   807  C CA  . CYS B 1 25 ? 13.452  3.728   -13.137 1.00 12.73 ? 22  CYS B CA  1 
ATOM   808  C C   . CYS B 1 25 ? 12.160  4.237   -13.836 1.00 11.45 ? 22  CYS B C   1 
ATOM   809  O O   . CYS B 1 25 ? 12.295  5.187   -14.632 1.00 10.34 ? 22  CYS B O   1 
ATOM   810  C CB  . CYS B 1 25 ? 13.682  4.473   -11.847 1.00 11.52 ? 22  CYS B CB  1 
ATOM   811  S SG  . CYS B 1 25 ? 14.882  3.828   -10.678 1.00 13.52 ? 22  CYS B SG  1 
ATOM   812  N N   . GLN B 1 26 ? 11.092  3.511   -13.586 1.00 12.62 ? 23  GLN B N   1 
ATOM   813  C CA  . GLN B 1 26 ? 9.712   3.845   -13.986 1.00 13.58 ? 23  GLN B CA  1 
ATOM   814  C C   . GLN B 1 26 ? 9.115   4.732   -12.854 1.00 14.65 ? 23  GLN B C   1 
ATOM   815  O O   . GLN B 1 26 ? 9.560   4.844   -11.680 1.00 13.21 ? 23  GLN B O   1 
ATOM   816  C CB  . GLN B 1 26 ? 8.785   2.665   -14.105 1.00 14.45 ? 23  GLN B CB  1 
ATOM   817  C CG  . GLN B 1 26 ? 7.363   2.843   -14.690 1.00 10.73 ? 23  GLN B CG  1 
ATOM   818  C CD  . GLN B 1 26 ? 6.580   1.559   -14.462 1.00 11.41 ? 23  GLN B CD  1 
ATOM   819  O OE1 . GLN B 1 26 ? 6.705   0.567   -15.155 1.00 10.00 ? 23  GLN B OE1 1 
ATOM   820  N NE2 . GLN B 1 26 ? 5.748   1.462   -13.415 1.00 11.24 ? 23  GLN B NE2 1 
ATOM   821  N N   . LYS B 1 27 ? 8.095   5.453   -13.330 1.00 17.13 ? 24  LYS B N   1 
ATOM   822  C CA  . LYS B 1 27 ? 7.377   6.415   -12.446 1.00 19.24 ? 24  LYS B CA  1 
ATOM   823  C C   . LYS B 1 27 ? 6.516   5.710   -11.400 1.00 18.28 ? 24  LYS B C   1 
ATOM   824  O O   . LYS B 1 27 ? 5.815   4.743   -11.766 1.00 19.72 ? 24  LYS B O   1 
ATOM   825  C CB  . LYS B 1 27 ? 6.457   7.403   -13.184 1.00 19.26 ? 24  LYS B CB  1 
ATOM   826  C CG  . LYS B 1 27 ? 7.302   8.564   -13.755 1.00 23.09 ? 24  LYS B CG  1 
ATOM   827  C CD  . LYS B 1 27 ? 7.879   9.443   -12.638 1.00 25.21 ? 24  LYS B CD  1 
ATOM   828  C CE  . LYS B 1 27 ? 8.450   10.737  -13.277 1.00 28.39 ? 24  LYS B CE  1 
ATOM   829  N NZ  . LYS B 1 27 ? 7.450   11.262  -14.262 1.00 29.04 ? 24  LYS B NZ  1 
ATOM   830  N N   . TRP B 1 28 ? 6.575   6.236   -10.186 1.00 17.67 ? 25  TRP B N   1 
ATOM   831  C CA  . TRP B 1 28 ? 5.691   5.568   -9.202  1.00 18.42 ? 25  TRP B CA  1 
ATOM   832  C C   . TRP B 1 28 ? 4.211   5.719   -9.580  1.00 19.57 ? 25  TRP B C   1 
ATOM   833  O O   . TRP B 1 28 ? 3.448   4.885   -9.091  1.00 20.04 ? 25  TRP B O   1 
ATOM   834  C CB  . TRP B 1 28 ? 5.948   6.115   -7.835  1.00 15.06 ? 25  TRP B CB  1 
ATOM   835  C CG  . TRP B 1 28 ? 7.387   5.934   -7.482  1.00 17.88 ? 25  TRP B CG  1 
ATOM   836  C CD1 . TRP B 1 28 ? 8.371   6.888   -7.510  1.00 14.40 ? 25  TRP B CD1 1 
ATOM   837  C CD2 . TRP B 1 28 ? 7.971   4.782   -6.851  1.00 18.04 ? 25  TRP B CD2 1 
ATOM   838  N NE1 . TRP B 1 28 ? 9.450   6.438   -6.834  1.00 12.31 ? 25  TRP B NE1 1 
ATOM   839  C CE2 . TRP B 1 28 ? 9.261   5.176   -6.402  1.00 17.80 ? 25  TRP B CE2 1 
ATOM   840  C CE3 . TRP B 1 28 ? 7.467   3.540   -6.464  1.00 19.72 ? 25  TRP B CE3 1 
ATOM   841  C CZ2 . TRP B 1 28 ? 10.112  4.279   -5.728  1.00 17.91 ? 25  TRP B CZ2 1 
ATOM   842  C CZ3 . TRP B 1 28 ? 8.273   2.699   -5.709  1.00 19.96 ? 25  TRP B CZ3 1 
ATOM   843  C CH2 . TRP B 1 28 ? 9.568   3.061   -5.334  1.00 17.59 ? 25  TRP B CH2 1 
ATOM   844  N N   . SER B 1 29 ? 3.932   6.728   -10.395 1.00 20.70 ? 26  SER B N   1 
ATOM   845  C CA  . SER B 1 29 ? 2.589   7.109   -10.843 1.00 20.71 ? 26  SER B CA  1 
ATOM   846  C C   . SER B 1 29 ? 2.299   6.750   -12.296 1.00 20.68 ? 26  SER B C   1 
ATOM   847  O O   . SER B 1 29 ? 1.392   7.305   -12.976 1.00 20.78 ? 26  SER B O   1 
ATOM   848  C CB  . SER B 1 29 ? 2.362   8.605   -10.517 1.00 21.03 ? 26  SER B CB  1 
ATOM   849  O OG  . SER B 1 29 ? 3.361   9.479   -11.065 1.00 20.89 ? 26  SER B OG  1 
ATOM   850  N N   . SER B 1 30 ? 3.017   5.719   -12.703 1.00 20.12 ? 27  SER B N   1 
ATOM   851  C CA  . SER B 1 30 ? 2.784   5.185   -14.075 1.00 20.20 ? 27  SER B CA  1 
ATOM   852  C C   . SER B 1 30 ? 2.480   3.700   -13.962 1.00 19.78 ? 27  SER B C   1 
ATOM   853  O O   . SER B 1 30 ? 2.781   3.192   -12.869 1.00 20.11 ? 27  SER B O   1 
ATOM   854  C CB  . SER B 1 30 ? 3.961   5.606   -14.939 1.00 21.30 ? 27  SER B CB  1 
ATOM   855  O OG  . SER B 1 30 ? 3.798   4.930   -16.211 1.00 26.32 ? 27  SER B OG  1 
ATOM   856  N N   . THR B 1 31 ? 1.755   3.045   -14.856 1.00 20.63 ? 28  THR B N   1 
ATOM   857  C CA  . THR B 1 31 ? 1.453   1.597   -14.751 1.00 21.63 ? 28  THR B CA  1 
ATOM   858  C C   . THR B 1 31 ? 1.842   0.819   -16.007 1.00 21.29 ? 28  THR B C   1 
ATOM   859  O O   . THR B 1 31 ? 1.170   -0.119  -16.431 1.00 20.60 ? 28  THR B O   1 
ATOM   860  C CB  . THR B 1 31 ? -0.035  1.247   -14.314 1.00 22.96 ? 28  THR B CB  1 
ATOM   861  O OG1 . THR B 1 31 ? -0.786  2.487   -14.486 1.00 23.95 ? 28  THR B OG1 1 
ATOM   862  C CG2 . THR B 1 31 ? -0.218  0.681   -12.901 1.00 21.97 ? 28  THR B CG2 1 
ATOM   863  N N   . SER B 1 32 ? 2.944   1.266   -16.575 1.00 22.23 ? 29  SER B N   1 
ATOM   864  C CA  . SER B 1 32 ? 3.645   0.778   -17.737 1.00 22.92 ? 29  SER B CA  1 
ATOM   865  C C   . SER B 1 32 ? 5.126   1.244   -17.639 1.00 24.19 ? 29  SER B C   1 
ATOM   866  O O   . SER B 1 32 ? 5.490   2.369   -17.201 1.00 24.59 ? 29  SER B O   1 
ATOM   867  C CB  . SER B 1 32 ? 3.060   1.150   -19.079 1.00 24.36 ? 29  SER B CB  1 
ATOM   868  O OG  . SER B 1 32 ? 2.872   -0.014  -19.888 1.00 26.51 ? 29  SER B OG  1 
ATOM   869  N N   . PRO B 1 33 ? 6.026   0.308   -17.926 1.00 23.11 ? 30  PRO B N   1 
ATOM   870  C CA  . PRO B 1 33 ? 5.720   -1.055  -18.306 1.00 22.75 ? 30  PRO B CA  1 
ATOM   871  C C   . PRO B 1 33 ? 5.030   -1.811  -17.159 1.00 21.53 ? 30  PRO B C   1 
ATOM   872  O O   . PRO B 1 33 ? 4.385   -2.839  -17.463 1.00 20.88 ? 30  PRO B O   1 
ATOM   873  C CB  . PRO B 1 33 ? 7.069   -1.753  -18.576 1.00 23.07 ? 30  PRO B CB  1 
ATOM   874  C CG  . PRO B 1 33 ? 8.136   -0.815  -18.133 1.00 22.84 ? 30  PRO B CG  1 
ATOM   875  C CD  . PRO B 1 33 ? 7.466   0.533   -17.791 1.00 23.87 ? 30  PRO B CD  1 
ATOM   876  N N   . HIS B 1 34 ? 5.107   -1.291  -15.944 1.00 19.38 ? 31  HIS B N   1 
ATOM   877  C CA  . HIS B 1 34 ? 4.615   -2.103  -14.831 1.00 19.40 ? 31  HIS B CA  1 
ATOM   878  C C   . HIS B 1 34 ? 3.597   -1.420  -13.920 1.00 18.15 ? 31  HIS B C   1 
ATOM   879  O O   . HIS B 1 34 ? 3.735   -0.255  -13.536 1.00 17.97 ? 31  HIS B O   1 
ATOM   880  C CB  . HIS B 1 34 ? 5.754   -2.716  -13.935 1.00 19.14 ? 31  HIS B CB  1 
ATOM   881  C CG  . HIS B 1 34 ? 7.005   -3.202  -14.612 1.00 20.83 ? 31  HIS B CG  1 
ATOM   882  N ND1 . HIS B 1 34 ? 8.240   -2.553  -14.488 1.00 20.24 ? 31  HIS B ND1 1 
ATOM   883  C CD2 . HIS B 1 34 ? 7.226   -4.265  -15.433 1.00 21.44 ? 31  HIS B CD2 1 
ATOM   884  C CE1 . HIS B 1 34 ? 9.096   -3.105  -15.327 1.00 19.99 ? 31  HIS B CE1 1 
ATOM   885  N NE2 . HIS B 1 34 ? 8.512   -4.131  -15.914 1.00 22.05 ? 31  HIS B NE2 1 
ATOM   886  N N   . ARG B 1 35 ? 2.615   -2.209  -13.504 1.00 17.86 ? 32  ARG B N   1 
ATOM   887  C CA  . ARG B 1 35 ? 1.641   -1.657  -12.536 1.00 18.78 ? 32  ARG B CA  1 
ATOM   888  C C   . ARG B 1 35 ? 2.130   -1.915  -11.121 1.00 16.21 ? 32  ARG B C   1 
ATOM   889  O O   . ARG B 1 35 ? 2.105   -3.118  -10.793 1.00 15.45 ? 32  ARG B O   1 
ATOM   890  C CB  . ARG B 1 35 ? 0.212   -2.223  -12.699 1.00 23.48 ? 32  ARG B CB  1 
ATOM   891  C CG  . ARG B 1 35 ? -0.679  -1.640  -11.570 1.00 25.51 ? 32  ARG B CG  1 
ATOM   892  C CD  . ARG B 1 35 ? -2.127  -1.824  -11.807 1.00 29.37 ? 32  ARG B CD  1 
ATOM   893  N NE  . ARG B 1 35 ? -2.614  -1.061  -12.953 1.00 33.80 ? 32  ARG B NE  1 
ATOM   894  C CZ  . ARG B 1 35 ? -3.766  -0.377  -13.086 1.00 34.10 ? 32  ARG B CZ  1 
ATOM   895  N NH1 . ARG B 1 35 ? -4.518  -0.143  -11.993 1.00 36.68 ? 32  ARG B NH1 1 
ATOM   896  N NH2 . ARG B 1 35 ? -4.121  0.217   -14.230 1.00 33.47 ? 32  ARG B NH2 1 
ATOM   897  N N   . PRO B 1 36 ? 2.385   -0.880  -10.341 1.00 15.72 ? 33  PRO B N   1 
ATOM   898  C CA  . PRO B 1 36 ? 2.965   -0.963  -9.019  1.00 15.70 ? 33  PRO B CA  1 
ATOM   899  C C   . PRO B 1 36 ? 2.033   -1.229  -7.846  1.00 16.16 ? 33  PRO B C   1 
ATOM   900  O O   . PRO B 1 36 ? 0.892   -0.690  -7.904  1.00 15.75 ? 33  PRO B O   1 
ATOM   901  C CB  . PRO B 1 36 ? 3.622   0.401   -8.715  1.00 15.45 ? 33  PRO B CB  1 
ATOM   902  C CG  . PRO B 1 36 ? 3.227   1.333   -9.813  1.00 15.39 ? 33  PRO B CG  1 
ATOM   903  C CD  . PRO B 1 36 ? 2.438   0.525   -10.815 1.00 16.71 ? 33  PRO B CD  1 
ATOM   904  N N   . ARG B 1 37 ? 2.573   -2.017  -6.909  1.00 14.63 ? 34  ARG B N   1 
ATOM   905  C CA  . ARG B 1 37 ? 1.817   -2.337  -5.684  1.00 14.30 ? 34  ARG B CA  1 
ATOM   906  C C   . ARG B 1 37 ? 1.996   -1.119  -4.761  1.00 13.67 ? 34  ARG B C   1 
ATOM   907  O O   . ARG B 1 37 ? 1.110   -0.839  -3.944  1.00 13.09 ? 34  ARG B O   1 
ATOM   908  C CB  . ARG B 1 37 ? 2.182   -3.602  -4.893  1.00 14.48 ? 34  ARG B CB  1 
ATOM   909  N N   . PHE B 1 38 ? 3.159   -0.489  -5.037  1.00 12.13 ? 35  PHE B N   1 
ATOM   910  C CA  . PHE B 1 38 ? 3.508   0.705   -4.270  1.00 12.48 ? 35  PHE B CA  1 
ATOM   911  C C   . PHE B 1 38 ? 3.461   1.930   -5.218  1.00 12.48 ? 35  PHE B C   1 
ATOM   912  O O   . PHE B 1 38 ? 4.260   2.008   -6.155  1.00 12.79 ? 35  PHE B O   1 
ATOM   913  C CB  . PHE B 1 38 ? 4.785   0.522   -3.435  1.00 10.90 ? 35  PHE B CB  1 
ATOM   914  C CG  . PHE B 1 38 ? 4.868   -0.746  -2.641  1.00 10.00 ? 35  PHE B CG  1 
ATOM   915  C CD1 . PHE B 1 38 ? 4.701   -1.965  -3.312  1.00 13.15 ? 35  PHE B CD1 1 
ATOM   916  C CD2 . PHE B 1 38 ? 4.920   -0.731  -1.266  1.00 10.00 ? 35  PHE B CD2 1 
ATOM   917  C CE1 . PHE B 1 38 ? 4.714   -3.192  -2.612  1.00 12.98 ? 35  PHE B CE1 1 
ATOM   918  C CE2 . PHE B 1 38 ? 4.900   -1.941  -0.534  1.00 10.00 ? 35  PHE B CE2 1 
ATOM   919  C CZ  . PHE B 1 38 ? 4.805   -3.174  -1.207  1.00 10.53 ? 35  PHE B CZ  1 
ATOM   920  N N   . SER B 1 39 ? 2.608   2.880   -4.897  1.00 11.98 ? 36  SER B N   1 
ATOM   921  C CA  . SER B 1 39 ? 2.321   4.146   -5.533  1.00 12.05 ? 36  SER B CA  1 
ATOM   922  C C   . SER B 1 39 ? 1.875   5.181   -4.450  1.00 13.33 ? 36  SER B C   1 
ATOM   923  O O   . SER B 1 39 ? 1.586   4.928   -3.266  1.00 11.02 ? 36  SER B O   1 
ATOM   924  C CB  . SER B 1 39 ? 1.249   4.061   -6.625  1.00 12.80 ? 36  SER B CB  1 
ATOM   925  O OG  . SER B 1 39 ? -0.078  3.725   -6.190  1.00 10.00 ? 36  SER B OG  1 
ATOM   926  N N   . PRO B 1 40 ? 1.820   6.440   -4.961  1.00 13.64 ? 37  PRO B N   1 
ATOM   927  C CA  . PRO B 1 40 ? 1.352   7.598   -4.191  1.00 12.65 ? 37  PRO B CA  1 
ATOM   928  C C   . PRO B 1 40 ? -0.136  7.349   -3.847  1.00 12.54 ? 37  PRO B C   1 
ATOM   929  O O   . PRO B 1 40 ? -0.642  7.691   -2.772  1.00 10.41 ? 37  PRO B O   1 
ATOM   930  C CB  . PRO B 1 40 ? 1.500   8.777   -5.122  1.00 12.10 ? 37  PRO B CB  1 
ATOM   931  C CG  . PRO B 1 40 ? 1.856   8.261   -6.477  1.00 12.04 ? 37  PRO B CG  1 
ATOM   932  C CD  . PRO B 1 40 ? 2.037   6.780   -6.384  1.00 12.33 ? 37  PRO B CD  1 
ATOM   933  N N   . ALA B 1 41 ? -0.787  6.541   -4.719  1.00 12.44 ? 38  ALA B N   1 
ATOM   934  C CA  . ALA B 1 41 ? -2.224  6.262   -4.345  1.00 14.77 ? 38  ALA B CA  1 
ATOM   935  C C   . ALA B 1 41 ? -2.435  5.441   -3.073  1.00 15.63 ? 38  ALA B C   1 
ATOM   936  O O   . ALA B 1 41 ? -3.263  5.740   -2.174  1.00 15.13 ? 38  ALA B O   1 
ATOM   937  C CB  . ALA B 1 41 ? -2.945  5.807   -5.608  1.00 11.35 ? 38  ALA B CB  1 
ATOM   938  N N   . THR B 1 42 ? -1.584  4.475   -2.737  1.00 16.32 ? 39  THR B N   1 
ATOM   939  C CA  . THR B 1 42 ? -1.734  3.503   -1.639  1.00 14.90 ? 39  THR B CA  1 
ATOM   940  C C   . THR B 1 42 ? -0.743  3.776   -0.531  1.00 14.53 ? 39  THR B C   1 
ATOM   941  O O   . THR B 1 42 ? -0.912  3.209   0.579   1.00 12.54 ? 39  THR B O   1 
ATOM   942  C CB  . THR B 1 42 ? -1.565  2.053   -2.230  1.00 17.21 ? 39  THR B CB  1 
ATOM   943  O OG1 . THR B 1 42 ? -2.588  1.861   -3.262  1.00 18.45 ? 39  THR B OG1 1 
ATOM   944  C CG2 . THR B 1 42 ? -1.727  0.890   -1.222  1.00 20.86 ? 39  THR B CG2 1 
ATOM   945  N N   . HIS B 1 43 ? 0.263   4.597   -0.896  1.00 14.20 ? 40  HIS B N   1 
ATOM   946  C CA  . HIS B 1 43 ? 1.296   4.886   0.162   1.00 14.74 ? 40  HIS B CA  1 
ATOM   947  C C   . HIS B 1 43 ? 1.703   6.352   0.119   1.00 16.78 ? 40  HIS B C   1 
ATOM   948  O O   . HIS B 1 43 ? 2.839   6.737   -0.247  1.00 15.63 ? 40  HIS B O   1 
ATOM   949  C CB  . HIS B 1 43 ? 2.513   3.966   -0.013  1.00 14.82 ? 40  HIS B CB  1 
ATOM   950  C CG  . HIS B 1 43 ? 2.186   2.494   -0.188  1.00 11.30 ? 40  HIS B CG  1 
ATOM   951  N ND1 . HIS B 1 43 ? 1.668   1.913   -1.306  1.00 11.83 ? 40  HIS B ND1 1 
ATOM   952  C CD2 . HIS B 1 43 ? 2.239   1.531   0.751   1.00 10.49 ? 40  HIS B CD2 1 
ATOM   953  C CE1 . HIS B 1 43 ? 1.580   0.619   -1.098  1.00 13.86 ? 40  HIS B CE1 1 
ATOM   954  N NE2 . HIS B 1 43 ? 1.882   0.373   0.159   1.00 10.95 ? 40  HIS B NE2 1 
ATOM   955  N N   . PRO B 1 44 ? 0.761   7.156   0.635   1.00 16.91 ? 41  PRO B N   1 
ATOM   956  C CA  . PRO B 1 44 ? 0.952   8.620   0.503   1.00 16.88 ? 41  PRO B CA  1 
ATOM   957  C C   . PRO B 1 44 ? 2.108   9.091   1.344   1.00 16.02 ? 41  PRO B C   1 
ATOM   958  O O   . PRO B 1 44 ? 2.641   10.149  1.018   1.00 15.81 ? 41  PRO B O   1 
ATOM   959  C CB  . PRO B 1 44 ? -0.383  9.273   0.792   1.00 16.77 ? 41  PRO B CB  1 
ATOM   960  C CG  . PRO B 1 44 ? -1.361  8.150   1.049   1.00 17.42 ? 41  PRO B CG  1 
ATOM   961  C CD  . PRO B 1 44 ? -0.605  6.832   1.016   1.00 16.90 ? 41  PRO B CD  1 
ATOM   962  N N   . SER B 1 45 ? 2.550   8.282   2.295   1.00 16.09 ? 42  SER B N   1 
ATOM   963  C CA  . SER B 1 45 ? 3.646   8.809   3.137   1.00 16.19 ? 42  SER B CA  1 
ATOM   964  C C   . SER B 1 45 ? 5.082   8.431   2.809   1.00 15.58 ? 42  SER B C   1 
ATOM   965  O O   . SER B 1 45 ? 5.979   8.915   3.528   1.00 13.96 ? 42  SER B O   1 
ATOM   966  C CB  . SER B 1 45 ? 3.290   8.442   4.587   1.00 17.32 ? 42  SER B CB  1 
ATOM   967  O OG  . SER B 1 45 ? 2.075   9.166   4.808   1.00 24.01 ? 42  SER B OG  1 
ATOM   968  N N   . GLU B 1 46 ? 5.335   7.792   1.677   1.00 16.14 ? 43  GLU B N   1 
ATOM   969  C CA  . GLU B 1 46 ? 6.706   7.294   1.415   1.00 15.85 ? 43  GLU B CA  1 
ATOM   970  C C   . GLU B 1 46 ? 7.563   8.076   0.460   1.00 15.23 ? 43  GLU B C   1 
ATOM   971  O O   . GLU B 1 46 ? 8.774   7.720   0.275   1.00 13.87 ? 43  GLU B O   1 
ATOM   972  C CB  . GLU B 1 46 ? 6.490   5.841   0.953   1.00 17.07 ? 43  GLU B CB  1 
ATOM   973  C CG  . GLU B 1 46 ? 6.141   4.917   2.152   1.00 19.60 ? 43  GLU B CG  1 
ATOM   974  C CD  . GLU B 1 46 ? 7.212   4.908   3.216   1.00 21.60 ? 43  GLU B CD  1 
ATOM   975  O OE1 . GLU B 1 46 ? 8.396   5.177   3.029   1.00 20.00 ? 43  GLU B OE1 1 
ATOM   976  O OE2 . GLU B 1 46 ? 6.733   4.648   4.359   1.00 22.46 ? 43  GLU B OE2 1 
ATOM   977  N N   . GLY B 1 47 ? 7.002   9.205   -0.074  1.00 13.16 ? 44  GLY B N   1 
ATOM   978  C CA  . GLY B 1 47 ? 7.858   9.978   -1.032  1.00 11.77 ? 44  GLY B CA  1 
ATOM   979  C C   . GLY B 1 47 ? 7.879   9.329   -2.406  1.00 11.98 ? 44  GLY B C   1 
ATOM   980  O O   . GLY B 1 47 ? 8.815   9.479   -3.241  1.00 11.27 ? 44  GLY B O   1 
ATOM   981  N N   . LEU B 1 48 ? 6.810   8.577   -2.693  1.00 11.51 ? 45  LEU B N   1 
ATOM   982  C CA  . LEU B 1 48 ? 6.785   7.879   -4.011  1.00 14.82 ? 45  LEU B CA  1 
ATOM   983  C C   . LEU B 1 48 ? 6.719   8.899   -5.153  1.00 16.05 ? 45  LEU B C   1 
ATOM   984  O O   . LEU B 1 48 ? 5.788   8.806   -5.972  1.00 16.60 ? 45  LEU B O   1 
ATOM   985  C CB  . LEU B 1 48 ? 5.693   6.773   -4.142  1.00 15.16 ? 45  LEU B CB  1 
ATOM   986  C CG  . LEU B 1 48 ? 6.210   5.364   -3.826  1.00 16.13 ? 45  LEU B CG  1 
ATOM   987  C CD1 . LEU B 1 48 ? 7.248   5.468   -2.614  1.00 16.42 ? 45  LEU B CD1 1 
ATOM   988  C CD2 . LEU B 1 48 ? 5.033   4.385   -3.596  1.00 14.53 ? 45  LEU B CD2 1 
ATOM   989  N N   . GLU B 1 49 ? 7.704   9.789   -5.109  1.00 15.90 ? 46  GLU B N   1 
ATOM   990  C CA  . GLU B 1 49 ? 7.815   10.907  -6.070  1.00 16.87 ? 46  GLU B CA  1 
ATOM   991  C C   . GLU B 1 49 ? 8.572   10.614  -7.353  1.00 16.70 ? 46  GLU B C   1 
ATOM   992  O O   . GLU B 1 49 ? 9.595   9.851   -7.468  1.00 15.91 ? 46  GLU B O   1 
ATOM   993  C CB  . GLU B 1 49 ? 8.343   12.126  -5.279  1.00 17.77 ? 46  GLU B CB  1 
ATOM   994  C CG  . GLU B 1 49 ? 9.458   12.255  -4.309  1.00 19.69 ? 46  GLU B CG  1 
ATOM   995  C CD  . GLU B 1 49 ? 9.566   12.384  -2.829  1.00 21.35 ? 46  GLU B CD  1 
ATOM   996  O OE1 . GLU B 1 49 ? 8.651   12.004  -2.034  1.00 22.02 ? 46  GLU B OE1 1 
ATOM   997  O OE2 . GLU B 1 49 ? 10.553  12.888  -2.250  1.00 20.22 ? 46  GLU B OE2 1 
ATOM   998  N N   . GLU B 1 50 ? 8.205   11.345  -8.424  1.00 16.40 ? 47  GLU B N   1 
ATOM   999  C CA  . GLU B 1 50 ? 8.937   11.159  -9.715  1.00 15.70 ? 47  GLU B CA  1 
ATOM   1000 C C   . GLU B 1 50 ? 9.306   9.700   -9.939  1.00 16.38 ? 47  GLU B C   1 
ATOM   1001 O O   . GLU B 1 50 ? 8.362   8.848   -10.086 1.00 16.74 ? 47  GLU B O   1 
ATOM   1002 C CB  . GLU B 1 50 ? 10.180  12.045  -9.792  1.00 13.70 ? 47  GLU B CB  1 
ATOM   1003 C CG  . GLU B 1 50 ? 10.021  13.536  -10.122 1.00 13.14 ? 47  GLU B CG  1 
ATOM   1004 C CD  . GLU B 1 50 ? 8.869   14.041  -10.961 1.00 13.88 ? 47  GLU B CD  1 
ATOM   1005 O OE1 . GLU B 1 50 ? 8.462   13.693  -12.100 1.00 13.67 ? 47  GLU B OE1 1 
ATOM   1006 O OE2 . GLU B 1 50 ? 8.296   14.987  -10.330 1.00 12.62 ? 47  GLU B OE2 1 
ATOM   1007 N N   . ASN B 1 51 ? 10.559  9.375   -10.280 1.00 16.14 ? 48  ASN B N   1 
ATOM   1008 C CA  . ASN B 1 51 ? 10.926  7.934   -10.497 1.00 16.75 ? 48  ASN B CA  1 
ATOM   1009 C C   . ASN B 1 51 ? 12.052  7.542   -9.535  1.00 16.31 ? 48  ASN B C   1 
ATOM   1010 O O   . ASN B 1 51 ? 12.707  6.495   -9.561  1.00 18.64 ? 48  ASN B O   1 
ATOM   1011 C CB  . ASN B 1 51 ? 11.144  7.616   -11.971 1.00 14.59 ? 48  ASN B CB  1 
ATOM   1012 C CG  . ASN B 1 51 ? 12.358  8.403   -12.498 1.00 14.90 ? 48  ASN B CG  1 
ATOM   1013 O OD1 . ASN B 1 51 ? 12.663  9.510   -12.028 1.00 11.47 ? 48  ASN B OD1 1 
ATOM   1014 N ND2 . ASN B 1 51 ? 12.973  7.763   -13.501 1.00 12.49 ? 48  ASN B ND2 1 
ATOM   1015 N N   . TYR B 1 52 ? 12.243  8.448   -8.593  1.00 15.46 ? 49  TYR B N   1 
ATOM   1016 C CA  . TYR B 1 52 ? 13.255  8.387   -7.558  1.00 14.50 ? 49  TYR B CA  1 
ATOM   1017 C C   . TYR B 1 52 ? 13.312  7.012   -6.900  1.00 14.01 ? 49  TYR B C   1 
ATOM   1018 O O   . TYR B 1 52 ? 12.261  6.364   -7.049  1.00 12.51 ? 49  TYR B O   1 
ATOM   1019 C CB  . TYR B 1 52 ? 13.018  9.630   -6.683  1.00 17.28 ? 49  TYR B CB  1 
ATOM   1020 C CG  . TYR B 1 52 ? 13.098  10.925  -7.504  1.00 17.49 ? 49  TYR B CG  1 
ATOM   1021 C CD1 . TYR B 1 52 ? 13.873  11.019  -8.691  1.00 14.64 ? 49  TYR B CD1 1 
ATOM   1022 C CD2 . TYR B 1 52 ? 12.502  12.062  -6.941  1.00 15.13 ? 49  TYR B CD2 1 
ATOM   1023 C CE1 . TYR B 1 52 ? 14.028  12.261  -9.306  1.00 16.80 ? 49  TYR B CE1 1 
ATOM   1024 C CE2 . TYR B 1 52 ? 12.584  13.295  -7.619  1.00 15.31 ? 49  TYR B CE2 1 
ATOM   1025 C CZ  . TYR B 1 52 ? 13.330  13.386  -8.801  1.00 17.20 ? 49  TYR B CZ  1 
ATOM   1026 O OH  . TYR B 1 52 ? 13.401  14.601  -9.443  1.00 17.95 ? 49  TYR B OH  1 
ATOM   1027 N N   . CYS B 1 53 ? 14.442  6.632   -6.259  1.00 12.56 ? 50  CYS B N   1 
ATOM   1028 C CA  . CYS B 1 53 ? 14.589  5.304   -5.597  1.00 12.09 ? 50  CYS B CA  1 
ATOM   1029 C C   . CYS B 1 53 ? 14.055  5.334   -4.156  1.00 10.78 ? 50  CYS B C   1 
ATOM   1030 O O   . CYS B 1 53 ? 14.432  6.298   -3.459  1.00 11.31 ? 50  CYS B O   1 
ATOM   1031 C CB  . CYS B 1 53 ? 16.048  4.752   -5.738  1.00 12.36 ? 50  CYS B CB  1 
ATOM   1032 S SG  . CYS B 1 53 ? 16.449  4.282   -7.479  1.00 12.62 ? 50  CYS B SG  1 
ATOM   1033 N N   . ARG B 1 54 ? 13.164  4.439   -3.698  1.00 10.00 ? 51  ARG B N   1 
ATOM   1034 C CA  . ARG B 1 54 ? 12.652  4.495   -2.311  1.00 10.08 ? 51  ARG B CA  1 
ATOM   1035 C C   . ARG B 1 54 ? 12.554  3.135   -1.649  1.00 10.00 ? 51  ARG B C   1 
ATOM   1036 O O   . ARG B 1 54 ? 12.513  2.072   -2.251  1.00 10.00 ? 51  ARG B O   1 
ATOM   1037 C CB  . ARG B 1 54 ? 11.299  5.245   -2.317  1.00 12.96 ? 51  ARG B CB  1 
ATOM   1038 C CG  . ARG B 1 54 ? 11.395  6.737   -2.859  1.00 14.33 ? 51  ARG B CG  1 
ATOM   1039 C CD  . ARG B 1 54 ? 11.725  7.650   -1.633  1.00 17.57 ? 51  ARG B CD  1 
ATOM   1040 N NE  . ARG B 1 54 ? 11.733  9.065   -2.055  1.00 16.60 ? 51  ARG B NE  1 
ATOM   1041 C CZ  . ARG B 1 54 ? 12.572  9.702   -2.872  1.00 17.59 ? 51  ARG B CZ  1 
ATOM   1042 N NH1 . ARG B 1 54 ? 13.465  9.097   -3.651  1.00 18.64 ? 51  ARG B NH1 1 
ATOM   1043 N NH2 . ARG B 1 54 ? 12.589  11.035  -3.041  1.00 16.76 ? 51  ARG B NH2 1 
ATOM   1044 N N   . ASN B 1 55 ? 12.509  3.061   -0.337  1.00 12.16 ? 52  ASN B N   1 
ATOM   1045 C CA  . ASN B 1 55 ? 12.379  1.823   0.465   1.00 12.32 ? 52  ASN B CA  1 
ATOM   1046 C C   . ASN B 1 55 ? 11.000  1.848   1.212   1.00 13.73 ? 52  ASN B C   1 
ATOM   1047 O O   . ASN B 1 55 ? 10.927  1.767   2.442   1.00 12.60 ? 52  ASN B O   1 
ATOM   1048 C CB  . ASN B 1 55 ? 13.489  1.716   1.491   1.00 12.56 ? 52  ASN B CB  1 
ATOM   1049 C CG  . ASN B 1 55 ? 13.779  0.205   1.725   1.00 11.34 ? 52  ASN B CG  1 
ATOM   1050 O OD1 . ASN B 1 55 ? 13.092  -0.582  1.045   1.00 12.59 ? 52  ASN B OD1 1 
ATOM   1051 N ND2 . ASN B 1 55 ? 14.659  -0.089  2.647   1.00 10.00 ? 52  ASN B ND2 1 
ATOM   1052 N N   . PRO B 1 56 ? 9.997   1.630   0.393   1.00 13.83 ? 53  PRO B N   1 
ATOM   1053 C CA  . PRO B 1 56 ? 8.650   1.766   0.917   1.00 14.79 ? 53  PRO B CA  1 
ATOM   1054 C C   . PRO B 1 56 ? 8.317   0.656   1.911   1.00 15.35 ? 53  PRO B C   1 
ATOM   1055 O O   . PRO B 1 56 ? 7.707   1.045   2.984   1.00 16.08 ? 53  PRO B O   1 
ATOM   1056 C CB  . PRO B 1 56 ? 7.725   1.894   -0.267  1.00 14.05 ? 53  PRO B CB  1 
ATOM   1057 C CG  . PRO B 1 56 ? 8.607   1.837   -1.498  1.00 14.19 ? 53  PRO B CG  1 
ATOM   1058 C CD  . PRO B 1 56 ? 10.048  1.671   -1.066  1.00 13.59 ? 53  PRO B CD  1 
ATOM   1059 N N   . ASP B 1 57 ? 8.777   -0.525  1.505   1.00 13.65 ? 54  ASP B N   1 
ATOM   1060 C CA  . ASP B 1 57 ? 8.481   -1.662  2.378   1.00 13.22 ? 54  ASP B CA  1 
ATOM   1061 C C   . ASP B 1 57 ? 9.535   -1.729  3.482   1.00 13.02 ? 54  ASP B C   1 
ATOM   1062 O O   . ASP B 1 57 ? 9.163   -2.316  4.519   1.00 14.57 ? 54  ASP B O   1 
ATOM   1063 C CB  . ASP B 1 57 ? 8.290   -2.975  1.676   1.00 14.02 ? 54  ASP B CB  1 
ATOM   1064 C CG  . ASP B 1 57 ? 9.429   -3.349  0.727   1.00 15.31 ? 54  ASP B CG  1 
ATOM   1065 O OD1 . ASP B 1 57 ? 10.133  -2.402  0.260   1.00 11.65 ? 54  ASP B OD1 1 
ATOM   1066 O OD2 . ASP B 1 57 ? 9.382   -4.551  0.347   1.00 12.90 ? 54  ASP B OD2 1 
ATOM   1067 N N   . ASN B 1 58 ? 10.608  -1.019  3.296   1.00 12.12 ? 55  ASN B N   1 
ATOM   1068 C CA  . ASN B 1 58 ? 11.778  -1.099  4.202   1.00 10.60 ? 55  ASN B CA  1 
ATOM   1069 C C   . ASN B 1 58 ? 12.516  -2.432  3.936   1.00 11.23 ? 55  ASN B C   1 
ATOM   1070 O O   . ASN B 1 58 ? 12.729  -3.249  4.856   1.00 13.46 ? 55  ASN B O   1 
ATOM   1071 C CB  . ASN B 1 58 ? 11.237  -0.942  5.609   1.00 10.32 ? 55  ASN B CB  1 
ATOM   1072 C CG  . ASN B 1 58 ? 12.272  -1.233  6.677   1.00 12.42 ? 55  ASN B CG  1 
ATOM   1073 O OD1 . ASN B 1 58 ? 12.000  -1.964  7.658   1.00 14.23 ? 55  ASN B OD1 1 
ATOM   1074 N ND2 . ASN B 1 58 ? 13.459  -0.607  6.539   1.00 10.00 ? 55  ASN B ND2 1 
ATOM   1075 N N   . ASP B 1 59 ? 12.824  -2.752  2.704   1.00 11.41 ? 56  ASP B N   1 
ATOM   1076 C CA  . ASP B 1 59 ? 13.577  -3.940  2.224   1.00 12.36 ? 56  ASP B CA  1 
ATOM   1077 C C   . ASP B 1 59 ? 15.028  -3.854  2.761   1.00 12.94 ? 56  ASP B C   1 
ATOM   1078 O O   . ASP B 1 59 ? 15.719  -2.782  2.844   1.00 11.81 ? 56  ASP B O   1 
ATOM   1079 C CB  . ASP B 1 59 ? 13.434  -4.014  0.720   1.00 10.00 ? 56  ASP B CB  1 
ATOM   1080 C CG  . ASP B 1 59 ? 14.090  -5.225  0.097   1.00 12.65 ? 56  ASP B CG  1 
ATOM   1081 O OD1 . ASP B 1 59 ? 15.105  -5.741  0.627   1.00 13.14 ? 56  ASP B OD1 1 
ATOM   1082 O OD2 . ASP B 1 59 ? 13.533  -5.749  -0.935  1.00 11.38 ? 56  ASP B OD2 1 
ATOM   1083 N N   . PRO B 1 60 ? 15.445  -4.971  3.351   1.00 13.84 ? 57  PRO B N   1 
ATOM   1084 C CA  . PRO B 1 60 ? 16.860  -5.025  3.882   1.00 14.61 ? 57  PRO B CA  1 
ATOM   1085 C C   . PRO B 1 60 ? 17.827  -4.676  2.736   1.00 12.99 ? 57  PRO B C   1 
ATOM   1086 O O   . PRO B 1 60 ? 18.691  -3.766  2.863   1.00 12.23 ? 57  PRO B O   1 
ATOM   1087 C CB  . PRO B 1 60 ? 17.035  -6.406  4.511   1.00 14.58 ? 57  PRO B CB  1 
ATOM   1088 C CG  . PRO B 1 60 ? 15.847  -7.180  4.075   1.00 15.40 ? 57  PRO B CG  1 
ATOM   1089 C CD  . PRO B 1 60 ? 14.841  -6.298  3.344   1.00 13.31 ? 57  PRO B CD  1 
ATOM   1090 N N   . GLN B 1 61 ? 17.498  -5.172  1.540   1.00 12.60 ? 58  GLN B N   1 
ATOM   1091 C CA  . GLN B 1 61 ? 18.319  -4.794  0.358   1.00 13.43 ? 58  GLN B CA  1 
ATOM   1092 C C   . GLN B 1 61 ? 18.351  -3.318  -0.108  1.00 14.79 ? 58  GLN B C   1 
ATOM   1093 O O   . GLN B 1 61 ? 19.283  -3.099  -0.986  1.00 14.76 ? 58  GLN B O   1 
ATOM   1094 C CB  . GLN B 1 61 ? 18.063  -5.715  -0.811  1.00 12.91 ? 58  GLN B CB  1 
ATOM   1095 C CG  . GLN B 1 61 ? 18.719  -7.080  -0.548  1.00 11.72 ? 58  GLN B CG  1 
ATOM   1096 C CD  . GLN B 1 61 ? 18.585  -7.950  -1.780  1.00 13.37 ? 58  GLN B CD  1 
ATOM   1097 O OE1 . GLN B 1 61 ? 19.269  -7.790  -2.799  1.00 12.90 ? 58  GLN B OE1 1 
ATOM   1098 N NE2 . GLN B 1 61 ? 17.593  -8.852  -1.875  1.00 12.28 ? 58  GLN B NE2 1 
ATOM   1099 N N   . GLY B 1 62 ? 17.757  -2.318  0.554   1.00 11.72 ? 59  GLY B N   1 
ATOM   1100 C CA  . GLY B 1 62 ? 17.759  -0.929  0.227   1.00 10.90 ? 59  GLY B CA  1 
ATOM   1101 C C   . GLY B 1 62 ? 16.735  -0.415  -0.821  1.00 10.77 ? 59  GLY B C   1 
ATOM   1102 O O   . GLY B 1 62 ? 15.996  -1.150  -1.492  1.00 10.36 ? 59  GLY B O   1 
ATOM   1103 N N   . PRO B 1 63 ? 16.611  0.931   -0.902  1.00 10.00 ? 60  PRO B N   1 
ATOM   1104 C CA  . PRO B 1 63 ? 15.748  1.598   -1.851  1.00 10.00 ? 60  PRO B CA  1 
ATOM   1105 C C   . PRO B 1 63 ? 15.851  0.996   -3.213  1.00 10.04 ? 60  PRO B C   1 
ATOM   1106 O O   . PRO B 1 63 ? 16.889  0.392   -3.651  1.00 10.28 ? 60  PRO B O   1 
ATOM   1107 C CB  . PRO B 1 63 ? 16.209  3.039   -1.866  1.00 10.00 ? 60  PRO B CB  1 
ATOM   1108 C CG  . PRO B 1 63 ? 17.038  3.271   -0.661  1.00 10.00 ? 60  PRO B CG  1 
ATOM   1109 C CD  . PRO B 1 63 ? 17.407  1.903   -0.099  1.00 10.00 ? 60  PRO B CD  1 
ATOM   1110 N N   . TRP B 1 64 ? 14.694  1.155   -3.876  1.00 10.65 ? 61  TRP B N   1 
ATOM   1111 C CA  . TRP B 1 64 ? 14.582  0.590   -5.254  1.00 10.12 ? 61  TRP B CA  1 
ATOM   1112 C C   . TRP B 1 64 ? 13.500  1.341   -6.004  1.00 10.50 ? 61  TRP B C   1 
ATOM   1113 O O   . TRP B 1 64 ? 12.927  2.304   -5.547  1.00 10.00 ? 61  TRP B O   1 
ATOM   1114 C CB  . TRP B 1 64 ? 14.408  -0.904  -5.005  1.00 10.00 ? 61  TRP B CB  1 
ATOM   1115 C CG  . TRP B 1 64 ? 13.350  -1.084  -3.930  1.00 10.00 ? 61  TRP B CG  1 
ATOM   1116 C CD1 . TRP B 1 64 ? 13.496  -1.096  -2.552  1.00 10.83 ? 61  TRP B CD1 1 
ATOM   1117 C CD2 . TRP B 1 64 ? 11.947  -1.161  -4.175  1.00 10.61 ? 61  TRP B CD2 1 
ATOM   1118 N NE1 . TRP B 1 64 ? 12.293  -1.354  -1.923  1.00 11.55 ? 61  TRP B NE1 1 
ATOM   1119 C CE2 . TRP B 1 64 ? 11.323  -1.414  -2.922  1.00 10.08 ? 61  TRP B CE2 1 
ATOM   1120 C CE3 . TRP B 1 64 ? 11.194  -0.925  -5.323  1.00 10.66 ? 61  TRP B CE3 1 
ATOM   1121 C CZ2 . TRP B 1 64 ? 9.952   -1.514  -2.829  1.00 12.60 ? 61  TRP B CZ2 1 
ATOM   1122 C CZ3 . TRP B 1 64 ? 9.806   -1.085  -5.200  1.00 15.42 ? 61  TRP B CZ3 1 
ATOM   1123 C CH2 . TRP B 1 64 ? 9.191   -1.360  -3.984  1.00 12.27 ? 61  TRP B CH2 1 
ATOM   1124 N N   . CYS B 1 65 ? 13.207  0.804   -7.194  1.00 12.46 ? 62  CYS B N   1 
ATOM   1125 C CA  . CYS B 1 65 ? 12.180  1.446   -8.066  1.00 13.57 ? 62  CYS B CA  1 
ATOM   1126 C C   . CYS B 1 65 ? 11.722  0.363   -9.030  1.00 13.60 ? 62  CYS B C   1 
ATOM   1127 O O   . CYS B 1 65 ? 12.449  -0.649  -9.099  1.00 13.87 ? 62  CYS B O   1 
ATOM   1128 C CB  . CYS B 1 65 ? 12.862  2.574   -8.840  1.00 13.00 ? 62  CYS B CB  1 
ATOM   1129 S SG  . CYS B 1 65 ? 14.101  1.963   -10.134 1.00 14.70 ? 62  CYS B SG  1 
ATOM   1130 N N   . TYR B 1 66 ? 10.558  0.585   -9.636  1.00 13.41 ? 63  TYR B N   1 
ATOM   1131 C CA  . TYR B 1 66 ? 10.083  -0.298  -10.726 1.00 12.96 ? 63  TYR B CA  1 
ATOM   1132 C C   . TYR B 1 66 ? 10.900  0.297   -11.889 1.00 12.79 ? 63  TYR B C   1 
ATOM   1133 O O   . TYR B 1 66 ? 11.108  1.540   -11.875 1.00 12.85 ? 63  TYR B O   1 
ATOM   1134 C CB  . TYR B 1 66 ? 8.596   -0.300  -11.056 1.00 13.45 ? 63  TYR B CB  1 
ATOM   1135 C CG  . TYR B 1 66 ? 7.729   -0.853  -9.924  1.00 15.54 ? 63  TYR B CG  1 
ATOM   1136 C CD1 . TYR B 1 66 ? 7.468   -2.231  -9.773  1.00 14.29 ? 63  TYR B CD1 1 
ATOM   1137 C CD2 . TYR B 1 66 ? 7.224   0.049   -8.946  1.00 15.13 ? 63  TYR B CD2 1 
ATOM   1138 C CE1 . TYR B 1 66 ? 6.777   -2.716  -8.657  1.00 14.68 ? 63  TYR B CE1 1 
ATOM   1139 C CE2 . TYR B 1 66 ? 6.514   -0.438  -7.847  1.00 15.82 ? 63  TYR B CE2 1 
ATOM   1140 C CZ  . TYR B 1 66 ? 6.212   -1.792  -7.755  1.00 16.18 ? 63  TYR B CZ  1 
ATOM   1141 O OH  . TYR B 1 66 ? 5.451   -2.159  -6.654  1.00 20.18 ? 63  TYR B OH  1 
ATOM   1142 N N   . THR B 1 67 ? 11.242  -0.528  -12.821 1.00 13.54 ? 64  THR B N   1 
ATOM   1143 C CA  . THR B 1 67 ? 12.095  -0.271  -14.002 1.00 13.32 ? 64  THR B CA  1 
ATOM   1144 C C   . THR B 1 67 ? 11.383  -0.111  -15.340 1.00 14.51 ? 64  THR B C   1 
ATOM   1145 O O   . THR B 1 67 ? 10.213  -0.590  -15.474 1.00 13.99 ? 64  THR B O   1 
ATOM   1146 C CB  . THR B 1 67 ? 12.940  -1.634  -14.049 1.00 13.75 ? 64  THR B CB  1 
ATOM   1147 O OG1 . THR B 1 67 ? 14.090  -1.360  -13.189 1.00 10.89 ? 64  THR B OG1 1 
ATOM   1148 C CG2 . THR B 1 67 ? 13.072  -2.349  -15.399 1.00 10.75 ? 64  THR B CG2 1 
ATOM   1149 N N   . THR B 1 68 ? 12.128  0.421   -16.319 1.00 12.21 ? 65  THR B N   1 
ATOM   1150 C CA  . THR B 1 68 ? 11.571  0.664   -17.652 1.00 12.59 ? 65  THR B CA  1 
ATOM   1151 C C   . THR B 1 68 ? 11.717  -0.517  -18.586 1.00 12.49 ? 65  THR B C   1 
ATOM   1152 O O   . THR B 1 68 ? 11.108  -0.631  -19.682 1.00 12.07 ? 65  THR B O   1 
ATOM   1153 C CB  . THR B 1 68 ? 12.108  2.039   -18.252 1.00 13.10 ? 65  THR B CB  1 
ATOM   1154 O OG1 . THR B 1 68 ? 13.562  1.869   -18.322 1.00 11.43 ? 65  THR B OG1 1 
ATOM   1155 C CG2 . THR B 1 68 ? 11.763  3.334   -17.443 1.00 12.76 ? 65  THR B CG2 1 
ATOM   1156 N N   . ASP B 1 69 ? 12.317  -1.597  -18.095 1.00 13.46 ? 66  ASP B N   1 
ATOM   1157 C CA  . ASP B 1 69 ? 12.502  -2.849  -18.909 1.00 13.75 ? 66  ASP B CA  1 
ATOM   1158 C C   . ASP B 1 69 ? 11.280  -3.704  -18.599 1.00 13.22 ? 66  ASP B C   1 
ATOM   1159 O O   . ASP B 1 69 ? 11.001  -3.936  -17.441 1.00 12.41 ? 66  ASP B O   1 
ATOM   1160 C CB  . ASP B 1 69 ? 13.865  -3.421  -18.555 1.00 16.54 ? 66  ASP B CB  1 
ATOM   1161 C CG  . ASP B 1 69 ? 14.177  -4.804  -19.064 1.00 19.52 ? 66  ASP B CG  1 
ATOM   1162 O OD1 . ASP B 1 69 ? 13.460  -5.279  -19.992 1.00 20.76 ? 66  ASP B OD1 1 
ATOM   1163 O OD2 . ASP B 1 69 ? 15.043  -5.511  -18.517 1.00 20.31 ? 66  ASP B OD2 1 
ATOM   1164 N N   . PRO B 1 70 ? 10.509  -4.124  -19.599 1.00 14.07 ? 67  PRO B N   1 
ATOM   1165 C CA  . PRO B 1 70 ? 9.338   -4.938  -19.331 1.00 14.47 ? 67  PRO B CA  1 
ATOM   1166 C C   . PRO B 1 70 ? 9.701   -6.274  -18.691 1.00 14.79 ? 67  PRO B C   1 
ATOM   1167 O O   . PRO B 1 70 ? 8.752   -6.942  -18.189 1.00 14.57 ? 67  PRO B O   1 
ATOM   1168 C CB  . PRO B 1 70 ? 8.630   -5.112  -20.664 1.00 15.50 ? 67  PRO B CB  1 
ATOM   1169 C CG  . PRO B 1 70 ? 9.557   -4.553  -21.714 1.00 16.04 ? 67  PRO B CG  1 
ATOM   1170 C CD  . PRO B 1 70 ? 10.746  -3.920  -21.025 1.00 14.39 ? 67  PRO B CD  1 
ATOM   1171 N N   . GLU B 1 71 ? 10.989  -6.682  -18.691 1.00 13.78 ? 68  GLU B N   1 
ATOM   1172 C CA  . GLU B 1 71 ? 11.308  -7.994  -18.048 1.00 12.13 ? 68  GLU B CA  1 
ATOM   1173 C C   . GLU B 1 71 ? 12.048  -7.825  -16.741 1.00 10.94 ? 68  GLU B C   1 
ATOM   1174 O O   . GLU B 1 71 ? 12.398  -8.812  -16.086 1.00 10.29 ? 68  GLU B O   1 
ATOM   1175 C CB  . GLU B 1 71 ? 11.912  -9.015  -18.994 1.00 14.00 ? 68  GLU B CB  1 
ATOM   1176 C CG  . GLU B 1 71 ? 11.115  -9.105  -20.321 1.00 17.40 ? 68  GLU B CG  1 
ATOM   1177 C CD  . GLU B 1 71 ? 11.542  -10.098 -21.333 1.00 19.10 ? 68  GLU B CD  1 
ATOM   1178 O OE1 . GLU B 1 71 ? 12.803  -10.094 -21.456 1.00 21.96 ? 68  GLU B OE1 1 
ATOM   1179 O OE2 . GLU B 1 71 ? 10.869  -10.792 -22.104 1.00 21.44 ? 68  GLU B OE2 1 
ATOM   1180 N N   . LYS B 1 72 ? 12.106  -6.615  -16.201 1.00 10.06 ? 69  LYS B N   1 
ATOM   1181 C CA  . LYS B 1 72 ? 12.625  -6.446  -14.819 1.00 10.64 ? 69  LYS B CA  1 
ATOM   1182 C C   . LYS B 1 72 ? 11.702  -5.513  -14.021 1.00 10.65 ? 69  LYS B C   1 
ATOM   1183 O O   . LYS B 1 72 ? 11.718  -4.262  -13.907 1.00 10.00 ? 69  LYS B O   1 
ATOM   1184 C CB  . LYS B 1 72 ? 14.101  -6.262  -14.807 1.00 10.11 ? 69  LYS B CB  1 
ATOM   1185 C CG  . LYS B 1 72 ? 14.813  -5.630  -13.687 1.00 13.68 ? 69  LYS B CG  1 
ATOM   1186 C CD  . LYS B 1 72 ? 15.746  -6.198  -12.699 1.00 18.12 ? 69  LYS B CD  1 
ATOM   1187 C CE  . LYS B 1 72 ? 16.680  -7.360  -12.787 1.00 17.12 ? 69  LYS B CE  1 
ATOM   1188 N NZ  . LYS B 1 72 ? 16.101  -8.583  -12.130 1.00 19.02 ? 69  LYS B NZ  1 
ATOM   1189 N N   . ARG B 1 73 ? 10.763  -6.239  -13.384 1.00 10.62 ? 70  ARG B N   1 
ATOM   1190 C CA  . ARG B 1 73 ? 9.737   -5.592  -12.548 1.00 10.66 ? 70  ARG B CA  1 
ATOM   1191 C C   . ARG B 1 73 ? 10.385  -4.578  -11.595 1.00 10.33 ? 70  ARG B C   1 
ATOM   1192 O O   . ARG B 1 73 ? 9.980   -3.366  -11.599 1.00 11.67 ? 70  ARG B O   1 
ATOM   1193 C CB  . ARG B 1 73 ? 8.843   -6.601  -11.799 1.00 12.18 ? 70  ARG B CB  1 
ATOM   1194 C CG  . ARG B 1 73 ? 7.478   -6.078  -11.445 1.00 10.12 ? 70  ARG B CG  1 
ATOM   1195 C CD  . ARG B 1 73 ? 6.680   -7.078  -10.589 1.00 13.72 ? 70  ARG B CD  1 
ATOM   1196 N NE  . ARG B 1 73 ? 5.915   -6.331  -9.538  1.00 14.90 ? 70  ARG B NE  1 
ATOM   1197 C CZ  . ARG B 1 73 ? 4.916   -5.490  -9.921  1.00 13.79 ? 70  ARG B CZ  1 
ATOM   1198 N NH1 . ARG B 1 73 ? 4.583   -5.376  -11.207 1.00 11.13 ? 70  ARG B NH1 1 
ATOM   1199 N NH2 . ARG B 1 73 ? 4.403   -4.701  -8.971  1.00 14.55 ? 70  ARG B NH2 1 
ATOM   1200 N N   . TYR B 1 74 ? 11.369  -4.978  -10.831 1.00 10.00 ? 71  TYR B N   1 
ATOM   1201 C CA  . TYR B 1 74 ? 12.088  -3.998  -10.000 1.00 11.00 ? 71  TYR B CA  1 
ATOM   1202 C C   . TYR B 1 74 ? 13.561  -4.368  -9.721  1.00 12.36 ? 71  TYR B C   1 
ATOM   1203 O O   . TYR B 1 74 ? 13.957  -5.557  -9.963  1.00 12.31 ? 71  TYR B O   1 
ATOM   1204 C CB  . TYR B 1 74 ? 11.240  -3.845  -8.693  1.00 14.13 ? 71  TYR B CB  1 
ATOM   1205 C CG  . TYR B 1 74 ? 11.566  -4.975  -7.738  1.00 16.23 ? 71  TYR B CG  1 
ATOM   1206 C CD1 . TYR B 1 74 ? 11.086  -6.291  -7.896  1.00 18.35 ? 71  TYR B CD1 1 
ATOM   1207 C CD2 . TYR B 1 74 ? 12.513  -4.707  -6.758  1.00 17.64 ? 71  TYR B CD2 1 
ATOM   1208 C CE1 . TYR B 1 74 ? 11.599  -7.317  -7.071  1.00 19.71 ? 71  TYR B CE1 1 
ATOM   1209 C CE2 . TYR B 1 74 ? 12.989  -5.708  -5.916  1.00 17.95 ? 71  TYR B CE2 1 
ATOM   1210 C CZ  . TYR B 1 74 ? 12.552  -6.998  -6.126  1.00 19.08 ? 71  TYR B CZ  1 
ATOM   1211 O OH  . TYR B 1 74 ? 13.097  -7.950  -5.274  1.00 25.70 ? 71  TYR B OH  1 
ATOM   1212 N N   . ASP B 1 75 ? 14.388  -3.403  -9.307  1.00 10.83 ? 72  ASP B N   1 
ATOM   1213 C CA  . ASP B 1 75 ? 15.802  -3.774  -8.919  1.00 12.15 ? 72  ASP B CA  1 
ATOM   1214 C C   . ASP B 1 75 ? 16.267  -2.696  -7.959  1.00 11.04 ? 72  ASP B C   1 
ATOM   1215 O O   . ASP B 1 75 ? 15.707  -1.589  -7.898  1.00 12.76 ? 72  ASP B O   1 
ATOM   1216 C CB  . ASP B 1 75 ? 16.662  -4.171  -10.075 1.00 12.80 ? 72  ASP B CB  1 
ATOM   1217 C CG  . ASP B 1 75 ? 18.158  -4.126  -10.209 1.00 14.30 ? 72  ASP B CG  1 
ATOM   1218 O OD1 . ASP B 1 75 ? 18.933  -3.953  -9.260  1.00 12.26 ? 72  ASP B OD1 1 
ATOM   1219 O OD2 . ASP B 1 75 ? 18.763  -4.143  -11.339 1.00 15.81 ? 72  ASP B OD2 1 
ATOM   1220 N N   . TYR B 1 76 ? 17.154  -2.970  -7.049  1.00 11.94 ? 73  TYR B N   1 
ATOM   1221 C CA  . TYR B 1 76 ? 17.720  -1.995  -6.106  1.00 10.67 ? 73  TYR B CA  1 
ATOM   1222 C C   . TYR B 1 76 ? 18.702  -1.073  -6.869  1.00 11.72 ? 73  TYR B C   1 
ATOM   1223 O O   . TYR B 1 76 ? 19.116  -1.219  -8.031  1.00 10.99 ? 73  TYR B O   1 
ATOM   1224 C CB  . TYR B 1 76 ? 18.260  -2.684  -4.862  1.00 11.52 ? 73  TYR B CB  1 
ATOM   1225 C CG  . TYR B 1 76 ? 17.312  -3.706  -4.237  1.00 11.85 ? 73  TYR B CG  1 
ATOM   1226 C CD1 . TYR B 1 76 ? 17.354  -5.043  -4.650  1.00 12.93 ? 73  TYR B CD1 1 
ATOM   1227 C CD2 . TYR B 1 76 ? 16.459  -3.409  -3.179  1.00 12.81 ? 73  TYR B CD2 1 
ATOM   1228 C CE1 . TYR B 1 76 ? 16.424  -6.022  -4.225  1.00 10.19 ? 73  TYR B CE1 1 
ATOM   1229 C CE2 . TYR B 1 76 ? 15.540  -4.363  -2.694  1.00 12.94 ? 73  TYR B CE2 1 
ATOM   1230 C CZ  . TYR B 1 76 ? 15.603  -5.672  -3.187  1.00 11.42 ? 73  TYR B CZ  1 
ATOM   1231 O OH  . TYR B 1 76 ? 14.673  -6.600  -2.846  1.00 14.71 ? 73  TYR B OH  1 
ATOM   1232 N N   . CYS B 1 77 ? 18.840  0.037   -6.247  1.00 10.59 ? 74  CYS B N   1 
ATOM   1233 C CA  . CYS B 1 77 ? 19.605  1.221   -6.553  1.00 13.64 ? 74  CYS B CA  1 
ATOM   1234 C C   . CYS B 1 77 ? 20.730  1.288   -5.459  1.00 14.45 ? 74  CYS B C   1 
ATOM   1235 O O   . CYS B 1 77 ? 20.651  0.710   -4.365  1.00 14.03 ? 74  CYS B O   1 
ATOM   1236 C CB  . CYS B 1 77 ? 18.746  2.492   -6.629  1.00 12.59 ? 74  CYS B CB  1 
ATOM   1237 S SG  . CYS B 1 77 ? 17.069  2.333   -7.406  1.00 11.89 ? 74  CYS B SG  1 
ATOM   1238 N N   . ASP B 1 78 ? 21.781  1.944   -5.859  1.00 15.47 ? 75  ASP B N   1 
ATOM   1239 C CA  . ASP B 1 78 ? 23.033  2.236   -5.221  1.00 16.69 ? 75  ASP B CA  1 
ATOM   1240 C C   . ASP B 1 78 ? 23.084  3.681   -4.728  1.00 18.28 ? 75  ASP B C   1 
ATOM   1241 O O   . ASP B 1 78 ? 23.430  4.664   -5.410  1.00 18.80 ? 75  ASP B O   1 
ATOM   1242 C CB  . ASP B 1 78 ? 24.199  1.869   -6.142  1.00 18.38 ? 75  ASP B CB  1 
ATOM   1243 C CG  . ASP B 1 78 ? 24.496  0.399   -5.860  1.00 20.46 ? 75  ASP B CG  1 
ATOM   1244 O OD1 . ASP B 1 78 ? 24.497  -0.033  -4.702  1.00 20.87 ? 75  ASP B OD1 1 
ATOM   1245 O OD2 . ASP B 1 78 ? 24.474  -0.336  -6.869  1.00 22.81 ? 75  ASP B OD2 1 
ATOM   1246 N N   . ILE B 1 79 ? 22.822  3.708   -3.429  1.00 19.64 ? 76  ILE B N   1 
ATOM   1247 C CA  . ILE B 1 79 ? 22.755  4.910   -2.602  1.00 20.56 ? 76  ILE B CA  1 
ATOM   1248 C C   . ILE B 1 79 ? 23.911  4.760   -1.622  1.00 22.69 ? 76  ILE B C   1 
ATOM   1249 O O   . ILE B 1 79 ? 24.212  3.580   -1.291  1.00 23.75 ? 76  ILE B O   1 
ATOM   1250 C CB  . ILE B 1 79 ? 21.315  5.069   -2.053  1.00 19.61 ? 76  ILE B CB  1 
ATOM   1251 C CG1 . ILE B 1 79 ? 20.283  4.764   -3.157  1.00 18.09 ? 76  ILE B CG1 1 
ATOM   1252 C CG2 . ILE B 1 79 ? 21.098  6.451   -1.374  1.00 17.51 ? 76  ILE B CG2 1 
ATOM   1253 C CD1 . ILE B 1 79 ? 20.439  5.208   -4.635  1.00 19.09 ? 76  ILE B CD1 1 
ATOM   1254 N N   . LEU B 1 80 ? 24.596  5.876   -1.425  1.00 22.92 ? 77  LEU B N   1 
ATOM   1255 C CA  . LEU B 1 80 ? 25.790  5.898   -0.563  1.00 23.89 ? 77  LEU B CA  1 
ATOM   1256 C C   . LEU B 1 80 ? 25.393  6.256   0.862   1.00 24.92 ? 77  LEU B C   1 
ATOM   1257 O O   . LEU B 1 80 ? 24.546  7.144   1.053   1.00 23.88 ? 77  LEU B O   1 
ATOM   1258 C CB  . LEU B 1 80 ? 26.821  6.777   -1.290  1.00 23.89 ? 77  LEU B CB  1 
ATOM   1259 C CG  . LEU B 1 80 ? 27.827  6.100   -2.229  1.00 23.91 ? 77  LEU B CG  1 
ATOM   1260 C CD1 . LEU B 1 80 ? 27.333  4.943   -3.088  1.00 22.77 ? 77  LEU B CD1 1 
ATOM   1261 C CD2 . LEU B 1 80 ? 28.381  7.128   -3.261  1.00 23.94 ? 77  LEU B CD2 1 
ATOM   1262 N N   . GLU B 1 81 ? 26.066  5.609   1.827   1.00 26.03 ? 78  GLU B N   1 
ATOM   1263 C CA  . GLU B 1 81 ? 25.718  5.876   3.235   1.00 26.37 ? 78  GLU B CA  1 
ATOM   1264 C C   . GLU B 1 81 ? 25.856  7.367   3.527   1.00 27.16 ? 78  GLU B C   1 
ATOM   1265 O O   . GLU B 1 81 ? 26.558  8.219   2.962   1.00 26.70 ? 78  GLU B O   1 
ATOM   1266 C CB  . GLU B 1 81 ? 26.323  5.092   4.361   1.00 27.09 ? 78  GLU B CB  1 
ATOM   1267 C CG  . GLU B 1 81 ? 25.585  3.855   4.920   1.00 28.86 ? 78  GLU B CG  1 
ATOM   1268 C CD  . GLU B 1 81 ? 24.234  4.172   5.511   1.00 31.08 ? 78  GLU B CD  1 
ATOM   1269 O OE1 . GLU B 1 81 ? 24.077  4.645   6.634   1.00 30.86 ? 78  GLU B OE1 1 
ATOM   1270 O OE2 . GLU B 1 81 ? 23.312  4.080   4.651   1.00 32.63 ? 78  GLU B OE2 1 
ATOM   1271 N N   . CYS B 1 82 ? 25.060  7.635   4.559   1.00 27.08 ? 79  CYS B N   1 
ATOM   1272 C CA  . CYS B 1 82 ? 24.937  9.038   4.985   1.00 27.34 ? 79  CYS B CA  1 
ATOM   1273 C C   . CYS B 1 82 ? 25.962  9.404   6.028   1.00 28.95 ? 79  CYS B C   1 
ATOM   1274 O O   . CYS B 1 82 ? 25.944  10.617  6.350   1.00 29.84 ? 79  CYS B O   1 
ATOM   1275 C CB  . CYS B 1 82 ? 23.497  9.109   5.379   1.00 24.94 ? 79  CYS B CB  1 
ATOM   1276 S SG  . CYS B 1 82 ? 22.653  10.454  4.695   1.00 24.24 ? 79  CYS B SG  1 
HETATM 1277 C C1  . AMH C 2 .  ? -9.906  2.142   -2.119  1.00 26.46 ? 90  AMH A C1  1 
HETATM 1278 C C2  . AMH C 2 .  ? -11.290 1.921   -1.668  1.00 25.59 ? 90  AMH A C2  1 
HETATM 1279 C C3  . AMH C 2 .  ? -11.545 2.499   -0.313  1.00 25.70 ? 90  AMH A C3  1 
HETATM 1280 C C4  . AMH C 2 .  ? -10.917 3.806   -0.071  1.00 25.40 ? 90  AMH A C4  1 
HETATM 1281 C C5  . AMH C 2 .  ? -9.484  3.987   -0.560  1.00 25.60 ? 90  AMH A C5  1 
HETATM 1282 C C6  . AMH C 2 .  ? -9.222  3.447   -1.937  1.00 26.27 ? 90  AMH A C6  1 
HETATM 1283 C C7  . AMH C 2 .  ? -11.071 4.411   1.419   1.00 24.64 ? 90  AMH A C7  1 
HETATM 1284 C C8  . AMH C 2 .  ? -9.325  1.292   -3.230  1.00 27.09 ? 90  AMH A C8  1 
HETATM 1285 N N   . AMH C 2 .  ? -11.144 5.803   1.129   1.00 24.29 ? 90  AMH A N   1 
HETATM 1286 O O1  . AMH C 2 .  ? -9.803  1.079   -4.339  1.00 27.27 ? 90  AMH A O1  1 
HETATM 1287 O O2  . AMH C 2 .  ? -8.230  0.709   -2.905  1.00 29.22 ? 90  AMH A O2  1 
HETATM 1288 C C1  . AMH D 2 .  ? 7.154   -5.189  -4.971  1.00 18.33 ? 90  AMH B C1  1 
HETATM 1289 C C2  . AMH D 2 .  ? 8.485   -5.118  -5.713  1.00 17.38 ? 90  AMH B C2  1 
HETATM 1290 C C3  . AMH D 2 .  ? 9.495   -4.585  -4.806  1.00 17.14 ? 90  AMH B C3  1 
HETATM 1291 C C4  . AMH D 2 .  ? 9.602   -5.404  -3.585  1.00 18.01 ? 90  AMH B C4  1 
HETATM 1292 C C5  . AMH D 2 .  ? 8.235   -5.526  -2.802  1.00 17.95 ? 90  AMH B C5  1 
HETATM 1293 C C6  . AMH D 2 .  ? 7.165   -6.099  -3.755  1.00 18.07 ? 90  AMH B C6  1 
HETATM 1294 C C7  . AMH D 2 .  ? 10.695  -4.646  -2.603  1.00 17.91 ? 90  AMH B C7  1 
HETATM 1295 C C8  . AMH D 2 .  ? 6.007   -5.361  -5.968  1.00 18.80 ? 90  AMH B C8  1 
HETATM 1296 N N   . AMH D 2 .  ? 10.750  -5.703  -1.606  1.00 18.57 ? 90  AMH B N   1 
HETATM 1297 O O1  . AMH D 2 .  ? 5.783   -6.277  -6.774  1.00 19.61 ? 90  AMH B O1  1 
HETATM 1298 O O2  . AMH D 2 .  ? 5.101   -4.462  -6.053  1.00 21.50 ? 90  AMH B O2  1 
HETATM 1299 O O   . HOH E 3 .  ? -14.902 -8.188  17.132  1.00 20.18 ? 201 HOH A O   1 
HETATM 1300 O O   . HOH E 3 .  ? -7.655  -12.343 4.115   1.00 19.39 ? 202 HOH A O   1 
HETATM 1301 O O   . HOH E 3 .  ? -9.677  0.603   19.704  0.67 25.18 ? 203 HOH A O   1 
HETATM 1302 O O   . HOH E 3 .  ? -2.347  -4.947  13.305  0.80 18.28 ? 204 HOH A O   1 
HETATM 1303 O O   . HOH E 3 .  ? -14.205 8.137   11.738  0.90 21.80 ? 206 HOH A O   1 
HETATM 1304 O O   . HOH E 3 .  ? -6.017  -8.604  16.612  0.80 16.93 ? 207 HOH A O   1 
HETATM 1305 O O   . HOH E 3 .  ? -26.944 1.257   9.529   0.97 26.86 ? 208 HOH A O   1 
HETATM 1306 O O   . HOH E 3 .  ? -2.240  -6.078  7.480   1.00 11.99 ? 212 HOH A O   1 
HETATM 1307 O O   . HOH E 3 .  ? -12.230 -7.052  -11.354 0.53 21.22 ? 213 HOH A O   1 
HETATM 1308 O O   . HOH E 3 .  ? -11.840 -6.409  2.293   1.00 11.40 ? 214 HOH A O   1 
HETATM 1309 O O   . HOH E 3 .  ? -16.401 -13.206 1.711   0.97 12.64 ? 215 HOH A O   1 
HETATM 1310 O O   . HOH E 3 .  ? -7.052  8.351   13.855  0.76 21.76 ? 216 HOH A O   1 
HETATM 1311 O O   . HOH E 3 .  ? -5.292  -11.641 5.678   0.76 15.08 ? 217 HOH A O   1 
HETATM 1312 O O   . HOH E 3 .  ? -7.868  -16.020 5.015   0.70 30.89 ? 218 HOH A O   1 
HETATM 1313 O O   . HOH E 3 .  ? -5.592  10.713  6.561   1.00 16.48 ? 219 HOH A O   1 
HETATM 1314 O O   . HOH E 3 .  ? -8.387  4.353   15.863  0.95 15.05 ? 232 HOH A O   1 
HETATM 1315 O O   . HOH E 3 .  ? -25.311 -2.019  10.061  0.84 18.78 ? 234 HOH A O   1 
HETATM 1316 O O   . HOH E 3 .  ? -9.030  -14.492 0.291   1.00 17.48 ? 237 HOH A O   1 
HETATM 1317 O O   . HOH E 3 .  ? -10.765 6.034   22.927  0.74 28.98 ? 241 HOH A O   1 
HETATM 1318 O O   . HOH E 3 .  ? 1.873   -9.015  5.464   0.84 21.73 ? 242 HOH A O   1 
HETATM 1319 O O   . HOH E 3 .  ? -6.167  -0.565  9.287   0.51 33.10 ? 243 HOH A O   1 
HETATM 1320 O O   . HOH E 3 .  ? -20.026 -8.808  11.459  1.00 17.48 ? 245 HOH A O   1 
HETATM 1321 O O   . HOH E 3 .  ? -3.427  6.236   7.437   1.00 15.99 ? 246 HOH A O   1 
HETATM 1322 O O   . HOH E 3 .  ? -2.180  -2.223  14.541  0.54 27.06 ? 249 HOH A O   1 
HETATM 1323 O O   . HOH E 3 .  ? -21.684 1.973   -2.619  0.89 26.95 ? 252 HOH A O   1 
HETATM 1324 O O   . HOH E 3 .  ? -9.032  -9.587  14.836  0.36 25.42 ? 254 HOH A O   1 
HETATM 1325 O O   . HOH E 3 .  ? -5.131  -12.204 15.784  0.89 30.05 ? 257 HOH A O   1 
HETATM 1326 O O   . HOH E 3 .  ? -2.216  -7.211  -4.775  0.68 27.70 ? 258 HOH A O   1 
HETATM 1327 O O   . HOH E 3 .  ? -16.359 7.782   0.299   0.99 23.90 ? 259 HOH A O   1 
HETATM 1328 O O   . HOH E 3 .  ? -3.037  -4.579  -2.513  1.00 20.84 ? 260 HOH A O   1 
HETATM 1329 O O   . HOH E 3 .  ? -17.832 6.282   11.439  0.90 25.07 ? 263 HOH A O   1 
HETATM 1330 O O   . HOH E 3 .  ? -17.832 1.958   -3.773  0.97 26.42 ? 264 HOH A O   1 
HETATM 1331 O O   . HOH E 3 .  ? -11.163 -4.575  -8.830  0.95 19.04 ? 265 HOH A O   1 
HETATM 1332 O O   . HOH E 3 .  ? -22.301 -9.347  -10.520 0.93 20.74 ? 266 HOH A O   1 
HETATM 1333 O O   . HOH E 3 .  ? -22.798 -2.502  11.910  0.91 25.17 ? 271 HOH A O   1 
HETATM 1334 O O   . HOH E 3 .  ? -20.176 5.210   -4.544  0.64 32.58 ? 273 HOH A O   1 
HETATM 1335 O O   . HOH E 3 .  ? -6.066  -9.891  -2.618  0.86 27.82 ? 277 HOH A O   1 
HETATM 1336 O O   . HOH E 3 .  ? -14.537 1.357   -9.127  0.62 26.58 ? 280 HOH A O   1 
HETATM 1337 O O   . HOH E 3 .  ? -19.058 -12.091 -5.903  1.00 27.50 ? 301 HOH A O   1 
HETATM 1338 O O   . HOH E 3 .  ? -2.918  1.084   12.709  0.86 19.48 ? 309 HOH A O   1 
HETATM 1339 O O   . HOH E 3 .  ? -6.440  -14.157 13.047  0.87 15.93 ? 317 HOH A O   1 
HETATM 1340 O O   . HOH E 3 .  ? -15.174 -13.936 -9.704  0.73 20.57 ? 318 HOH A O   1 
HETATM 1341 O O   . HOH E 3 .  ? -4.845  8.774   4.322   0.72 26.92 ? 326 HOH A O   1 
HETATM 1342 O O   . HOH E 3 .  ? 2.652   -1.177  6.621   0.70 29.70 ? 329 HOH A O   1 
HETATM 1343 O O   . HOH E 3 .  ? -1.636  -1.858  -4.092  0.68 17.98 ? 331 HOH A O   1 
HETATM 1344 O O   . HOH E 3 .  ? -6.093  -5.616  -10.739 0.81 16.05 ? 334 HOH A O   1 
HETATM 1345 O O   . HOH E 3 .  ? -9.795  -9.179  17.423  0.63 22.36 ? 335 HOH A O   1 
HETATM 1346 O O   . HOH E 3 .  ? -15.025 -4.770  23.272  0.71 28.38 ? 341 HOH A O   1 
HETATM 1347 O O   . HOH E 3 .  ? -4.071  -7.560  12.838  0.89 23.28 ? 347 HOH A O   1 
HETATM 1348 O O   . HOH E 3 .  ? -10.810 -7.318  19.910  0.71 20.86 ? 349 HOH A O   1 
HETATM 1349 O O   . HOH E 3 .  ? -11.989 -15.884 -3.585  0.90 20.39 ? 351 HOH A O   1 
HETATM 1350 O O   . HOH E 3 .  ? -11.122 2.501   -5.997  0.58 28.31 ? 357 HOH A O   1 
HETATM 1351 O O   . HOH E 3 .  ? 5.134   -2.326  11.380  0.80 25.56 ? 366 HOH A O   1 
HETATM 1352 O O   . HOH E 3 .  ? -7.006  2.622   18.708  0.71 24.24 ? 367 HOH A O   1 
HETATM 1353 O O   . HOH E 3 .  ? -9.782  2.051   17.059  0.57 25.13 ? 368 HOH A O   1 
HETATM 1354 O O   . HOH E 3 .  ? -2.173  -8.054  11.568  0.70 26.77 ? 369 HOH A O   1 
HETATM 1355 O O   . HOH E 3 .  ? -15.912 3.951   24.587  0.71 27.33 ? 372 HOH A O   1 
HETATM 1356 O O   . HOH E 3 .  ? -21.362 -2.471  9.469   0.70 24.56 ? 376 HOH A O   1 
HETATM 1357 O O   . HOH E 3 .  ? -27.483 0.738   6.055   0.61 26.05 ? 386 HOH A O   1 
HETATM 1358 O O   . HOH E 3 .  ? -14.539 -17.674 2.975   0.56 24.30 ? 388 HOH A O   1 
HETATM 1359 O O   . HOH E 3 .  ? -21.920 1.406   21.493  0.78 23.12 ? 389 HOH A O   1 
HETATM 1360 O O   . HOH E 3 .  ? -24.960 -2.131  -3.521  0.54 26.56 ? 393 HOH A O   1 
HETATM 1361 O O   . HOH E 3 .  ? 3.365   -3.351  13.534  0.50 22.54 ? 396 HOH A O   1 
HETATM 1362 O O   . HOH E 3 .  ? -19.533 4.813   8.311   0.76 27.67 ? 397 HOH A O   1 
HETATM 1363 O O   . HOH E 3 .  ? -20.429 -9.032  -12.074 0.52 26.67 ? 402 HOH A O   1 
HETATM 1364 O O   . HOH E 3 .  ? -7.028  7.148   0.511   0.51 24.45 ? 403 HOH A O   1 
HETATM 1365 O O   . HOH E 3 .  ? -20.604 4.163   19.367  0.68 25.34 ? 405 HOH A O   1 
HETATM 1366 O O   . HOH E 3 .  ? -6.125  -0.678  20.630  0.61 23.12 ? 406 HOH A O   1 
HETATM 1367 O O   . HOH E 3 .  ? -8.667  -7.779  -11.327 0.60 24.23 ? 408 HOH A O   1 
HETATM 1368 O O   . HOH E 3 .  ? -17.433 -11.670 11.907  0.67 27.65 ? 413 HOH A O   1 
HETATM 1369 O O   . HOH E 3 .  ? -20.807 6.383   2.805   0.57 24.06 ? 417 HOH A O   1 
HETATM 1370 O O   . HOH E 3 .  ? -18.014 -12.512 6.712   0.72 28.87 ? 428 HOH A O   1 
HETATM 1371 O O   . HOH E 3 .  ? -2.449  1.969   19.511  0.58 32.02 ? 430 HOH A O   1 
HETATM 1372 O O   . HOH E 3 .  ? -14.063 12.109  11.475  0.61 26.12 ? 431 HOH A O   1 
HETATM 1373 O O   . HOH E 3 .  ? -3.225  -0.567  18.666  0.72 27.23 ? 432 HOH A O   1 
HETATM 1374 O O   . HOH E 3 .  ? -10.181 -3.207  18.203  0.67 31.43 ? 433 HOH A O   1 
HETATM 1375 O O   . HOH E 3 .  ? -1.352  -9.337  7.879   0.57 25.56 ? 435 HOH A O   1 
HETATM 1376 O O   . HOH E 3 .  ? -7.294  -7.437  -13.483 0.63 24.54 ? 436 HOH A O   1 
HETATM 1377 O O   . HOH E 3 .  ? -5.808  7.128   15.605  0.50 23.67 ? 437 HOH A O   1 
HETATM 1378 O O   . HOH E 3 .  ? -18.950 -2.932  17.179  0.52 25.56 ? 438 HOH A O   1 
HETATM 1379 O O   . HOH E 3 .  ? -5.040  -13.919 4.158   0.50 26.23 ? 440 HOH A O   1 
HETATM 1380 O O   . HOH F 3 .  ? 4.974   -3.769  -20.048 0.86 16.04 ? 209 HOH B O   1 
HETATM 1381 O O   . HOH F 3 .  ? 20.327  12.792  -4.520  0.80 16.97 ? 221 HOH B O   1 
HETATM 1382 O O   . HOH F 3 .  ? 3.213   -7.522  -7.659  0.77 15.68 ? 223 HOH B O   1 
HETATM 1383 O O   . HOH F 3 .  ? 8.474   6.233   -16.721 0.87 21.84 ? 224 HOH B O   1 
HETATM 1384 O O   . HOH F 3 .  ? 11.605  8.151   -16.813 0.89 23.39 ? 225 HOH B O   1 
HETATM 1385 O O   . HOH F 3 .  ? 20.325  8.896   -11.390 1.00 20.24 ? 230 HOH B O   1 
HETATM 1386 O O   . HOH F 3 .  ? 16.143  5.151   6.874   0.99 21.76 ? 231 HOH B O   1 
HETATM 1387 O O   . HOH F 3 .  ? 5.092   -6.163  -13.827 1.00 13.72 ? 233 HOH B O   1 
HETATM 1388 O O   . HOH F 3 .  ? 17.873  7.777   -15.541 0.67 29.41 ? 235 HOH B O   1 
HETATM 1389 O O   . HOH F 3 .  ? 26.151  -0.121  -13.747 0.77 20.81 ? 236 HOH B O   1 
HETATM 1390 O O   . HOH F 3 .  ? 12.724  5.409   0.809   1.00 16.38 ? 238 HOH B O   1 
HETATM 1391 O O   . HOH F 3 .  ? 5.279   -3.283  3.335   0.59 25.07 ? 239 HOH B O   1 
HETATM 1392 O O   . HOH F 3 .  ? 8.801   -1.020  7.796   1.00 10.00 ? 247 HOH B O   1 
HETATM 1393 O O   . HOH F 3 .  ? 14.855  -9.504  -4.016  0.82 20.48 ? 248 HOH B O   1 
HETATM 1394 O O   . HOH F 3 .  ? 4.642   -7.276  -1.862  0.69 22.92 ? 250 HOH B O   1 
HETATM 1395 O O   . HOH F 3 .  ? 13.794  9.685   -17.956 0.69 36.43 ? 251 HOH B O   1 
HETATM 1396 O O   . HOH F 3 .  ? 20.560  11.448  -9.205  0.67 27.57 ? 253 HOH B O   1 
HETATM 1397 O O   . HOH F 3 .  ? 25.106  -3.586  -9.613  0.73 20.01 ? 267 HOH B O   1 
HETATM 1398 O O   . HOH F 3 .  ? 21.570  13.609  5.303   0.77 30.54 ? 268 HOH B O   1 
HETATM 1399 O O   . HOH F 3 .  ? -2.968  5.575   3.170   0.99 10.48 ? 269 HOH B O   1 
HETATM 1400 O O   . HOH F 3 .  ? 2.177   -1.709  -21.864 0.58 21.52 ? 270 HOH B O   1 
HETATM 1401 O O   . HOH F 3 .  ? 9.995   5.126   1.145   0.95 22.50 ? 272 HOH B O   1 
HETATM 1402 O O   . HOH F 3 .  ? 17.027  11.956  1.729   0.99 25.80 ? 278 HOH B O   1 
HETATM 1403 O O   . HOH F 3 .  ? 18.849  14.762  -4.802  0.72 22.35 ? 304 HOH B O   1 
HETATM 1404 O O   . HOH F 3 .  ? 0.281   1.085   -6.191  0.87 22.55 ? 305 HOH B O   1 
HETATM 1405 O O   . HOH F 3 .  ? 17.332  12.310  -11.354 1.00 15.74 ? 306 HOH B O   1 
HETATM 1406 O O   . HOH F 3 .  ? 14.397  -12.284 -3.298  0.61 24.77 ? 307 HOH B O   1 
HETATM 1407 O O   . HOH F 3 .  ? 24.732  -5.655  -13.733 0.62 23.95 ? 310 HOH B O   1 
HETATM 1408 O O   . HOH F 3 .  ? 18.080  -8.749  -10.069 0.58 33.75 ? 311 HOH B O   1 
HETATM 1409 O O   . HOH F 3 .  ? 5.096   9.418   -9.597  0.82 27.84 ? 313 HOH B O   1 
HETATM 1410 O O   . HOH F 3 .  ? 14.639  1.564   8.333   0.46 25.26 ? 315 HOH B O   1 
HETATM 1411 O O   . HOH F 3 .  ? -4.545  5.806   0.994   0.71 22.89 ? 319 HOH B O   1 
HETATM 1412 O O   . HOH F 3 .  ? 1.631   5.875   3.306   0.88 26.82 ? 320 HOH B O   1 
HETATM 1413 O O   . HOH F 3 .  ? 23.807  8.185   -3.724  1.00 19.41 ? 322 HOH B O   1 
HETATM 1414 O O   . HOH F 3 .  ? 21.317  2.887   -8.836  0.86 13.88 ? 324 HOH B O   1 
HETATM 1415 O O   . HOH F 3 .  ? 16.474  -8.299  -16.531 0.70 16.72 ? 328 HOH B O   1 
HETATM 1416 O O   . HOH F 3 .  ? 19.631  -0.961  -2.971  0.85 22.93 ? 333 HOH B O   1 
HETATM 1417 O O   . HOH F 3 .  ? 20.953  11.555  -6.967  0.78 18.93 ? 336 HOH B O   1 
HETATM 1418 O O   . HOH F 3 .  ? 7.893   15.918  -7.996  0.80 20.00 ? 338 HOH B O   1 
HETATM 1419 O O   . HOH F 3 .  ? 6.426   -2.166  5.324   0.72 13.82 ? 340 HOH B O   1 
HETATM 1420 O O   . HOH F 3 .  ? -2.831  -0.793  -8.504  0.72 23.95 ? 343 HOH B O   1 
HETATM 1421 O O   . HOH F 3 .  ? 5.459   12.164  -11.762 0.67 24.73 ? 345 HOH B O   1 
HETATM 1422 O O   . HOH F 3 .  ? 21.106  9.846   -3.774  0.92 19.24 ? 346 HOH B O   1 
HETATM 1423 O O   . HOH F 3 .  ? 9.567   0.693   -21.326 0.55 15.40 ? 353 HOH B O   1 
HETATM 1424 O O   . HOH F 3 .  ? 9.386   15.059  -5.446  0.67 29.44 ? 355 HOH B O   1 
HETATM 1425 O O   . HOH F 3 .  ? 3.894   8.838   -1.916  0.81 25.32 ? 360 HOH B O   1 
HETATM 1426 O O   . HOH F 3 .  ? 17.564  7.549   5.020   0.69 16.98 ? 362 HOH B O   1 
HETATM 1427 O O   . HOH F 3 .  ? 5.082   11.200  1.077   0.93 28.80 ? 363 HOH B O   1 
HETATM 1428 O O   . HOH F 3 .  ? 0.430   -5.713  -11.081 0.69 29.78 ? 364 HOH B O   1 
HETATM 1429 O O   . HOH F 3 .  ? 9.166   3.028   -9.715  0.99 23.57 ? 365 HOH B O   1 
HETATM 1430 O O   . HOH F 3 .  ? 9.525   6.636   5.112   0.61 26.34 ? 374 HOH B O   1 
HETATM 1431 O O   . HOH F 3 .  ? 21.609  1.923   -2.181  0.65 25.78 ? 375 HOH B O   1 
HETATM 1432 O O   . HOH F 3 .  ? 2.124   -5.306  -13.593 0.50 26.45 ? 377 HOH B O   1 
HETATM 1433 O O   . HOH F 3 .  ? 18.669  0.549   10.019  0.67 23.34 ? 379 HOH B O   1 
HETATM 1434 O O   . HOH F 3 .  ? 10.521  15.163  2.180   0.71 25.13 ? 380 HOH B O   1 
HETATM 1435 O O   . HOH F 3 .  ? 27.367  11.769  4.230   0.54 27.09 ? 381 HOH B O   1 
HETATM 1436 O O   . HOH F 3 .  ? 4.393   10.387  -7.593  0.58 28.08 ? 384 HOH B O   1 
HETATM 1437 O O   . HOH F 3 .  ? 23.452  0.169   -1.914  0.65 30.02 ? 387 HOH B O   1 
HETATM 1438 O O   . HOH F 3 .  ? 22.173  -6.808  -1.116  0.63 24.00 ? 390 HOH B O   1 
HETATM 1439 O O   . HOH F 3 .  ? 20.077  -4.581  6.223   0.53 25.23 ? 392 HOH B O   1 
HETATM 1440 O O   . HOH F 3 .  ? -0.577  -0.398  -18.641 0.63 26.69 ? 410 HOH B O   1 
HETATM 1441 O O   . HOH F 3 .  ? 15.160  -7.078  -21.605 0.62 19.78 ? 412 HOH B O   1 
HETATM 1442 O O   . HOH F 3 .  ? 23.335  3.133   9.060   0.56 26.50 ? 415 HOH B O   1 
HETATM 1443 O O   . HOH F 3 .  ? 9.085   13.464  0.907   0.62 30.55 ? 416 HOH B O   1 
HETATM 1444 O O   . HOH F 3 .  ? 5.895   13.300  -8.631  0.61 23.04 ? 418 HOH B O   1 
HETATM 1445 O O   . HOH F 3 .  ? 3.354   -7.572  -4.363  0.55 26.02 ? 421 HOH B O   1 
HETATM 1446 O O   . HOH F 3 .  ? 21.294  -4.200  -3.030  0.51 27.20 ? 423 HOH B O   1 
HETATM 1447 O O   . HOH F 3 .  ? 17.748  -3.293  -13.302 0.53 27.45 ? 439 HOH B O   1 
HETATM 1448 O O   . HOH F 3 .  ? 18.263  10.131  3.976   0.52 25.13 ? 441 HOH B O   1 
# 
